data_2BH0
# 
_entry.id   2BH0 
# 
_audit_conform.dict_name       mmcif_pdbx.dic 
_audit_conform.dict_version    5.398 
_audit_conform.dict_location   http://mmcif.pdb.org/dictionaries/ascii/mmcif_pdbx.dic 
# 
loop_
_database_2.database_id 
_database_2.database_code 
_database_2.pdbx_database_accession 
_database_2.pdbx_DOI 
PDB   2BH0         pdb_00002bh0 10.2210/pdb2bh0/pdb 
PDBE  EBI-22073    ?            ?                   
WWPDB D_1290022073 ?            ?                   
# 
loop_
_pdbx_audit_revision_history.ordinal 
_pdbx_audit_revision_history.data_content_type 
_pdbx_audit_revision_history.major_revision 
_pdbx_audit_revision_history.minor_revision 
_pdbx_audit_revision_history.revision_date 
1 'Structure model' 1 0 2006-06-28 
2 'Structure model' 1 1 2011-05-08 
3 'Structure model' 1 2 2011-07-13 
4 'Structure model' 1 3 2024-11-13 
# 
_pdbx_audit_revision_details.ordinal             1 
_pdbx_audit_revision_details.revision_ordinal    1 
_pdbx_audit_revision_details.data_content_type   'Structure model' 
_pdbx_audit_revision_details.provider            repository 
_pdbx_audit_revision_details.type                'Initial release' 
_pdbx_audit_revision_details.description         ? 
_pdbx_audit_revision_details.details             ? 
# 
loop_
_pdbx_audit_revision_group.ordinal 
_pdbx_audit_revision_group.revision_ordinal 
_pdbx_audit_revision_group.data_content_type 
_pdbx_audit_revision_group.group 
1 2 'Structure model' 'Version format compliance' 
2 3 'Structure model' 'Version format compliance' 
3 4 'Structure model' 'Data collection'           
4 4 'Structure model' 'Database references'       
5 4 'Structure model' 'Derived calculations'      
6 4 'Structure model' Other                       
7 4 'Structure model' 'Structure summary'         
# 
loop_
_pdbx_audit_revision_category.ordinal 
_pdbx_audit_revision_category.revision_ordinal 
_pdbx_audit_revision_category.data_content_type 
_pdbx_audit_revision_category.category 
1 4 'Structure model' chem_comp_atom            
2 4 'Structure model' chem_comp_bond            
3 4 'Structure model' database_2                
4 4 'Structure model' pdbx_database_status      
5 4 'Structure model' pdbx_entry_details        
6 4 'Structure model' pdbx_modification_feature 
7 4 'Structure model' struct_conn               
# 
loop_
_pdbx_audit_revision_item.ordinal 
_pdbx_audit_revision_item.revision_ordinal 
_pdbx_audit_revision_item.data_content_type 
_pdbx_audit_revision_item.item 
1 4 'Structure model' '_database_2.pdbx_DOI'                         
2 4 'Structure model' '_database_2.pdbx_database_accession'          
3 4 'Structure model' '_pdbx_database_status.status_code_sf'         
4 4 'Structure model' '_pdbx_entry_details.has_protein_modification' 
5 4 'Structure model' '_struct_conn.pdbx_leaving_atom_flag'          
# 
_pdbx_database_status.status_code                     REL 
_pdbx_database_status.entry_id                        2BH0 
_pdbx_database_status.deposit_site                    PDBE 
_pdbx_database_status.process_site                    PDBE 
_pdbx_database_status.SG_entry                        . 
_pdbx_database_status.recvd_initial_deposition_date   2005-01-06 
_pdbx_database_status.pdb_format_compatible           Y 
_pdbx_database_status.status_code_sf                  REL 
_pdbx_database_status.status_code_mr                  ? 
_pdbx_database_status.status_code_cs                  ? 
_pdbx_database_status.methods_development_category    ? 
_pdbx_database_status.status_code_nmr_data            ? 
# 
loop_
_audit_author.name 
_audit_author.pdbx_ordinal 
'Petrella, S.' 1 
'Herman, R.'   2 
'Sauvage, E.'  3 
'Filee, P.'    4 
'Joris, B.'    5 
'Charlier, P.' 6 
# 
_citation.id                        primary 
_citation.title                     
'Crystal Structure and Activity of Bacillus Subtilis Yoaj (Exlx1), a Bacterial Expansin that Promotes Root Colonization.' 
_citation.journal_abbrev            Proc.Natl.Acad.Sci.USA 
_citation.journal_volume            105 
_citation.page_first                16876 
_citation.page_last                 ? 
_citation.year                      2008 
_citation.journal_id_ASTM           PNASA6 
_citation.country                   US 
_citation.journal_id_ISSN           0027-8424 
_citation.journal_id_CSD            0040 
_citation.book_publisher            ? 
_citation.pdbx_database_id_PubMed   18971341 
_citation.pdbx_database_id_DOI      10.1073/PNAS.0809382105 
# 
loop_
_citation_author.citation_id 
_citation_author.name 
_citation_author.ordinal 
_citation_author.identifier_ORCID 
primary 'Kerff, F.'      1  ? 
primary 'Amoroso, A.'    2  ? 
primary 'Herman, R.'     3  ? 
primary 'Sauvage, E.'    4  ? 
primary 'Petrella, S.'   5  ? 
primary 'Fileee, P.'     6  ? 
primary 'Charlier, P.'   7  ? 
primary 'Joris, B.'      8  ? 
primary 'Tabuchi, A.'    9  ? 
primary 'Nikolaidis, N.' 10 ? 
primary 'Cosgrove, D.J.' 11 ? 
# 
loop_
_entity.id 
_entity.type 
_entity.src_method 
_entity.pdbx_description 
_entity.formula_weight 
_entity.pdbx_number_of_molecules 
_entity.pdbx_ec 
_entity.pdbx_mutation 
_entity.pdbx_fragment 
_entity.details 
1 polymer nat YOAJ  23471.482 1  ? ? ? ? 
2 water   nat water 18.015    92 ? ? ? ? 
# 
_entity_name_com.entity_id   1 
_entity_name_com.name        EXPA 
# 
_entity_poly.entity_id                      1 
_entity_poly.type                           'polypeptide(L)' 
_entity_poly.nstd_linkage                   no 
_entity_poly.nstd_monomer                   yes 
_entity_poly.pdbx_seq_one_letter_code       
;(MSE)AYDDLHEGYATYTGSGYSGGAFLLDPIPSD(MSE)EITAINPADLNYGGVKAALAGSYLEVEGPKGKTTVYVTDL
YPEGARGALDLSPNAFRKIGN(MSE)KDGKINIKWRVVKAPITGNFTYRIKEGSSRWWAAIQVRNHKYPV(MSE)K
(MSE)EYEKDGKWIN(MSE)EK(MSE)DYNHFVSTNLGTGSLKVR(MSE)TDIRGKVVKDTIPKLPESGTSKAYTVPGHV
QFPE
;
_entity_poly.pdbx_seq_one_letter_code_can   
;MAYDDLHEGYATYTGSGYSGGAFLLDPIPSDMEITAINPADLNYGGVKAALAGSYLEVEGPKGKTTVYVTDLYPEGARGA
LDLSPNAFRKIGNMKDGKINIKWRVVKAPITGNFTYRIKEGSSRWWAAIQVRNHKYPVMKMEYEKDGKWINMEKMDYNHF
VSTNLGTGSLKVRMTDIRGKVVKDTIPKLPESGTSKAYTVPGHVQFPE
;
_entity_poly.pdbx_strand_id                 A 
_entity_poly.pdbx_target_identifier         ? 
# 
_pdbx_entity_nonpoly.entity_id   2 
_pdbx_entity_nonpoly.name        water 
_pdbx_entity_nonpoly.comp_id     HOH 
# 
loop_
_entity_poly_seq.entity_id 
_entity_poly_seq.num 
_entity_poly_seq.mon_id 
_entity_poly_seq.hetero 
1 1   MSE n 
1 2   ALA n 
1 3   TYR n 
1 4   ASP n 
1 5   ASP n 
1 6   LEU n 
1 7   HIS n 
1 8   GLU n 
1 9   GLY n 
1 10  TYR n 
1 11  ALA n 
1 12  THR n 
1 13  TYR n 
1 14  THR n 
1 15  GLY n 
1 16  SER n 
1 17  GLY n 
1 18  TYR n 
1 19  SER n 
1 20  GLY n 
1 21  GLY n 
1 22  ALA n 
1 23  PHE n 
1 24  LEU n 
1 25  LEU n 
1 26  ASP n 
1 27  PRO n 
1 28  ILE n 
1 29  PRO n 
1 30  SER n 
1 31  ASP n 
1 32  MSE n 
1 33  GLU n 
1 34  ILE n 
1 35  THR n 
1 36  ALA n 
1 37  ILE n 
1 38  ASN n 
1 39  PRO n 
1 40  ALA n 
1 41  ASP n 
1 42  LEU n 
1 43  ASN n 
1 44  TYR n 
1 45  GLY n 
1 46  GLY n 
1 47  VAL n 
1 48  LYS n 
1 49  ALA n 
1 50  ALA n 
1 51  LEU n 
1 52  ALA n 
1 53  GLY n 
1 54  SER n 
1 55  TYR n 
1 56  LEU n 
1 57  GLU n 
1 58  VAL n 
1 59  GLU n 
1 60  GLY n 
1 61  PRO n 
1 62  LYS n 
1 63  GLY n 
1 64  LYS n 
1 65  THR n 
1 66  THR n 
1 67  VAL n 
1 68  TYR n 
1 69  VAL n 
1 70  THR n 
1 71  ASP n 
1 72  LEU n 
1 73  TYR n 
1 74  PRO n 
1 75  GLU n 
1 76  GLY n 
1 77  ALA n 
1 78  ARG n 
1 79  GLY n 
1 80  ALA n 
1 81  LEU n 
1 82  ASP n 
1 83  LEU n 
1 84  SER n 
1 85  PRO n 
1 86  ASN n 
1 87  ALA n 
1 88  PHE n 
1 89  ARG n 
1 90  LYS n 
1 91  ILE n 
1 92  GLY n 
1 93  ASN n 
1 94  MSE n 
1 95  LYS n 
1 96  ASP n 
1 97  GLY n 
1 98  LYS n 
1 99  ILE n 
1 100 ASN n 
1 101 ILE n 
1 102 LYS n 
1 103 TRP n 
1 104 ARG n 
1 105 VAL n 
1 106 VAL n 
1 107 LYS n 
1 108 ALA n 
1 109 PRO n 
1 110 ILE n 
1 111 THR n 
1 112 GLY n 
1 113 ASN n 
1 114 PHE n 
1 115 THR n 
1 116 TYR n 
1 117 ARG n 
1 118 ILE n 
1 119 LYS n 
1 120 GLU n 
1 121 GLY n 
1 122 SER n 
1 123 SER n 
1 124 ARG n 
1 125 TRP n 
1 126 TRP n 
1 127 ALA n 
1 128 ALA n 
1 129 ILE n 
1 130 GLN n 
1 131 VAL n 
1 132 ARG n 
1 133 ASN n 
1 134 HIS n 
1 135 LYS n 
1 136 TYR n 
1 137 PRO n 
1 138 VAL n 
1 139 MSE n 
1 140 LYS n 
1 141 MSE n 
1 142 GLU n 
1 143 TYR n 
1 144 GLU n 
1 145 LYS n 
1 146 ASP n 
1 147 GLY n 
1 148 LYS n 
1 149 TRP n 
1 150 ILE n 
1 151 ASN n 
1 152 MSE n 
1 153 GLU n 
1 154 LYS n 
1 155 MSE n 
1 156 ASP n 
1 157 TYR n 
1 158 ASN n 
1 159 HIS n 
1 160 PHE n 
1 161 VAL n 
1 162 SER n 
1 163 THR n 
1 164 ASN n 
1 165 LEU n 
1 166 GLY n 
1 167 THR n 
1 168 GLY n 
1 169 SER n 
1 170 LEU n 
1 171 LYS n 
1 172 VAL n 
1 173 ARG n 
1 174 MSE n 
1 175 THR n 
1 176 ASP n 
1 177 ILE n 
1 178 ARG n 
1 179 GLY n 
1 180 LYS n 
1 181 VAL n 
1 182 VAL n 
1 183 LYS n 
1 184 ASP n 
1 185 THR n 
1 186 ILE n 
1 187 PRO n 
1 188 LYS n 
1 189 LEU n 
1 190 PRO n 
1 191 GLU n 
1 192 SER n 
1 193 GLY n 
1 194 THR n 
1 195 SER n 
1 196 LYS n 
1 197 ALA n 
1 198 TYR n 
1 199 THR n 
1 200 VAL n 
1 201 PRO n 
1 202 GLY n 
1 203 HIS n 
1 204 VAL n 
1 205 GLN n 
1 206 PHE n 
1 207 PRO n 
1 208 GLU n 
# 
_entity_src_nat.entity_id                  1 
_entity_src_nat.pdbx_src_id                1 
_entity_src_nat.pdbx_alt_source_flag       sample 
_entity_src_nat.pdbx_beg_seq_num           ? 
_entity_src_nat.pdbx_end_seq_num           ? 
_entity_src_nat.common_name                ? 
_entity_src_nat.pdbx_organism_scientific   'BACILLUS SUBTILIS' 
_entity_src_nat.pdbx_ncbi_taxonomy_id      1423 
_entity_src_nat.genus                      ? 
_entity_src_nat.species                    ? 
_entity_src_nat.strain                     168 
_entity_src_nat.tissue                     ? 
_entity_src_nat.tissue_fraction            ? 
_entity_src_nat.pdbx_secretion             ? 
_entity_src_nat.pdbx_fragment              ? 
_entity_src_nat.pdbx_variant               ? 
_entity_src_nat.pdbx_cell_line             ? 
_entity_src_nat.pdbx_atcc                  ? 
_entity_src_nat.pdbx_cellular_location     ? 
_entity_src_nat.pdbx_organ                 ? 
_entity_src_nat.pdbx_organelle             ? 
_entity_src_nat.pdbx_cell                  ? 
_entity_src_nat.pdbx_plasmid_name          ? 
_entity_src_nat.pdbx_plasmid_details       ? 
_entity_src_nat.details                    ? 
# 
loop_
_chem_comp.id 
_chem_comp.type 
_chem_comp.mon_nstd_flag 
_chem_comp.name 
_chem_comp.pdbx_synonyms 
_chem_comp.formula 
_chem_comp.formula_weight 
ALA 'L-peptide linking' y ALANINE          ? 'C3 H7 N O2'     89.093  
ARG 'L-peptide linking' y ARGININE         ? 'C6 H15 N4 O2 1' 175.209 
ASN 'L-peptide linking' y ASPARAGINE       ? 'C4 H8 N2 O3'    132.118 
ASP 'L-peptide linking' y 'ASPARTIC ACID'  ? 'C4 H7 N O4'     133.103 
GLN 'L-peptide linking' y GLUTAMINE        ? 'C5 H10 N2 O3'   146.144 
GLU 'L-peptide linking' y 'GLUTAMIC ACID'  ? 'C5 H9 N O4'     147.129 
GLY 'peptide linking'   y GLYCINE          ? 'C2 H5 N O2'     75.067  
HIS 'L-peptide linking' y HISTIDINE        ? 'C6 H10 N3 O2 1' 156.162 
HOH non-polymer         . WATER            ? 'H2 O'           18.015  
ILE 'L-peptide linking' y ISOLEUCINE       ? 'C6 H13 N O2'    131.173 
LEU 'L-peptide linking' y LEUCINE          ? 'C6 H13 N O2'    131.173 
LYS 'L-peptide linking' y LYSINE           ? 'C6 H15 N2 O2 1' 147.195 
MSE 'L-peptide linking' n SELENOMETHIONINE ? 'C5 H11 N O2 Se' 196.106 
PHE 'L-peptide linking' y PHENYLALANINE    ? 'C9 H11 N O2'    165.189 
PRO 'L-peptide linking' y PROLINE          ? 'C5 H9 N O2'     115.130 
SER 'L-peptide linking' y SERINE           ? 'C3 H7 N O3'     105.093 
THR 'L-peptide linking' y THREONINE        ? 'C4 H9 N O3'     119.119 
TRP 'L-peptide linking' y TRYPTOPHAN       ? 'C11 H12 N2 O2'  204.225 
TYR 'L-peptide linking' y TYROSINE         ? 'C9 H11 N O3'    181.189 
VAL 'L-peptide linking' y VALINE           ? 'C5 H11 N O2'    117.146 
# 
loop_
_pdbx_poly_seq_scheme.asym_id 
_pdbx_poly_seq_scheme.entity_id 
_pdbx_poly_seq_scheme.seq_id 
_pdbx_poly_seq_scheme.mon_id 
_pdbx_poly_seq_scheme.ndb_seq_num 
_pdbx_poly_seq_scheme.pdb_seq_num 
_pdbx_poly_seq_scheme.auth_seq_num 
_pdbx_poly_seq_scheme.pdb_mon_id 
_pdbx_poly_seq_scheme.auth_mon_id 
_pdbx_poly_seq_scheme.pdb_strand_id 
_pdbx_poly_seq_scheme.pdb_ins_code 
_pdbx_poly_seq_scheme.hetero 
A 1 1   MSE 1   1   ?   ?   ?   A . n 
A 1 2   ALA 2   2   2   ALA ALA A . n 
A 1 3   TYR 3   3   3   TYR TYR A . n 
A 1 4   ASP 4   4   4   ASP ASP A . n 
A 1 5   ASP 5   5   5   ASP ASP A . n 
A 1 6   LEU 6   6   6   LEU LEU A . n 
A 1 7   HIS 7   7   7   HIS HIS A . n 
A 1 8   GLU 8   8   8   GLU GLU A . n 
A 1 9   GLY 9   9   9   GLY GLY A . n 
A 1 10  TYR 10  10  10  TYR TYR A . n 
A 1 11  ALA 11  11  11  ALA ALA A . n 
A 1 12  THR 12  12  12  THR THR A . n 
A 1 13  TYR 13  13  13  TYR TYR A . n 
A 1 14  THR 14  14  14  THR THR A . n 
A 1 15  GLY 15  15  15  GLY GLY A . n 
A 1 16  SER 16  16  16  SER SER A . n 
A 1 17  GLY 17  17  17  GLY GLY A . n 
A 1 18  TYR 18  18  18  TYR TYR A . n 
A 1 19  SER 19  19  19  SER SER A . n 
A 1 20  GLY 20  20  20  GLY GLY A . n 
A 1 21  GLY 21  21  21  GLY GLY A . n 
A 1 22  ALA 22  22  22  ALA ALA A . n 
A 1 23  PHE 23  23  23  PHE PHE A . n 
A 1 24  LEU 24  24  24  LEU LEU A . n 
A 1 25  LEU 25  25  25  LEU LEU A . n 
A 1 26  ASP 26  26  26  ASP ASP A . n 
A 1 27  PRO 27  27  27  PRO PRO A . n 
A 1 28  ILE 28  28  28  ILE ILE A . n 
A 1 29  PRO 29  29  29  PRO PRO A . n 
A 1 30  SER 30  30  30  SER SER A . n 
A 1 31  ASP 31  31  31  ASP ASP A . n 
A 1 32  MSE 32  32  32  MSE MSE A . n 
A 1 33  GLU 33  33  33  GLU GLU A . n 
A 1 34  ILE 34  34  34  ILE ILE A . n 
A 1 35  THR 35  35  35  THR THR A . n 
A 1 36  ALA 36  36  36  ALA ALA A . n 
A 1 37  ILE 37  37  37  ILE ILE A . n 
A 1 38  ASN 38  38  38  ASN ASN A . n 
A 1 39  PRO 39  39  39  PRO PRO A . n 
A 1 40  ALA 40  40  40  ALA ALA A . n 
A 1 41  ASP 41  41  41  ASP ASP A . n 
A 1 42  LEU 42  42  42  LEU LEU A . n 
A 1 43  ASN 43  43  43  ASN ASN A . n 
A 1 44  TYR 44  44  44  TYR TYR A . n 
A 1 45  GLY 45  45  45  GLY GLY A . n 
A 1 46  GLY 46  46  46  GLY GLY A . n 
A 1 47  VAL 47  47  47  VAL VAL A . n 
A 1 48  LYS 48  48  48  LYS LYS A . n 
A 1 49  ALA 49  49  49  ALA ALA A . n 
A 1 50  ALA 50  50  50  ALA ALA A . n 
A 1 51  LEU 51  51  51  LEU LEU A . n 
A 1 52  ALA 52  52  52  ALA ALA A . n 
A 1 53  GLY 53  53  53  GLY GLY A . n 
A 1 54  SER 54  54  54  SER SER A . n 
A 1 55  TYR 55  55  55  TYR TYR A . n 
A 1 56  LEU 56  56  56  LEU LEU A . n 
A 1 57  GLU 57  57  57  GLU GLU A . n 
A 1 58  VAL 58  58  58  VAL VAL A . n 
A 1 59  GLU 59  59  59  GLU GLU A . n 
A 1 60  GLY 60  60  60  GLY GLY A . n 
A 1 61  PRO 61  61  61  PRO PRO A . n 
A 1 62  LYS 62  62  62  LYS LYS A . n 
A 1 63  GLY 63  63  63  GLY GLY A . n 
A 1 64  LYS 64  64  64  LYS LYS A . n 
A 1 65  THR 65  65  65  THR THR A . n 
A 1 66  THR 66  66  66  THR THR A . n 
A 1 67  VAL 67  67  67  VAL VAL A . n 
A 1 68  TYR 68  68  68  TYR TYR A . n 
A 1 69  VAL 69  69  69  VAL VAL A . n 
A 1 70  THR 70  70  70  THR THR A . n 
A 1 71  ASP 71  71  71  ASP ASP A . n 
A 1 72  LEU 72  72  72  LEU LEU A . n 
A 1 73  TYR 73  73  73  TYR TYR A . n 
A 1 74  PRO 74  74  74  PRO PRO A . n 
A 1 75  GLU 75  75  75  GLU GLU A . n 
A 1 76  GLY 76  76  76  GLY GLY A . n 
A 1 77  ALA 77  77  77  ALA ALA A . n 
A 1 78  ARG 78  78  78  ARG ARG A . n 
A 1 79  GLY 79  79  79  GLY GLY A . n 
A 1 80  ALA 80  80  80  ALA ALA A . n 
A 1 81  LEU 81  81  81  LEU LEU A . n 
A 1 82  ASP 82  82  82  ASP ASP A . n 
A 1 83  LEU 83  83  83  LEU LEU A . n 
A 1 84  SER 84  84  84  SER SER A . n 
A 1 85  PRO 85  85  85  PRO PRO A . n 
A 1 86  ASN 86  86  86  ASN ASN A . n 
A 1 87  ALA 87  87  87  ALA ALA A . n 
A 1 88  PHE 88  88  88  PHE PHE A . n 
A 1 89  ARG 89  89  89  ARG ARG A . n 
A 1 90  LYS 90  90  90  LYS LYS A . n 
A 1 91  ILE 91  91  91  ILE ILE A . n 
A 1 92  GLY 92  92  92  GLY GLY A . n 
A 1 93  ASN 93  93  93  ASN ASN A . n 
A 1 94  MSE 94  94  94  MSE MSE A . n 
A 1 95  LYS 95  95  95  LYS LYS A . n 
A 1 96  ASP 96  96  96  ASP ASP A . n 
A 1 97  GLY 97  97  97  GLY GLY A . n 
A 1 98  LYS 98  98  98  LYS LYS A . n 
A 1 99  ILE 99  99  99  ILE ILE A . n 
A 1 100 ASN 100 100 100 ASN ASN A . n 
A 1 101 ILE 101 101 101 ILE ILE A . n 
A 1 102 LYS 102 102 102 LYS LYS A . n 
A 1 103 TRP 103 103 103 TRP TRP A . n 
A 1 104 ARG 104 104 104 ARG ARG A . n 
A 1 105 VAL 105 105 105 VAL VAL A . n 
A 1 106 VAL 106 106 106 VAL VAL A . n 
A 1 107 LYS 107 107 107 LYS LYS A . n 
A 1 108 ALA 108 108 108 ALA ALA A . n 
A 1 109 PRO 109 109 109 PRO PRO A . n 
A 1 110 ILE 110 110 110 ILE ILE A . n 
A 1 111 THR 111 111 111 THR THR A . n 
A 1 112 GLY 112 112 112 GLY GLY A . n 
A 1 113 ASN 113 113 113 ASN ASN A . n 
A 1 114 PHE 114 114 114 PHE PHE A . n 
A 1 115 THR 115 115 115 THR THR A . n 
A 1 116 TYR 116 116 116 TYR TYR A . n 
A 1 117 ARG 117 117 117 ARG ARG A . n 
A 1 118 ILE 118 118 118 ILE ILE A . n 
A 1 119 LYS 119 119 119 LYS LYS A . n 
A 1 120 GLU 120 120 120 GLU GLU A . n 
A 1 121 GLY 121 121 121 GLY GLY A . n 
A 1 122 SER 122 122 122 SER SER A . n 
A 1 123 SER 123 123 123 SER SER A . n 
A 1 124 ARG 124 124 124 ARG ARG A . n 
A 1 125 TRP 125 125 125 TRP TRP A . n 
A 1 126 TRP 126 126 126 TRP TRP A . n 
A 1 127 ALA 127 127 127 ALA ALA A . n 
A 1 128 ALA 128 128 128 ALA ALA A . n 
A 1 129 ILE 129 129 129 ILE ILE A . n 
A 1 130 GLN 130 130 130 GLN GLN A . n 
A 1 131 VAL 131 131 131 VAL VAL A . n 
A 1 132 ARG 132 132 132 ARG ARG A . n 
A 1 133 ASN 133 133 133 ASN ASN A . n 
A 1 134 HIS 134 134 134 HIS HIS A . n 
A 1 135 LYS 135 135 135 LYS LYS A . n 
A 1 136 TYR 136 136 136 TYR TYR A . n 
A 1 137 PRO 137 137 137 PRO PRO A . n 
A 1 138 VAL 138 138 138 VAL VAL A . n 
A 1 139 MSE 139 139 139 MSE MSE A . n 
A 1 140 LYS 140 140 140 LYS LYS A . n 
A 1 141 MSE 141 141 141 MSE MSE A . n 
A 1 142 GLU 142 142 142 GLU GLU A . n 
A 1 143 TYR 143 143 143 TYR TYR A . n 
A 1 144 GLU 144 144 144 GLU GLU A . n 
A 1 145 LYS 145 145 145 LYS LYS A . n 
A 1 146 ASP 146 146 146 ASP ASP A . n 
A 1 147 GLY 147 147 147 GLY GLY A . n 
A 1 148 LYS 148 148 148 LYS LYS A . n 
A 1 149 TRP 149 149 149 TRP TRP A . n 
A 1 150 ILE 150 150 150 ILE ILE A . n 
A 1 151 ASN 151 151 151 ASN ASN A . n 
A 1 152 MSE 152 152 152 MSE MSE A . n 
A 1 153 GLU 153 153 153 GLU GLU A . n 
A 1 154 LYS 154 154 154 LYS LYS A . n 
A 1 155 MSE 155 155 155 MSE MSE A . n 
A 1 156 ASP 156 156 156 ASP ASP A . n 
A 1 157 TYR 157 157 157 TYR TYR A . n 
A 1 158 ASN 158 158 158 ASN ASN A . n 
A 1 159 HIS 159 159 159 HIS HIS A . n 
A 1 160 PHE 160 160 160 PHE PHE A . n 
A 1 161 VAL 161 161 161 VAL VAL A . n 
A 1 162 SER 162 162 162 SER SER A . n 
A 1 163 THR 163 163 163 THR THR A . n 
A 1 164 ASN 164 164 164 ASN ASN A . n 
A 1 165 LEU 165 165 165 LEU LEU A . n 
A 1 166 GLY 166 166 166 GLY GLY A . n 
A 1 167 THR 167 167 167 THR THR A . n 
A 1 168 GLY 168 168 168 GLY GLY A . n 
A 1 169 SER 169 169 169 SER SER A . n 
A 1 170 LEU 170 170 170 LEU LEU A . n 
A 1 171 LYS 171 171 171 LYS LYS A . n 
A 1 172 VAL 172 172 172 VAL VAL A . n 
A 1 173 ARG 173 173 173 ARG ARG A . n 
A 1 174 MSE 174 174 174 MSE MSE A . n 
A 1 175 THR 175 175 175 THR THR A . n 
A 1 176 ASP 176 176 176 ASP ASP A . n 
A 1 177 ILE 177 177 177 ILE ILE A . n 
A 1 178 ARG 178 178 178 ARG ARG A . n 
A 1 179 GLY 179 179 179 GLY GLY A . n 
A 1 180 LYS 180 180 180 LYS LYS A . n 
A 1 181 VAL 181 181 181 VAL VAL A . n 
A 1 182 VAL 182 182 182 VAL VAL A . n 
A 1 183 LYS 183 183 183 LYS LYS A . n 
A 1 184 ASP 184 184 184 ASP ASP A . n 
A 1 185 THR 185 185 185 THR THR A . n 
A 1 186 ILE 186 186 186 ILE ILE A . n 
A 1 187 PRO 187 187 187 PRO PRO A . n 
A 1 188 LYS 188 188 188 LYS LYS A . n 
A 1 189 LEU 189 189 189 LEU LEU A . n 
A 1 190 PRO 190 190 190 PRO PRO A . n 
A 1 191 GLU 191 191 191 GLU GLU A . n 
A 1 192 SER 192 192 192 SER SER A . n 
A 1 193 GLY 193 193 193 GLY GLY A . n 
A 1 194 THR 194 194 194 THR THR A . n 
A 1 195 SER 195 195 195 SER SER A . n 
A 1 196 LYS 196 196 196 LYS LYS A . n 
A 1 197 ALA 197 197 197 ALA ALA A . n 
A 1 198 TYR 198 198 198 TYR TYR A . n 
A 1 199 THR 199 199 199 THR THR A . n 
A 1 200 VAL 200 200 200 VAL VAL A . n 
A 1 201 PRO 201 201 201 PRO PRO A . n 
A 1 202 GLY 202 202 202 GLY GLY A . n 
A 1 203 HIS 203 203 203 HIS HIS A . n 
A 1 204 VAL 204 204 204 VAL VAL A . n 
A 1 205 GLN 205 205 205 GLN GLN A . n 
A 1 206 PHE 206 206 206 PHE PHE A . n 
A 1 207 PRO 207 207 207 PRO PRO A . n 
A 1 208 GLU 208 208 208 GLU GLU A . n 
# 
loop_
_pdbx_nonpoly_scheme.asym_id 
_pdbx_nonpoly_scheme.entity_id 
_pdbx_nonpoly_scheme.mon_id 
_pdbx_nonpoly_scheme.ndb_seq_num 
_pdbx_nonpoly_scheme.pdb_seq_num 
_pdbx_nonpoly_scheme.auth_seq_num 
_pdbx_nonpoly_scheme.pdb_mon_id 
_pdbx_nonpoly_scheme.auth_mon_id 
_pdbx_nonpoly_scheme.pdb_strand_id 
_pdbx_nonpoly_scheme.pdb_ins_code 
B 2 HOH 1  2001 2001 HOH HOH A . 
B 2 HOH 2  2002 2002 HOH HOH A . 
B 2 HOH 3  2003 2003 HOH HOH A . 
B 2 HOH 4  2004 2004 HOH HOH A . 
B 2 HOH 5  2005 2005 HOH HOH A . 
B 2 HOH 6  2006 2006 HOH HOH A . 
B 2 HOH 7  2007 2007 HOH HOH A . 
B 2 HOH 8  2008 2008 HOH HOH A . 
B 2 HOH 9  2009 2009 HOH HOH A . 
B 2 HOH 10 2010 2010 HOH HOH A . 
B 2 HOH 11 2011 2011 HOH HOH A . 
B 2 HOH 12 2012 2012 HOH HOH A . 
B 2 HOH 13 2013 2013 HOH HOH A . 
B 2 HOH 14 2014 2014 HOH HOH A . 
B 2 HOH 15 2015 2015 HOH HOH A . 
B 2 HOH 16 2016 2016 HOH HOH A . 
B 2 HOH 17 2017 2017 HOH HOH A . 
B 2 HOH 18 2018 2018 HOH HOH A . 
B 2 HOH 19 2019 2019 HOH HOH A . 
B 2 HOH 20 2020 2020 HOH HOH A . 
B 2 HOH 21 2021 2021 HOH HOH A . 
B 2 HOH 22 2022 2022 HOH HOH A . 
B 2 HOH 23 2023 2023 HOH HOH A . 
B 2 HOH 24 2024 2024 HOH HOH A . 
B 2 HOH 25 2025 2025 HOH HOH A . 
B 2 HOH 26 2026 2026 HOH HOH A . 
B 2 HOH 27 2027 2027 HOH HOH A . 
B 2 HOH 28 2028 2028 HOH HOH A . 
B 2 HOH 29 2029 2029 HOH HOH A . 
B 2 HOH 30 2030 2030 HOH HOH A . 
B 2 HOH 31 2031 2031 HOH HOH A . 
B 2 HOH 32 2032 2032 HOH HOH A . 
B 2 HOH 33 2033 2033 HOH HOH A . 
B 2 HOH 34 2034 2034 HOH HOH A . 
B 2 HOH 35 2035 2035 HOH HOH A . 
B 2 HOH 36 2036 2036 HOH HOH A . 
B 2 HOH 37 2037 2037 HOH HOH A . 
B 2 HOH 38 2038 2038 HOH HOH A . 
B 2 HOH 39 2039 2039 HOH HOH A . 
B 2 HOH 40 2040 2040 HOH HOH A . 
B 2 HOH 41 2041 2041 HOH HOH A . 
B 2 HOH 42 2042 2042 HOH HOH A . 
B 2 HOH 43 2043 2043 HOH HOH A . 
B 2 HOH 44 2044 2044 HOH HOH A . 
B 2 HOH 45 2045 2045 HOH HOH A . 
B 2 HOH 46 2046 2046 HOH HOH A . 
B 2 HOH 47 2047 2047 HOH HOH A . 
B 2 HOH 48 2048 2048 HOH HOH A . 
B 2 HOH 49 2049 2049 HOH HOH A . 
B 2 HOH 50 2050 2050 HOH HOH A . 
B 2 HOH 51 2051 2051 HOH HOH A . 
B 2 HOH 52 2052 2052 HOH HOH A . 
B 2 HOH 53 2053 2053 HOH HOH A . 
B 2 HOH 54 2054 2054 HOH HOH A . 
B 2 HOH 55 2055 2055 HOH HOH A . 
B 2 HOH 56 2056 2056 HOH HOH A . 
B 2 HOH 57 2057 2057 HOH HOH A . 
B 2 HOH 58 2058 2058 HOH HOH A . 
B 2 HOH 59 2059 2059 HOH HOH A . 
B 2 HOH 60 2060 2060 HOH HOH A . 
B 2 HOH 61 2061 2061 HOH HOH A . 
B 2 HOH 62 2062 2062 HOH HOH A . 
B 2 HOH 63 2063 2063 HOH HOH A . 
B 2 HOH 64 2064 2064 HOH HOH A . 
B 2 HOH 65 2065 2065 HOH HOH A . 
B 2 HOH 66 2066 2066 HOH HOH A . 
B 2 HOH 67 2067 2067 HOH HOH A . 
B 2 HOH 68 2068 2068 HOH HOH A . 
B 2 HOH 69 2069 2069 HOH HOH A . 
B 2 HOH 70 2070 2070 HOH HOH A . 
B 2 HOH 71 2071 2071 HOH HOH A . 
B 2 HOH 72 2072 2072 HOH HOH A . 
B 2 HOH 73 2073 2073 HOH HOH A . 
B 2 HOH 74 2074 2074 HOH HOH A . 
B 2 HOH 75 2075 2075 HOH HOH A . 
B 2 HOH 76 2076 2076 HOH HOH A . 
B 2 HOH 77 2077 2077 HOH HOH A . 
B 2 HOH 78 2078 2078 HOH HOH A . 
B 2 HOH 79 2079 2079 HOH HOH A . 
B 2 HOH 80 2080 2080 HOH HOH A . 
B 2 HOH 81 2081 2081 HOH HOH A . 
B 2 HOH 82 2082 2082 HOH HOH A . 
B 2 HOH 83 2083 2083 HOH HOH A . 
B 2 HOH 84 2084 2084 HOH HOH A . 
B 2 HOH 85 2085 2085 HOH HOH A . 
B 2 HOH 86 2086 2086 HOH HOH A . 
B 2 HOH 87 2087 2087 HOH HOH A . 
B 2 HOH 88 2088 2088 HOH HOH A . 
B 2 HOH 89 2089 2089 HOH HOH A . 
B 2 HOH 90 2090 2090 HOH HOH A . 
B 2 HOH 91 2091 2091 HOH HOH A . 
B 2 HOH 92 2092 2092 HOH HOH A . 
# 
loop_
_software.name 
_software.classification 
_software.version 
_software.citation_id 
_software.pdbx_ordinal 
CNS       refinement       1.1 ? 1 
MOSFLM    'data reduction' .   ? 2 
SCALEPACK 'data scaling'   .   ? 3 
SOLVE     phasing          .   ? 4 
# 
_cell.entry_id           2BH0 
_cell.length_a           144.035 
_cell.length_b           144.035 
_cell.length_c           144.035 
_cell.angle_alpha        90.00 
_cell.angle_beta         90.00 
_cell.angle_gamma        90.00 
_cell.Z_PDB              24 
_cell.pdbx_unique_axis   ? 
# 
_symmetry.entry_id                         2BH0 
_symmetry.space_group_name_H-M             'I 2 3' 
_symmetry.pdbx_full_space_group_name_H-M   ? 
_symmetry.cell_setting                     ? 
_symmetry.Int_Tables_number                197 
# 
_exptl.entry_id          2BH0 
_exptl.method            'X-RAY DIFFRACTION' 
_exptl.crystals_number   1 
# 
_exptl_crystal.id                    1 
_exptl_crystal.density_meas          ? 
_exptl_crystal.density_Matthews      5.19 
_exptl_crystal.density_percent_sol   76 
_exptl_crystal.description           ? 
# 
_exptl_crystal_grow.crystal_id      1 
_exptl_crystal_grow.method          ? 
_exptl_crystal_grow.temp            ? 
_exptl_crystal_grow.temp_details    ? 
_exptl_crystal_grow.pH              ? 
_exptl_crystal_grow.pdbx_pH_range   ? 
_exptl_crystal_grow.pdbx_details    '4M NAFORMATE' 
# 
_diffrn.id                     1 
_diffrn.ambient_temp           100.0 
_diffrn.ambient_temp_details   ? 
_diffrn.crystal_id             1 
# 
_diffrn_detector.diffrn_id              1 
_diffrn_detector.detector               'IMAGE PLATE' 
_diffrn_detector.type                   MARRESEARCH 
_diffrn_detector.pdbx_collection_date   2004-11-06 
_diffrn_detector.details                ? 
# 
_diffrn_radiation.diffrn_id                        1 
_diffrn_radiation.wavelength_id                    1 
_diffrn_radiation.pdbx_monochromatic_or_laue_m_l   M 
_diffrn_radiation.monochromator                    ? 
_diffrn_radiation.pdbx_diffrn_protocol             'SINGLE WAVELENGTH' 
_diffrn_radiation.pdbx_scattering_type             x-ray 
# 
_diffrn_radiation_wavelength.id           1 
_diffrn_radiation_wavelength.wavelength   0.9790 
_diffrn_radiation_wavelength.wt           1.0 
# 
_diffrn_source.diffrn_id                   1 
_diffrn_source.source                      SYNCHROTRON 
_diffrn_source.type                        'ESRF BEAMLINE BM30A' 
_diffrn_source.pdbx_synchrotron_site       ESRF 
_diffrn_source.pdbx_synchrotron_beamline   BM30A 
_diffrn_source.pdbx_wavelength             0.9790 
_diffrn_source.pdbx_wavelength_list        ? 
# 
_reflns.pdbx_diffrn_id               1 
_reflns.pdbx_ordinal                 1 
_reflns.entry_id                     2BH0 
_reflns.observed_criterion_sigma_I   2.000 
_reflns.observed_criterion_sigma_F   ? 
_reflns.d_resolution_low             25.460 
_reflns.d_resolution_high            2.500 
_reflns.number_obs                   17348 
_reflns.number_all                   ? 
_reflns.percent_possible_obs         99.9 
_reflns.pdbx_Rmerge_I_obs            0.13000 
_reflns.pdbx_Rsym_value              ? 
_reflns.pdbx_netI_over_sigmaI        31.6000 
_reflns.B_iso_Wilson_estimate        41.1 
_reflns.pdbx_redundancy              21.800 
# 
_reflns_shell.pdbx_diffrn_id         1 
_reflns_shell.pdbx_ordinal           1 
_reflns_shell.d_res_high             2.50 
_reflns_shell.d_res_low              2.64 
_reflns_shell.percent_possible_all   99.9 
_reflns_shell.Rmerge_I_obs           0.68000 
_reflns_shell.pdbx_Rsym_value        ? 
_reflns_shell.meanI_over_sigI_obs    5.100 
_reflns_shell.pdbx_redundancy        21.10 
# 
_refine.pdbx_refine_id                           'X-RAY DIFFRACTION' 
_refine.entry_id                                 2BH0 
_refine.pdbx_diffrn_id                           1 
_refine.pdbx_TLS_residual_ADP_flag               ? 
_refine.ls_number_reflns_obs                     17350 
_refine.ls_number_reflns_all                     ? 
_refine.pdbx_ls_sigma_I                          ? 
_refine.pdbx_ls_sigma_F                          0.0 
_refine.pdbx_data_cutoff_high_absF               2987475.25 
_refine.pdbx_data_cutoff_low_absF                ? 
_refine.pdbx_data_cutoff_high_rms_absF           ? 
_refine.ls_d_res_low                             25.46 
_refine.ls_d_res_high                            2.50 
_refine.ls_percent_reflns_obs                    99.9 
_refine.ls_R_factor_obs                          0.203 
_refine.ls_R_factor_all                          ? 
_refine.ls_R_factor_R_work                       0.203 
_refine.ls_R_factor_R_free                       0.231 
_refine.ls_R_factor_R_free_error                 0.006 
_refine.ls_R_factor_R_free_error_details         ? 
_refine.ls_percent_reflns_R_free                 9.1 
_refine.ls_number_reflns_R_free                  1584 
_refine.ls_number_parameters                     ? 
_refine.ls_number_restraints                     ? 
_refine.occupancy_min                            ? 
_refine.occupancy_max                            ? 
_refine.correlation_coeff_Fo_to_Fc               ? 
_refine.correlation_coeff_Fo_to_Fc_free          ? 
_refine.B_iso_mean                               33.1 
_refine.aniso_B[1][1]                            0.00 
_refine.aniso_B[2][2]                            0.00 
_refine.aniso_B[3][3]                            0.00 
_refine.aniso_B[1][2]                            0.00 
_refine.aniso_B[1][3]                            0.00 
_refine.aniso_B[2][3]                            0.00 
_refine.solvent_model_details                    'FLAT MODEL' 
_refine.solvent_model_param_ksol                 0.418993 
_refine.solvent_model_param_bsol                 39.875 
_refine.pdbx_solvent_vdw_probe_radii             ? 
_refine.pdbx_solvent_ion_probe_radii             ? 
_refine.pdbx_solvent_shrinkage_radii             ? 
_refine.pdbx_ls_cross_valid_method               THROUGHOUT 
_refine.details                                  ? 
_refine.pdbx_starting_model                      ? 
_refine.pdbx_method_to_determine_struct          SAD 
_refine.pdbx_isotropic_thermal_model             RESTRAINED 
_refine.pdbx_stereochemistry_target_values       ? 
_refine.pdbx_stereochem_target_val_spec_case     ? 
_refine.pdbx_R_Free_selection_details            RANDOM 
_refine.pdbx_overall_ESU_R                       ? 
_refine.pdbx_overall_ESU_R_Free                  ? 
_refine.overall_SU_ML                            ? 
_refine.pdbx_overall_phase_error                 ? 
_refine.overall_SU_B                             ? 
_refine.overall_SU_R_Cruickshank_DPI             ? 
_refine.pdbx_overall_SU_R_free_Cruickshank_DPI   ? 
_refine.pdbx_overall_SU_R_Blow_DPI               ? 
_refine.pdbx_overall_SU_R_free_Blow_DPI          ? 
# 
_refine_analyze.pdbx_refine_id                  'X-RAY DIFFRACTION' 
_refine_analyze.entry_id                        2BH0 
_refine_analyze.Luzzati_coordinate_error_obs    0.30 
_refine_analyze.Luzzati_sigma_a_obs             0.39 
_refine_analyze.Luzzati_d_res_low_obs           5.00 
_refine_analyze.Luzzati_coordinate_error_free   0.35 
_refine_analyze.Luzzati_sigma_a_free            0.42 
_refine_analyze.Luzzati_d_res_low_free          ? 
_refine_analyze.number_disordered_residues      ? 
_refine_analyze.occupancy_sum_hydrogen          ? 
_refine_analyze.occupancy_sum_non_hydrogen      ? 
# 
_refine_hist.pdbx_refine_id                   'X-RAY DIFFRACTION' 
_refine_hist.cycle_id                         LAST 
_refine_hist.pdbx_number_atoms_protein        1617 
_refine_hist.pdbx_number_atoms_nucleic_acid   0 
_refine_hist.pdbx_number_atoms_ligand         0 
_refine_hist.number_atoms_solvent             92 
_refine_hist.number_atoms_total               1709 
_refine_hist.d_res_high                       2.50 
_refine_hist.d_res_low                        25.46 
# 
loop_
_refine_ls_restr.type 
_refine_ls_restr.dev_ideal 
_refine_ls_restr.dev_ideal_target 
_refine_ls_restr.weight 
_refine_ls_restr.number 
_refine_ls_restr.pdbx_refine_id 
_refine_ls_restr.pdbx_restraint_function 
c_bond_d                0.007 ?    ? ? 'X-RAY DIFFRACTION' ? 
c_bond_d_na             ?     ?    ? ? 'X-RAY DIFFRACTION' ? 
c_bond_d_prot           ?     ?    ? ? 'X-RAY DIFFRACTION' ? 
c_angle_d               ?     ?    ? ? 'X-RAY DIFFRACTION' ? 
c_angle_d_na            ?     ?    ? ? 'X-RAY DIFFRACTION' ? 
c_angle_d_prot          ?     ?    ? ? 'X-RAY DIFFRACTION' ? 
c_angle_deg             1.3   ?    ? ? 'X-RAY DIFFRACTION' ? 
c_angle_deg_na          ?     ?    ? ? 'X-RAY DIFFRACTION' ? 
c_angle_deg_prot        ?     ?    ? ? 'X-RAY DIFFRACTION' ? 
c_dihedral_angle_d      26.1  ?    ? ? 'X-RAY DIFFRACTION' ? 
c_dihedral_angle_d_na   ?     ?    ? ? 'X-RAY DIFFRACTION' ? 
c_dihedral_angle_d_prot ?     ?    ? ? 'X-RAY DIFFRACTION' ? 
c_improper_angle_d      0.74  ?    ? ? 'X-RAY DIFFRACTION' ? 
c_improper_angle_d_na   ?     ?    ? ? 'X-RAY DIFFRACTION' ? 
c_improper_angle_d_prot ?     ?    ? ? 'X-RAY DIFFRACTION' ? 
c_mcbond_it             1.15  1.50 ? ? 'X-RAY DIFFRACTION' ? 
c_mcangle_it            1.93  2.00 ? ? 'X-RAY DIFFRACTION' ? 
c_scbond_it             2.30  2.00 ? ? 'X-RAY DIFFRACTION' ? 
c_scangle_it            3.41  2.50 ? ? 'X-RAY DIFFRACTION' ? 
# 
_refine_ls_shell.pdbx_refine_id                   'X-RAY DIFFRACTION' 
_refine_ls_shell.pdbx_total_number_of_bins_used   6 
_refine_ls_shell.d_res_high                       2.50 
_refine_ls_shell.d_res_low                        2.66 
_refine_ls_shell.number_reflns_R_work             2726 
_refine_ls_shell.R_factor_R_work                  0.303 
_refine_ls_shell.percent_reflns_obs               100.0 
_refine_ls_shell.R_factor_R_free                  0.361 
_refine_ls_shell.R_factor_R_free_error            0.031 
_refine_ls_shell.percent_reflns_R_free            4.8 
_refine_ls_shell.number_reflns_R_free             138 
_refine_ls_shell.number_reflns_all                ? 
_refine_ls_shell.R_factor_all                     ? 
# 
loop_
_pdbx_xplor_file.pdbx_refine_id 
_pdbx_xplor_file.serial_no 
_pdbx_xplor_file.param_file 
_pdbx_xplor_file.topol_file 
'X-RAY DIFFRACTION' 1 PROTEIN_REP.PARAM PROTEIN.TOP 
'X-RAY DIFFRACTION' 2 WATER_REP.PARAM   WATER.TOP   
# 
_struct.entry_id                  2BH0 
_struct.title                     'Crystal structure of a SeMet derivative of EXPA from Bacillus subtilis at 2.5 angstrom' 
_struct.pdbx_model_details        ? 
_struct.pdbx_CASP_flag            ? 
_struct.pdbx_model_type_details   ? 
# 
_struct_keywords.entry_id        2BH0 
_struct_keywords.pdbx_keywords   'CELL ADHESION' 
_struct_keywords.text            'CELL ADHESION, EXPANSIN RELATED PROTEIN, BACILLUS SUBTILIS, EXPANSINS' 
# 
loop_
_struct_asym.id 
_struct_asym.pdbx_blank_PDB_chainid_flag 
_struct_asym.pdbx_modified 
_struct_asym.entity_id 
_struct_asym.details 
A N N 1 ? 
B N N 2 ? 
# 
loop_
_struct_ref.id 
_struct_ref.db_name 
_struct_ref.db_code 
_struct_ref.entity_id 
_struct_ref.pdbx_seq_one_letter_code 
_struct_ref.pdbx_align_begin 
_struct_ref.pdbx_db_accession 
_struct_ref.pdbx_db_isoform 
1 PDB 2BH0         1 ? ? 2BH0   ? 
2 UNP O34918_BACSU 1 ? ? O34918 ? 
# 
loop_
_struct_ref_seq.align_id 
_struct_ref_seq.ref_id 
_struct_ref_seq.pdbx_PDB_id_code 
_struct_ref_seq.pdbx_strand_id 
_struct_ref_seq.seq_align_beg 
_struct_ref_seq.pdbx_seq_align_beg_ins_code 
_struct_ref_seq.seq_align_end 
_struct_ref_seq.pdbx_seq_align_end_ins_code 
_struct_ref_seq.pdbx_db_accession 
_struct_ref_seq.db_align_beg 
_struct_ref_seq.pdbx_db_align_beg_ins_code 
_struct_ref_seq.db_align_end 
_struct_ref_seq.pdbx_db_align_end_ins_code 
_struct_ref_seq.pdbx_auth_seq_align_beg 
_struct_ref_seq.pdbx_auth_seq_align_end 
1 1 2BH0 A 1 ? 1   ? 2BH0   1  ? 1   ? 1 1   
2 2 2BH0 A 2 ? 208 ? O34918 26 ? 232 ? 2 208 
# 
_pdbx_struct_assembly.id                   1 
_pdbx_struct_assembly.details              author_and_software_defined_assembly 
_pdbx_struct_assembly.method_details       PQS 
_pdbx_struct_assembly.oligomeric_details   monomeric 
_pdbx_struct_assembly.oligomeric_count     1 
# 
_pdbx_struct_assembly_gen.assembly_id       1 
_pdbx_struct_assembly_gen.oper_expression   1 
_pdbx_struct_assembly_gen.asym_id_list      A,B 
# 
_pdbx_struct_oper_list.id                   1 
_pdbx_struct_oper_list.type                 'identity operation' 
_pdbx_struct_oper_list.name                 1_555 
_pdbx_struct_oper_list.symmetry_operation   x,y,z 
_pdbx_struct_oper_list.matrix[1][1]         1.0000000000 
_pdbx_struct_oper_list.matrix[1][2]         0.0000000000 
_pdbx_struct_oper_list.matrix[1][3]         0.0000000000 
_pdbx_struct_oper_list.vector[1]            0.0000000000 
_pdbx_struct_oper_list.matrix[2][1]         0.0000000000 
_pdbx_struct_oper_list.matrix[2][2]         1.0000000000 
_pdbx_struct_oper_list.matrix[2][3]         0.0000000000 
_pdbx_struct_oper_list.vector[2]            0.0000000000 
_pdbx_struct_oper_list.matrix[3][1]         0.0000000000 
_pdbx_struct_oper_list.matrix[3][2]         0.0000000000 
_pdbx_struct_oper_list.matrix[3][3]         1.0000000000 
_pdbx_struct_oper_list.vector[3]            0.0000000000 
# 
_struct_biol.id   1 
# 
loop_
_struct_conf.conf_type_id 
_struct_conf.id 
_struct_conf.pdbx_PDB_helix_id 
_struct_conf.beg_label_comp_id 
_struct_conf.beg_label_asym_id 
_struct_conf.beg_label_seq_id 
_struct_conf.pdbx_beg_PDB_ins_code 
_struct_conf.end_label_comp_id 
_struct_conf.end_label_asym_id 
_struct_conf.end_label_seq_id 
_struct_conf.pdbx_end_PDB_ins_code 
_struct_conf.beg_auth_comp_id 
_struct_conf.beg_auth_asym_id 
_struct_conf.beg_auth_seq_id 
_struct_conf.end_auth_comp_id 
_struct_conf.end_auth_asym_id 
_struct_conf.end_auth_seq_id 
_struct_conf.pdbx_PDB_helix_class 
_struct_conf.details 
_struct_conf.pdbx_PDB_helix_length 
HELX_P HELX_P1 1 ASN A 38 ? ASN A 43 ? ASN A 38 ASN A 43 1 ? 6 
HELX_P HELX_P2 2 TYR A 44 ? VAL A 47 ? TYR A 44 VAL A 47 5 ? 4 
HELX_P HELX_P3 3 SER A 84 ? GLY A 92 ? SER A 84 GLY A 92 1 ? 9 
HELX_P HELX_P4 4 ASN A 93 ? GLY A 97 ? ASN A 93 GLY A 97 5 ? 5 
# 
_struct_conf_type.id          HELX_P 
_struct_conf_type.criteria    ? 
_struct_conf_type.reference   ? 
# 
loop_
_struct_conn.id 
_struct_conn.conn_type_id 
_struct_conn.pdbx_leaving_atom_flag 
_struct_conn.pdbx_PDB_id 
_struct_conn.ptnr1_label_asym_id 
_struct_conn.ptnr1_label_comp_id 
_struct_conn.ptnr1_label_seq_id 
_struct_conn.ptnr1_label_atom_id 
_struct_conn.pdbx_ptnr1_label_alt_id 
_struct_conn.pdbx_ptnr1_PDB_ins_code 
_struct_conn.pdbx_ptnr1_standard_comp_id 
_struct_conn.ptnr1_symmetry 
_struct_conn.ptnr2_label_asym_id 
_struct_conn.ptnr2_label_comp_id 
_struct_conn.ptnr2_label_seq_id 
_struct_conn.ptnr2_label_atom_id 
_struct_conn.pdbx_ptnr2_label_alt_id 
_struct_conn.pdbx_ptnr2_PDB_ins_code 
_struct_conn.ptnr1_auth_asym_id 
_struct_conn.ptnr1_auth_comp_id 
_struct_conn.ptnr1_auth_seq_id 
_struct_conn.ptnr2_auth_asym_id 
_struct_conn.ptnr2_auth_comp_id 
_struct_conn.ptnr2_auth_seq_id 
_struct_conn.ptnr2_symmetry 
_struct_conn.pdbx_ptnr3_label_atom_id 
_struct_conn.pdbx_ptnr3_label_seq_id 
_struct_conn.pdbx_ptnr3_label_comp_id 
_struct_conn.pdbx_ptnr3_label_asym_id 
_struct_conn.pdbx_ptnr3_label_alt_id 
_struct_conn.pdbx_ptnr3_PDB_ins_code 
_struct_conn.details 
_struct_conn.pdbx_dist_value 
_struct_conn.pdbx_value_order 
_struct_conn.pdbx_role 
covale1  covale both ? A ASP 31  C ? ? ? 1_555 A MSE 32  N ? ? A ASP 31  A MSE 32  1_555 ? ? ? ? ? ? ? 1.323 ? ? 
covale2  covale both ? A MSE 32  C ? ? ? 1_555 A GLU 33  N ? ? A MSE 32  A GLU 33  1_555 ? ? ? ? ? ? ? 1.332 ? ? 
covale3  covale both ? A ASN 93  C ? ? ? 1_555 A MSE 94  N ? ? A ASN 93  A MSE 94  1_555 ? ? ? ? ? ? ? 1.330 ? ? 
covale4  covale both ? A MSE 94  C ? ? ? 1_555 A LYS 95  N ? ? A MSE 94  A LYS 95  1_555 ? ? ? ? ? ? ? 1.327 ? ? 
covale5  covale both ? A VAL 138 C ? ? ? 1_555 A MSE 139 N ? ? A VAL 138 A MSE 139 1_555 ? ? ? ? ? ? ? 1.323 ? ? 
covale6  covale both ? A MSE 139 C ? ? ? 1_555 A LYS 140 N ? ? A MSE 139 A LYS 140 1_555 ? ? ? ? ? ? ? 1.318 ? ? 
covale7  covale both ? A LYS 140 C ? ? ? 1_555 A MSE 141 N ? ? A LYS 140 A MSE 141 1_555 ? ? ? ? ? ? ? 1.333 ? ? 
covale8  covale both ? A MSE 141 C ? ? ? 1_555 A GLU 142 N ? ? A MSE 141 A GLU 142 1_555 ? ? ? ? ? ? ? 1.331 ? ? 
covale9  covale both ? A ASN 151 C ? ? ? 1_555 A MSE 152 N ? ? A ASN 151 A MSE 152 1_555 ? ? ? ? ? ? ? 1.333 ? ? 
covale10 covale both ? A MSE 152 C ? ? ? 1_555 A GLU 153 N ? ? A MSE 152 A GLU 153 1_555 ? ? ? ? ? ? ? 1.328 ? ? 
covale11 covale both ? A LYS 154 C ? ? ? 1_555 A MSE 155 N ? ? A LYS 154 A MSE 155 1_555 ? ? ? ? ? ? ? 1.325 ? ? 
covale12 covale both ? A MSE 155 C ? ? ? 1_555 A ASP 156 N ? ? A MSE 155 A ASP 156 1_555 ? ? ? ? ? ? ? 1.328 ? ? 
covale13 covale both ? A ARG 173 C ? ? ? 1_555 A MSE 174 N ? ? A ARG 173 A MSE 174 1_555 ? ? ? ? ? ? ? 1.334 ? ? 
covale14 covale both ? A MSE 174 C ? ? ? 1_555 A THR 175 N ? ? A MSE 174 A THR 175 1_555 ? ? ? ? ? ? ? 1.329 ? ? 
# 
_struct_conn_type.id          covale 
_struct_conn_type.criteria    ? 
_struct_conn_type.reference   ? 
# 
loop_
_pdbx_modification_feature.ordinal 
_pdbx_modification_feature.label_comp_id 
_pdbx_modification_feature.label_asym_id 
_pdbx_modification_feature.label_seq_id 
_pdbx_modification_feature.label_alt_id 
_pdbx_modification_feature.modified_residue_label_comp_id 
_pdbx_modification_feature.modified_residue_label_asym_id 
_pdbx_modification_feature.modified_residue_label_seq_id 
_pdbx_modification_feature.modified_residue_label_alt_id 
_pdbx_modification_feature.auth_comp_id 
_pdbx_modification_feature.auth_asym_id 
_pdbx_modification_feature.auth_seq_id 
_pdbx_modification_feature.PDB_ins_code 
_pdbx_modification_feature.symmetry 
_pdbx_modification_feature.modified_residue_auth_comp_id 
_pdbx_modification_feature.modified_residue_auth_asym_id 
_pdbx_modification_feature.modified_residue_auth_seq_id 
_pdbx_modification_feature.modified_residue_PDB_ins_code 
_pdbx_modification_feature.modified_residue_symmetry 
_pdbx_modification_feature.comp_id_linking_atom 
_pdbx_modification_feature.modified_residue_id_linking_atom 
_pdbx_modification_feature.modified_residue_id 
_pdbx_modification_feature.ref_pcm_id 
_pdbx_modification_feature.ref_comp_id 
_pdbx_modification_feature.type 
_pdbx_modification_feature.category 
1 MSE A 32  ? . . . . MSE A 32  ? 1_555 . . . . . . . MET 1 MSE Selenomethionine 'Named protein modification' 
2 MSE A 94  ? . . . . MSE A 94  ? 1_555 . . . . . . . MET 1 MSE Selenomethionine 'Named protein modification' 
3 MSE A 139 ? . . . . MSE A 139 ? 1_555 . . . . . . . MET 1 MSE Selenomethionine 'Named protein modification' 
4 MSE A 141 ? . . . . MSE A 141 ? 1_555 . . . . . . . MET 1 MSE Selenomethionine 'Named protein modification' 
5 MSE A 152 ? . . . . MSE A 152 ? 1_555 . . . . . . . MET 1 MSE Selenomethionine 'Named protein modification' 
6 MSE A 155 ? . . . . MSE A 155 ? 1_555 . . . . . . . MET 1 MSE Selenomethionine 'Named protein modification' 
7 MSE A 174 ? . . . . MSE A 174 ? 1_555 . . . . . . . MET 1 MSE Selenomethionine 'Named protein modification' 
# 
_struct_mon_prot_cis.pdbx_id                1 
_struct_mon_prot_cis.label_comp_id          ASP 
_struct_mon_prot_cis.label_seq_id           26 
_struct_mon_prot_cis.label_asym_id          A 
_struct_mon_prot_cis.label_alt_id           . 
_struct_mon_prot_cis.pdbx_PDB_ins_code      ? 
_struct_mon_prot_cis.auth_comp_id           ASP 
_struct_mon_prot_cis.auth_seq_id            26 
_struct_mon_prot_cis.auth_asym_id           A 
_struct_mon_prot_cis.pdbx_label_comp_id_2   PRO 
_struct_mon_prot_cis.pdbx_label_seq_id_2    27 
_struct_mon_prot_cis.pdbx_label_asym_id_2   A 
_struct_mon_prot_cis.pdbx_PDB_ins_code_2    ? 
_struct_mon_prot_cis.pdbx_auth_comp_id_2    PRO 
_struct_mon_prot_cis.pdbx_auth_seq_id_2     27 
_struct_mon_prot_cis.pdbx_auth_asym_id_2    A 
_struct_mon_prot_cis.pdbx_PDB_model_num     1 
_struct_mon_prot_cis.pdbx_omega_angle       -0.76 
# 
loop_
_struct_sheet.id 
_struct_sheet.type 
_struct_sheet.number_strands 
_struct_sheet.details 
AA ? 8 ? 
AB ? 8 ? 
# 
loop_
_struct_sheet_order.sheet_id 
_struct_sheet_order.range_id_1 
_struct_sheet_order.range_id_2 
_struct_sheet_order.offset 
_struct_sheet_order.sense 
AA 1 2 ? anti-parallel 
AA 2 3 ? anti-parallel 
AA 3 4 ? anti-parallel 
AA 4 5 ? parallel      
AA 5 6 ? anti-parallel 
AA 6 7 ? parallel      
AB 1 2 ? anti-parallel 
AB 2 3 ? anti-parallel 
AB 3 4 ? anti-parallel 
AB 4 5 ? anti-parallel 
AB 5 6 ? anti-parallel 
AB 6 7 ? anti-parallel 
AB 7 8 ? anti-parallel 
# 
loop_
_struct_sheet_range.sheet_id 
_struct_sheet_range.id 
_struct_sheet_range.beg_label_comp_id 
_struct_sheet_range.beg_label_asym_id 
_struct_sheet_range.beg_label_seq_id 
_struct_sheet_range.pdbx_beg_PDB_ins_code 
_struct_sheet_range.end_label_comp_id 
_struct_sheet_range.end_label_asym_id 
_struct_sheet_range.end_label_seq_id 
_struct_sheet_range.pdbx_end_PDB_ins_code 
_struct_sheet_range.beg_auth_comp_id 
_struct_sheet_range.beg_auth_asym_id 
_struct_sheet_range.beg_auth_seq_id 
_struct_sheet_range.end_auth_comp_id 
_struct_sheet_range.end_auth_asym_id 
_struct_sheet_range.end_auth_seq_id 
AA 1 HIS A 7   ? TYR A 13  ? HIS A 7   TYR A 13  
AA 2 ILE A 99  ? VAL A 106 ? ILE A 99  VAL A 106 
AA 3 TYR A 55  ? GLY A 60  ? TYR A 55  GLY A 60  
AA 4 GLY A 63  ? LEU A 72  ? GLY A 63  LEU A 72  
AA 5 ILE A 34  ? ILE A 37  ? ILE A 34  ILE A 37  
AA 6 LEU A 81  ? LEU A 83  ? LEU A 81  LEU A 83  
AA 7 HIS A 7   ? TYR A 13  ? HIS A 7   TYR A 13  
AA 8 HIS A 7   ? TYR A 13  ? HIS A 7   TYR A 13  
AB 1 VAL A 181 ? ILE A 186 ? VAL A 181 ILE A 186 
AB 2 LEU A 170 ? ASP A 176 ? LEU A 170 ASP A 176 
AB 3 VAL A 138 ? LYS A 145 ? VAL A 138 LYS A 145 
AB 4 LYS A 148 ? LYS A 154 ? LYS A 148 LYS A 154 
AB 5 PHE A 160 ? THR A 163 ? PHE A 160 THR A 163 
AB 6 TRP A 126 ? ARG A 132 ? TRP A 126 ARG A 132 
AB 7 THR A 115 ? ILE A 118 ? THR A 115 ILE A 118 
AB 8 TYR A 198 ? PRO A 201 ? TYR A 198 PRO A 201 
# 
loop_
_pdbx_struct_sheet_hbond.sheet_id 
_pdbx_struct_sheet_hbond.range_id_1 
_pdbx_struct_sheet_hbond.range_id_2 
_pdbx_struct_sheet_hbond.range_1_label_atom_id 
_pdbx_struct_sheet_hbond.range_1_label_comp_id 
_pdbx_struct_sheet_hbond.range_1_label_asym_id 
_pdbx_struct_sheet_hbond.range_1_label_seq_id 
_pdbx_struct_sheet_hbond.range_1_PDB_ins_code 
_pdbx_struct_sheet_hbond.range_1_auth_atom_id 
_pdbx_struct_sheet_hbond.range_1_auth_comp_id 
_pdbx_struct_sheet_hbond.range_1_auth_asym_id 
_pdbx_struct_sheet_hbond.range_1_auth_seq_id 
_pdbx_struct_sheet_hbond.range_2_label_atom_id 
_pdbx_struct_sheet_hbond.range_2_label_comp_id 
_pdbx_struct_sheet_hbond.range_2_label_asym_id 
_pdbx_struct_sheet_hbond.range_2_label_seq_id 
_pdbx_struct_sheet_hbond.range_2_PDB_ins_code 
_pdbx_struct_sheet_hbond.range_2_auth_atom_id 
_pdbx_struct_sheet_hbond.range_2_auth_comp_id 
_pdbx_struct_sheet_hbond.range_2_auth_asym_id 
_pdbx_struct_sheet_hbond.range_2_auth_seq_id 
AA 1 2 N ALA A 11  ? N ALA A 11  O ILE A 99  ? O ILE A 99  
AA 2 3 N VAL A 106 ? N VAL A 106 O TYR A 55  ? O TYR A 55  
AA 3 4 N GLY A 60  ? N GLY A 60  O GLY A 63  ? O GLY A 63  
AA 4 5 N THR A 70  ? N THR A 70  O THR A 35  ? O THR A 35  
AA 5 6 N ALA A 36  ? N ALA A 36  O ASP A 82  ? O ASP A 82  
AA 6 7 N LEU A 81  ? N LEU A 81  O TYR A 10  ? O TYR A 10  
AB 1 2 N ILE A 186 ? N ILE A 186 O LEU A 170 ? O LEU A 170 
AB 2 3 N THR A 175 ? N THR A 175 O MSE A 139 ? O MSE A 139 
AB 3 4 N LYS A 145 ? N LYS A 145 O LYS A 148 ? O LYS A 148 
AB 4 5 N GLU A 153 ? N GLU A 153 O VAL A 161 ? O VAL A 161 
AB 5 6 N SER A 162 ? N SER A 162 O ALA A 127 ? O ALA A 127 
AB 6 7 N ARG A 132 ? N ARG A 132 O THR A 115 ? O THR A 115 
AB 7 8 N ILE A 118 ? N ILE A 118 O TYR A 198 ? O TYR A 198 
# 
_pdbx_entry_details.entry_id                   2BH0 
_pdbx_entry_details.compound_details           
;EXPANSINS ARE PLANT CELL WALL PROTEINS FIRST DISCOVERED IN STUDIES
OF PLANT CELL ENLARGEMENT. THEY HAVE UNIQUE "LOOSENING" EFFECTS ON
PLANT CELL WALLS AND ARE THOUGHT TO FUNCTION IN  PLANT CELL GROWTH,
CELL WALL DISASSEMBLY, CELL SEPARATION, POLLEN TUBE PENETRATION
(IN GRASSES, AT LEAST) AND LEAF PRIMORDIUM INITIATION.
;
_pdbx_entry_details.source_details             ? 
_pdbx_entry_details.nonpolymer_details         ? 
_pdbx_entry_details.sequence_details           
;THE SIGNAL PEPTIDE OF THE PROTEIN USED FOR THE
CRYSTALLISATION EXPERIMENTS WAS REMOVED (RESIDUES 1 TO 25).
;
_pdbx_entry_details.has_ligand_of_interest     ? 
_pdbx_entry_details.has_protein_modification   Y 
# 
loop_
_pdbx_validate_torsion.id 
_pdbx_validate_torsion.PDB_model_num 
_pdbx_validate_torsion.auth_comp_id 
_pdbx_validate_torsion.auth_asym_id 
_pdbx_validate_torsion.auth_seq_id 
_pdbx_validate_torsion.PDB_ins_code 
_pdbx_validate_torsion.label_alt_id 
_pdbx_validate_torsion.phi 
_pdbx_validate_torsion.psi 
1 1 THR A 12  ? ? -125.38 -169.60 
2 1 LYS A 140 ? ? 65.74   132.77  
# 
loop_
_pdbx_struct_mod_residue.id 
_pdbx_struct_mod_residue.label_asym_id 
_pdbx_struct_mod_residue.label_comp_id 
_pdbx_struct_mod_residue.label_seq_id 
_pdbx_struct_mod_residue.auth_asym_id 
_pdbx_struct_mod_residue.auth_comp_id 
_pdbx_struct_mod_residue.auth_seq_id 
_pdbx_struct_mod_residue.PDB_ins_code 
_pdbx_struct_mod_residue.parent_comp_id 
_pdbx_struct_mod_residue.details 
1 A MSE 32  A MSE 32  ? MET SELENOMETHIONINE 
2 A MSE 94  A MSE 94  ? MET SELENOMETHIONINE 
3 A MSE 139 A MSE 139 ? MET SELENOMETHIONINE 
4 A MSE 141 A MSE 141 ? MET SELENOMETHIONINE 
5 A MSE 152 A MSE 152 ? MET SELENOMETHIONINE 
6 A MSE 155 A MSE 155 ? MET SELENOMETHIONINE 
7 A MSE 174 A MSE 174 ? MET SELENOMETHIONINE 
# 
_pdbx_database_remark.id     700 
_pdbx_database_remark.text   
;
SHEET
DETERMINATION METHOD: DSSP
THE SHEETS PRESENTED AS "AA" IN EACH CHAIN ON SHEET RECORDS
BELOW IS ACTUALLY AN  7-STRANDED BARREL THIS IS REPRESENTED BY
A  8-STRANDED SHEET IN WHICH THE FIRST AND LAST STRANDS
ARE IDENTICAL.
;
# 
_pdbx_unobs_or_zero_occ_residues.id               1 
_pdbx_unobs_or_zero_occ_residues.PDB_model_num    1 
_pdbx_unobs_or_zero_occ_residues.polymer_flag     Y 
_pdbx_unobs_or_zero_occ_residues.occupancy_flag   1 
_pdbx_unobs_or_zero_occ_residues.auth_asym_id     A 
_pdbx_unobs_or_zero_occ_residues.auth_comp_id     MSE 
_pdbx_unobs_or_zero_occ_residues.auth_seq_id      1 
_pdbx_unobs_or_zero_occ_residues.PDB_ins_code     ? 
_pdbx_unobs_or_zero_occ_residues.label_asym_id    A 
_pdbx_unobs_or_zero_occ_residues.label_comp_id    MSE 
_pdbx_unobs_or_zero_occ_residues.label_seq_id     1 
# 
loop_
_chem_comp_atom.comp_id 
_chem_comp_atom.atom_id 
_chem_comp_atom.type_symbol 
_chem_comp_atom.pdbx_aromatic_flag 
_chem_comp_atom.pdbx_stereo_config 
_chem_comp_atom.pdbx_ordinal 
ALA N    N  N N 1   
ALA CA   C  N S 2   
ALA C    C  N N 3   
ALA O    O  N N 4   
ALA CB   C  N N 5   
ALA OXT  O  N N 6   
ALA H    H  N N 7   
ALA H2   H  N N 8   
ALA HA   H  N N 9   
ALA HB1  H  N N 10  
ALA HB2  H  N N 11  
ALA HB3  H  N N 12  
ALA HXT  H  N N 13  
ARG N    N  N N 14  
ARG CA   C  N S 15  
ARG C    C  N N 16  
ARG O    O  N N 17  
ARG CB   C  N N 18  
ARG CG   C  N N 19  
ARG CD   C  N N 20  
ARG NE   N  N N 21  
ARG CZ   C  N N 22  
ARG NH1  N  N N 23  
ARG NH2  N  N N 24  
ARG OXT  O  N N 25  
ARG H    H  N N 26  
ARG H2   H  N N 27  
ARG HA   H  N N 28  
ARG HB2  H  N N 29  
ARG HB3  H  N N 30  
ARG HG2  H  N N 31  
ARG HG3  H  N N 32  
ARG HD2  H  N N 33  
ARG HD3  H  N N 34  
ARG HE   H  N N 35  
ARG HH11 H  N N 36  
ARG HH12 H  N N 37  
ARG HH21 H  N N 38  
ARG HH22 H  N N 39  
ARG HXT  H  N N 40  
ASN N    N  N N 41  
ASN CA   C  N S 42  
ASN C    C  N N 43  
ASN O    O  N N 44  
ASN CB   C  N N 45  
ASN CG   C  N N 46  
ASN OD1  O  N N 47  
ASN ND2  N  N N 48  
ASN OXT  O  N N 49  
ASN H    H  N N 50  
ASN H2   H  N N 51  
ASN HA   H  N N 52  
ASN HB2  H  N N 53  
ASN HB3  H  N N 54  
ASN HD21 H  N N 55  
ASN HD22 H  N N 56  
ASN HXT  H  N N 57  
ASP N    N  N N 58  
ASP CA   C  N S 59  
ASP C    C  N N 60  
ASP O    O  N N 61  
ASP CB   C  N N 62  
ASP CG   C  N N 63  
ASP OD1  O  N N 64  
ASP OD2  O  N N 65  
ASP OXT  O  N N 66  
ASP H    H  N N 67  
ASP H2   H  N N 68  
ASP HA   H  N N 69  
ASP HB2  H  N N 70  
ASP HB3  H  N N 71  
ASP HD2  H  N N 72  
ASP HXT  H  N N 73  
GLN N    N  N N 74  
GLN CA   C  N S 75  
GLN C    C  N N 76  
GLN O    O  N N 77  
GLN CB   C  N N 78  
GLN CG   C  N N 79  
GLN CD   C  N N 80  
GLN OE1  O  N N 81  
GLN NE2  N  N N 82  
GLN OXT  O  N N 83  
GLN H    H  N N 84  
GLN H2   H  N N 85  
GLN HA   H  N N 86  
GLN HB2  H  N N 87  
GLN HB3  H  N N 88  
GLN HG2  H  N N 89  
GLN HG3  H  N N 90  
GLN HE21 H  N N 91  
GLN HE22 H  N N 92  
GLN HXT  H  N N 93  
GLU N    N  N N 94  
GLU CA   C  N S 95  
GLU C    C  N N 96  
GLU O    O  N N 97  
GLU CB   C  N N 98  
GLU CG   C  N N 99  
GLU CD   C  N N 100 
GLU OE1  O  N N 101 
GLU OE2  O  N N 102 
GLU OXT  O  N N 103 
GLU H    H  N N 104 
GLU H2   H  N N 105 
GLU HA   H  N N 106 
GLU HB2  H  N N 107 
GLU HB3  H  N N 108 
GLU HG2  H  N N 109 
GLU HG3  H  N N 110 
GLU HE2  H  N N 111 
GLU HXT  H  N N 112 
GLY N    N  N N 113 
GLY CA   C  N N 114 
GLY C    C  N N 115 
GLY O    O  N N 116 
GLY OXT  O  N N 117 
GLY H    H  N N 118 
GLY H2   H  N N 119 
GLY HA2  H  N N 120 
GLY HA3  H  N N 121 
GLY HXT  H  N N 122 
HIS N    N  N N 123 
HIS CA   C  N S 124 
HIS C    C  N N 125 
HIS O    O  N N 126 
HIS CB   C  N N 127 
HIS CG   C  Y N 128 
HIS ND1  N  Y N 129 
HIS CD2  C  Y N 130 
HIS CE1  C  Y N 131 
HIS NE2  N  Y N 132 
HIS OXT  O  N N 133 
HIS H    H  N N 134 
HIS H2   H  N N 135 
HIS HA   H  N N 136 
HIS HB2  H  N N 137 
HIS HB3  H  N N 138 
HIS HD1  H  N N 139 
HIS HD2  H  N N 140 
HIS HE1  H  N N 141 
HIS HE2  H  N N 142 
HIS HXT  H  N N 143 
HOH O    O  N N 144 
HOH H1   H  N N 145 
HOH H2   H  N N 146 
ILE N    N  N N 147 
ILE CA   C  N S 148 
ILE C    C  N N 149 
ILE O    O  N N 150 
ILE CB   C  N S 151 
ILE CG1  C  N N 152 
ILE CG2  C  N N 153 
ILE CD1  C  N N 154 
ILE OXT  O  N N 155 
ILE H    H  N N 156 
ILE H2   H  N N 157 
ILE HA   H  N N 158 
ILE HB   H  N N 159 
ILE HG12 H  N N 160 
ILE HG13 H  N N 161 
ILE HG21 H  N N 162 
ILE HG22 H  N N 163 
ILE HG23 H  N N 164 
ILE HD11 H  N N 165 
ILE HD12 H  N N 166 
ILE HD13 H  N N 167 
ILE HXT  H  N N 168 
LEU N    N  N N 169 
LEU CA   C  N S 170 
LEU C    C  N N 171 
LEU O    O  N N 172 
LEU CB   C  N N 173 
LEU CG   C  N N 174 
LEU CD1  C  N N 175 
LEU CD2  C  N N 176 
LEU OXT  O  N N 177 
LEU H    H  N N 178 
LEU H2   H  N N 179 
LEU HA   H  N N 180 
LEU HB2  H  N N 181 
LEU HB3  H  N N 182 
LEU HG   H  N N 183 
LEU HD11 H  N N 184 
LEU HD12 H  N N 185 
LEU HD13 H  N N 186 
LEU HD21 H  N N 187 
LEU HD22 H  N N 188 
LEU HD23 H  N N 189 
LEU HXT  H  N N 190 
LYS N    N  N N 191 
LYS CA   C  N S 192 
LYS C    C  N N 193 
LYS O    O  N N 194 
LYS CB   C  N N 195 
LYS CG   C  N N 196 
LYS CD   C  N N 197 
LYS CE   C  N N 198 
LYS NZ   N  N N 199 
LYS OXT  O  N N 200 
LYS H    H  N N 201 
LYS H2   H  N N 202 
LYS HA   H  N N 203 
LYS HB2  H  N N 204 
LYS HB3  H  N N 205 
LYS HG2  H  N N 206 
LYS HG3  H  N N 207 
LYS HD2  H  N N 208 
LYS HD3  H  N N 209 
LYS HE2  H  N N 210 
LYS HE3  H  N N 211 
LYS HZ1  H  N N 212 
LYS HZ2  H  N N 213 
LYS HZ3  H  N N 214 
LYS HXT  H  N N 215 
MSE N    N  N N 216 
MSE CA   C  N S 217 
MSE C    C  N N 218 
MSE O    O  N N 219 
MSE OXT  O  N N 220 
MSE CB   C  N N 221 
MSE CG   C  N N 222 
MSE SE   SE N N 223 
MSE CE   C  N N 224 
MSE H    H  N N 225 
MSE H2   H  N N 226 
MSE HA   H  N N 227 
MSE HXT  H  N N 228 
MSE HB2  H  N N 229 
MSE HB3  H  N N 230 
MSE HG2  H  N N 231 
MSE HG3  H  N N 232 
MSE HE1  H  N N 233 
MSE HE2  H  N N 234 
MSE HE3  H  N N 235 
PHE N    N  N N 236 
PHE CA   C  N S 237 
PHE C    C  N N 238 
PHE O    O  N N 239 
PHE CB   C  N N 240 
PHE CG   C  Y N 241 
PHE CD1  C  Y N 242 
PHE CD2  C  Y N 243 
PHE CE1  C  Y N 244 
PHE CE2  C  Y N 245 
PHE CZ   C  Y N 246 
PHE OXT  O  N N 247 
PHE H    H  N N 248 
PHE H2   H  N N 249 
PHE HA   H  N N 250 
PHE HB2  H  N N 251 
PHE HB3  H  N N 252 
PHE HD1  H  N N 253 
PHE HD2  H  N N 254 
PHE HE1  H  N N 255 
PHE HE2  H  N N 256 
PHE HZ   H  N N 257 
PHE HXT  H  N N 258 
PRO N    N  N N 259 
PRO CA   C  N S 260 
PRO C    C  N N 261 
PRO O    O  N N 262 
PRO CB   C  N N 263 
PRO CG   C  N N 264 
PRO CD   C  N N 265 
PRO OXT  O  N N 266 
PRO H    H  N N 267 
PRO HA   H  N N 268 
PRO HB2  H  N N 269 
PRO HB3  H  N N 270 
PRO HG2  H  N N 271 
PRO HG3  H  N N 272 
PRO HD2  H  N N 273 
PRO HD3  H  N N 274 
PRO HXT  H  N N 275 
SER N    N  N N 276 
SER CA   C  N S 277 
SER C    C  N N 278 
SER O    O  N N 279 
SER CB   C  N N 280 
SER OG   O  N N 281 
SER OXT  O  N N 282 
SER H    H  N N 283 
SER H2   H  N N 284 
SER HA   H  N N 285 
SER HB2  H  N N 286 
SER HB3  H  N N 287 
SER HG   H  N N 288 
SER HXT  H  N N 289 
THR N    N  N N 290 
THR CA   C  N S 291 
THR C    C  N N 292 
THR O    O  N N 293 
THR CB   C  N R 294 
THR OG1  O  N N 295 
THR CG2  C  N N 296 
THR OXT  O  N N 297 
THR H    H  N N 298 
THR H2   H  N N 299 
THR HA   H  N N 300 
THR HB   H  N N 301 
THR HG1  H  N N 302 
THR HG21 H  N N 303 
THR HG22 H  N N 304 
THR HG23 H  N N 305 
THR HXT  H  N N 306 
TRP N    N  N N 307 
TRP CA   C  N S 308 
TRP C    C  N N 309 
TRP O    O  N N 310 
TRP CB   C  N N 311 
TRP CG   C  Y N 312 
TRP CD1  C  Y N 313 
TRP CD2  C  Y N 314 
TRP NE1  N  Y N 315 
TRP CE2  C  Y N 316 
TRP CE3  C  Y N 317 
TRP CZ2  C  Y N 318 
TRP CZ3  C  Y N 319 
TRP CH2  C  Y N 320 
TRP OXT  O  N N 321 
TRP H    H  N N 322 
TRP H2   H  N N 323 
TRP HA   H  N N 324 
TRP HB2  H  N N 325 
TRP HB3  H  N N 326 
TRP HD1  H  N N 327 
TRP HE1  H  N N 328 
TRP HE3  H  N N 329 
TRP HZ2  H  N N 330 
TRP HZ3  H  N N 331 
TRP HH2  H  N N 332 
TRP HXT  H  N N 333 
TYR N    N  N N 334 
TYR CA   C  N S 335 
TYR C    C  N N 336 
TYR O    O  N N 337 
TYR CB   C  N N 338 
TYR CG   C  Y N 339 
TYR CD1  C  Y N 340 
TYR CD2  C  Y N 341 
TYR CE1  C  Y N 342 
TYR CE2  C  Y N 343 
TYR CZ   C  Y N 344 
TYR OH   O  N N 345 
TYR OXT  O  N N 346 
TYR H    H  N N 347 
TYR H2   H  N N 348 
TYR HA   H  N N 349 
TYR HB2  H  N N 350 
TYR HB3  H  N N 351 
TYR HD1  H  N N 352 
TYR HD2  H  N N 353 
TYR HE1  H  N N 354 
TYR HE2  H  N N 355 
TYR HH   H  N N 356 
TYR HXT  H  N N 357 
VAL N    N  N N 358 
VAL CA   C  N S 359 
VAL C    C  N N 360 
VAL O    O  N N 361 
VAL CB   C  N N 362 
VAL CG1  C  N N 363 
VAL CG2  C  N N 364 
VAL OXT  O  N N 365 
VAL H    H  N N 366 
VAL H2   H  N N 367 
VAL HA   H  N N 368 
VAL HB   H  N N 369 
VAL HG11 H  N N 370 
VAL HG12 H  N N 371 
VAL HG13 H  N N 372 
VAL HG21 H  N N 373 
VAL HG22 H  N N 374 
VAL HG23 H  N N 375 
VAL HXT  H  N N 376 
# 
loop_
_chem_comp_bond.comp_id 
_chem_comp_bond.atom_id_1 
_chem_comp_bond.atom_id_2 
_chem_comp_bond.value_order 
_chem_comp_bond.pdbx_aromatic_flag 
_chem_comp_bond.pdbx_stereo_config 
_chem_comp_bond.pdbx_ordinal 
ALA N   CA   sing N N 1   
ALA N   H    sing N N 2   
ALA N   H2   sing N N 3   
ALA CA  C    sing N N 4   
ALA CA  CB   sing N N 5   
ALA CA  HA   sing N N 6   
ALA C   O    doub N N 7   
ALA C   OXT  sing N N 8   
ALA CB  HB1  sing N N 9   
ALA CB  HB2  sing N N 10  
ALA CB  HB3  sing N N 11  
ALA OXT HXT  sing N N 12  
ARG N   CA   sing N N 13  
ARG N   H    sing N N 14  
ARG N   H2   sing N N 15  
ARG CA  C    sing N N 16  
ARG CA  CB   sing N N 17  
ARG CA  HA   sing N N 18  
ARG C   O    doub N N 19  
ARG C   OXT  sing N N 20  
ARG CB  CG   sing N N 21  
ARG CB  HB2  sing N N 22  
ARG CB  HB3  sing N N 23  
ARG CG  CD   sing N N 24  
ARG CG  HG2  sing N N 25  
ARG CG  HG3  sing N N 26  
ARG CD  NE   sing N N 27  
ARG CD  HD2  sing N N 28  
ARG CD  HD3  sing N N 29  
ARG NE  CZ   sing N N 30  
ARG NE  HE   sing N N 31  
ARG CZ  NH1  sing N N 32  
ARG CZ  NH2  doub N N 33  
ARG NH1 HH11 sing N N 34  
ARG NH1 HH12 sing N N 35  
ARG NH2 HH21 sing N N 36  
ARG NH2 HH22 sing N N 37  
ARG OXT HXT  sing N N 38  
ASN N   CA   sing N N 39  
ASN N   H    sing N N 40  
ASN N   H2   sing N N 41  
ASN CA  C    sing N N 42  
ASN CA  CB   sing N N 43  
ASN CA  HA   sing N N 44  
ASN C   O    doub N N 45  
ASN C   OXT  sing N N 46  
ASN CB  CG   sing N N 47  
ASN CB  HB2  sing N N 48  
ASN CB  HB3  sing N N 49  
ASN CG  OD1  doub N N 50  
ASN CG  ND2  sing N N 51  
ASN ND2 HD21 sing N N 52  
ASN ND2 HD22 sing N N 53  
ASN OXT HXT  sing N N 54  
ASP N   CA   sing N N 55  
ASP N   H    sing N N 56  
ASP N   H2   sing N N 57  
ASP CA  C    sing N N 58  
ASP CA  CB   sing N N 59  
ASP CA  HA   sing N N 60  
ASP C   O    doub N N 61  
ASP C   OXT  sing N N 62  
ASP CB  CG   sing N N 63  
ASP CB  HB2  sing N N 64  
ASP CB  HB3  sing N N 65  
ASP CG  OD1  doub N N 66  
ASP CG  OD2  sing N N 67  
ASP OD2 HD2  sing N N 68  
ASP OXT HXT  sing N N 69  
GLN N   CA   sing N N 70  
GLN N   H    sing N N 71  
GLN N   H2   sing N N 72  
GLN CA  C    sing N N 73  
GLN CA  CB   sing N N 74  
GLN CA  HA   sing N N 75  
GLN C   O    doub N N 76  
GLN C   OXT  sing N N 77  
GLN CB  CG   sing N N 78  
GLN CB  HB2  sing N N 79  
GLN CB  HB3  sing N N 80  
GLN CG  CD   sing N N 81  
GLN CG  HG2  sing N N 82  
GLN CG  HG3  sing N N 83  
GLN CD  OE1  doub N N 84  
GLN CD  NE2  sing N N 85  
GLN NE2 HE21 sing N N 86  
GLN NE2 HE22 sing N N 87  
GLN OXT HXT  sing N N 88  
GLU N   CA   sing N N 89  
GLU N   H    sing N N 90  
GLU N   H2   sing N N 91  
GLU CA  C    sing N N 92  
GLU CA  CB   sing N N 93  
GLU CA  HA   sing N N 94  
GLU C   O    doub N N 95  
GLU C   OXT  sing N N 96  
GLU CB  CG   sing N N 97  
GLU CB  HB2  sing N N 98  
GLU CB  HB3  sing N N 99  
GLU CG  CD   sing N N 100 
GLU CG  HG2  sing N N 101 
GLU CG  HG3  sing N N 102 
GLU CD  OE1  doub N N 103 
GLU CD  OE2  sing N N 104 
GLU OE2 HE2  sing N N 105 
GLU OXT HXT  sing N N 106 
GLY N   CA   sing N N 107 
GLY N   H    sing N N 108 
GLY N   H2   sing N N 109 
GLY CA  C    sing N N 110 
GLY CA  HA2  sing N N 111 
GLY CA  HA3  sing N N 112 
GLY C   O    doub N N 113 
GLY C   OXT  sing N N 114 
GLY OXT HXT  sing N N 115 
HIS N   CA   sing N N 116 
HIS N   H    sing N N 117 
HIS N   H2   sing N N 118 
HIS CA  C    sing N N 119 
HIS CA  CB   sing N N 120 
HIS CA  HA   sing N N 121 
HIS C   O    doub N N 122 
HIS C   OXT  sing N N 123 
HIS CB  CG   sing N N 124 
HIS CB  HB2  sing N N 125 
HIS CB  HB3  sing N N 126 
HIS CG  ND1  sing Y N 127 
HIS CG  CD2  doub Y N 128 
HIS ND1 CE1  doub Y N 129 
HIS ND1 HD1  sing N N 130 
HIS CD2 NE2  sing Y N 131 
HIS CD2 HD2  sing N N 132 
HIS CE1 NE2  sing Y N 133 
HIS CE1 HE1  sing N N 134 
HIS NE2 HE2  sing N N 135 
HIS OXT HXT  sing N N 136 
HOH O   H1   sing N N 137 
HOH O   H2   sing N N 138 
ILE N   CA   sing N N 139 
ILE N   H    sing N N 140 
ILE N   H2   sing N N 141 
ILE CA  C    sing N N 142 
ILE CA  CB   sing N N 143 
ILE CA  HA   sing N N 144 
ILE C   O    doub N N 145 
ILE C   OXT  sing N N 146 
ILE CB  CG1  sing N N 147 
ILE CB  CG2  sing N N 148 
ILE CB  HB   sing N N 149 
ILE CG1 CD1  sing N N 150 
ILE CG1 HG12 sing N N 151 
ILE CG1 HG13 sing N N 152 
ILE CG2 HG21 sing N N 153 
ILE CG2 HG22 sing N N 154 
ILE CG2 HG23 sing N N 155 
ILE CD1 HD11 sing N N 156 
ILE CD1 HD12 sing N N 157 
ILE CD1 HD13 sing N N 158 
ILE OXT HXT  sing N N 159 
LEU N   CA   sing N N 160 
LEU N   H    sing N N 161 
LEU N   H2   sing N N 162 
LEU CA  C    sing N N 163 
LEU CA  CB   sing N N 164 
LEU CA  HA   sing N N 165 
LEU C   O    doub N N 166 
LEU C   OXT  sing N N 167 
LEU CB  CG   sing N N 168 
LEU CB  HB2  sing N N 169 
LEU CB  HB3  sing N N 170 
LEU CG  CD1  sing N N 171 
LEU CG  CD2  sing N N 172 
LEU CG  HG   sing N N 173 
LEU CD1 HD11 sing N N 174 
LEU CD1 HD12 sing N N 175 
LEU CD1 HD13 sing N N 176 
LEU CD2 HD21 sing N N 177 
LEU CD2 HD22 sing N N 178 
LEU CD2 HD23 sing N N 179 
LEU OXT HXT  sing N N 180 
LYS N   CA   sing N N 181 
LYS N   H    sing N N 182 
LYS N   H2   sing N N 183 
LYS CA  C    sing N N 184 
LYS CA  CB   sing N N 185 
LYS CA  HA   sing N N 186 
LYS C   O    doub N N 187 
LYS C   OXT  sing N N 188 
LYS CB  CG   sing N N 189 
LYS CB  HB2  sing N N 190 
LYS CB  HB3  sing N N 191 
LYS CG  CD   sing N N 192 
LYS CG  HG2  sing N N 193 
LYS CG  HG3  sing N N 194 
LYS CD  CE   sing N N 195 
LYS CD  HD2  sing N N 196 
LYS CD  HD3  sing N N 197 
LYS CE  NZ   sing N N 198 
LYS CE  HE2  sing N N 199 
LYS CE  HE3  sing N N 200 
LYS NZ  HZ1  sing N N 201 
LYS NZ  HZ2  sing N N 202 
LYS NZ  HZ3  sing N N 203 
LYS OXT HXT  sing N N 204 
MSE N   CA   sing N N 205 
MSE N   H    sing N N 206 
MSE N   H2   sing N N 207 
MSE CA  C    sing N N 208 
MSE CA  CB   sing N N 209 
MSE CA  HA   sing N N 210 
MSE C   O    doub N N 211 
MSE C   OXT  sing N N 212 
MSE OXT HXT  sing N N 213 
MSE CB  CG   sing N N 214 
MSE CB  HB2  sing N N 215 
MSE CB  HB3  sing N N 216 
MSE CG  SE   sing N N 217 
MSE CG  HG2  sing N N 218 
MSE CG  HG3  sing N N 219 
MSE SE  CE   sing N N 220 
MSE CE  HE1  sing N N 221 
MSE CE  HE2  sing N N 222 
MSE CE  HE3  sing N N 223 
PHE N   CA   sing N N 224 
PHE N   H    sing N N 225 
PHE N   H2   sing N N 226 
PHE CA  C    sing N N 227 
PHE CA  CB   sing N N 228 
PHE CA  HA   sing N N 229 
PHE C   O    doub N N 230 
PHE C   OXT  sing N N 231 
PHE CB  CG   sing N N 232 
PHE CB  HB2  sing N N 233 
PHE CB  HB3  sing N N 234 
PHE CG  CD1  doub Y N 235 
PHE CG  CD2  sing Y N 236 
PHE CD1 CE1  sing Y N 237 
PHE CD1 HD1  sing N N 238 
PHE CD2 CE2  doub Y N 239 
PHE CD2 HD2  sing N N 240 
PHE CE1 CZ   doub Y N 241 
PHE CE1 HE1  sing N N 242 
PHE CE2 CZ   sing Y N 243 
PHE CE2 HE2  sing N N 244 
PHE CZ  HZ   sing N N 245 
PHE OXT HXT  sing N N 246 
PRO N   CA   sing N N 247 
PRO N   CD   sing N N 248 
PRO N   H    sing N N 249 
PRO CA  C    sing N N 250 
PRO CA  CB   sing N N 251 
PRO CA  HA   sing N N 252 
PRO C   O    doub N N 253 
PRO C   OXT  sing N N 254 
PRO CB  CG   sing N N 255 
PRO CB  HB2  sing N N 256 
PRO CB  HB3  sing N N 257 
PRO CG  CD   sing N N 258 
PRO CG  HG2  sing N N 259 
PRO CG  HG3  sing N N 260 
PRO CD  HD2  sing N N 261 
PRO CD  HD3  sing N N 262 
PRO OXT HXT  sing N N 263 
SER N   CA   sing N N 264 
SER N   H    sing N N 265 
SER N   H2   sing N N 266 
SER CA  C    sing N N 267 
SER CA  CB   sing N N 268 
SER CA  HA   sing N N 269 
SER C   O    doub N N 270 
SER C   OXT  sing N N 271 
SER CB  OG   sing N N 272 
SER CB  HB2  sing N N 273 
SER CB  HB3  sing N N 274 
SER OG  HG   sing N N 275 
SER OXT HXT  sing N N 276 
THR N   CA   sing N N 277 
THR N   H    sing N N 278 
THR N   H2   sing N N 279 
THR CA  C    sing N N 280 
THR CA  CB   sing N N 281 
THR CA  HA   sing N N 282 
THR C   O    doub N N 283 
THR C   OXT  sing N N 284 
THR CB  OG1  sing N N 285 
THR CB  CG2  sing N N 286 
THR CB  HB   sing N N 287 
THR OG1 HG1  sing N N 288 
THR CG2 HG21 sing N N 289 
THR CG2 HG22 sing N N 290 
THR CG2 HG23 sing N N 291 
THR OXT HXT  sing N N 292 
TRP N   CA   sing N N 293 
TRP N   H    sing N N 294 
TRP N   H2   sing N N 295 
TRP CA  C    sing N N 296 
TRP CA  CB   sing N N 297 
TRP CA  HA   sing N N 298 
TRP C   O    doub N N 299 
TRP C   OXT  sing N N 300 
TRP CB  CG   sing N N 301 
TRP CB  HB2  sing N N 302 
TRP CB  HB3  sing N N 303 
TRP CG  CD1  doub Y N 304 
TRP CG  CD2  sing Y N 305 
TRP CD1 NE1  sing Y N 306 
TRP CD1 HD1  sing N N 307 
TRP CD2 CE2  doub Y N 308 
TRP CD2 CE3  sing Y N 309 
TRP NE1 CE2  sing Y N 310 
TRP NE1 HE1  sing N N 311 
TRP CE2 CZ2  sing Y N 312 
TRP CE3 CZ3  doub Y N 313 
TRP CE3 HE3  sing N N 314 
TRP CZ2 CH2  doub Y N 315 
TRP CZ2 HZ2  sing N N 316 
TRP CZ3 CH2  sing Y N 317 
TRP CZ3 HZ3  sing N N 318 
TRP CH2 HH2  sing N N 319 
TRP OXT HXT  sing N N 320 
TYR N   CA   sing N N 321 
TYR N   H    sing N N 322 
TYR N   H2   sing N N 323 
TYR CA  C    sing N N 324 
TYR CA  CB   sing N N 325 
TYR CA  HA   sing N N 326 
TYR C   O    doub N N 327 
TYR C   OXT  sing N N 328 
TYR CB  CG   sing N N 329 
TYR CB  HB2  sing N N 330 
TYR CB  HB3  sing N N 331 
TYR CG  CD1  doub Y N 332 
TYR CG  CD2  sing Y N 333 
TYR CD1 CE1  sing Y N 334 
TYR CD1 HD1  sing N N 335 
TYR CD2 CE2  doub Y N 336 
TYR CD2 HD2  sing N N 337 
TYR CE1 CZ   doub Y N 338 
TYR CE1 HE1  sing N N 339 
TYR CE2 CZ   sing Y N 340 
TYR CE2 HE2  sing N N 341 
TYR CZ  OH   sing N N 342 
TYR OH  HH   sing N N 343 
TYR OXT HXT  sing N N 344 
VAL N   CA   sing N N 345 
VAL N   H    sing N N 346 
VAL N   H2   sing N N 347 
VAL CA  C    sing N N 348 
VAL CA  CB   sing N N 349 
VAL CA  HA   sing N N 350 
VAL C   O    doub N N 351 
VAL C   OXT  sing N N 352 
VAL CB  CG1  sing N N 353 
VAL CB  CG2  sing N N 354 
VAL CB  HB   sing N N 355 
VAL CG1 HG11 sing N N 356 
VAL CG1 HG12 sing N N 357 
VAL CG1 HG13 sing N N 358 
VAL CG2 HG21 sing N N 359 
VAL CG2 HG22 sing N N 360 
VAL CG2 HG23 sing N N 361 
VAL OXT HXT  sing N N 362 
# 
_atom_sites.entry_id                    2BH0 
_atom_sites.fract_transf_matrix[1][1]   -0.00574460 
_atom_sites.fract_transf_matrix[1][2]   -0.00366394 
_atom_sites.fract_transf_matrix[1][3]   -0.00133430 
_atom_sites.fract_transf_matrix[2][1]   -0.00363254 
_atom_sites.fract_transf_matrix[2][2]   0.00589219 
_atom_sites.fract_transf_matrix[2][3]   -0.00054044 
_atom_sites.fract_transf_matrix[3][1]   0.00141755 
_atom_sites.fract_transf_matrix[3][2]   0.00025094 
_atom_sites.fract_transf_matrix[3][3]   -0.00679211 
_atom_sites.fract_transf_vector[1]      0.208982 
_atom_sites.fract_transf_vector[2]      0.175997 
_atom_sites.fract_transf_vector[3]      0.502589 
# 
loop_
_atom_type.symbol 
C  
N  
O  
SE 
# 
loop_
_atom_site.group_PDB 
_atom_site.id 
_atom_site.type_symbol 
_atom_site.label_atom_id 
_atom_site.label_alt_id 
_atom_site.label_comp_id 
_atom_site.label_asym_id 
_atom_site.label_entity_id 
_atom_site.label_seq_id 
_atom_site.pdbx_PDB_ins_code 
_atom_site.Cartn_x 
_atom_site.Cartn_y 
_atom_site.Cartn_z 
_atom_site.occupancy 
_atom_site.B_iso_or_equiv 
_atom_site.pdbx_formal_charge 
_atom_site.auth_seq_id 
_atom_site.auth_comp_id 
_atom_site.auth_asym_id 
_atom_site.auth_atom_id 
_atom_site.pdbx_PDB_model_num 
ATOM   1    N  N   . ALA A 1 2   ? -13.580 2.678   -12.398 1.00 65.17  ? 2    ALA A N   1 
ATOM   2    C  CA  . ALA A 1 2   ? -12.921 1.462   -12.947 1.00 65.43  ? 2    ALA A CA  1 
ATOM   3    C  C   . ALA A 1 2   ? -12.133 0.700   -11.870 1.00 65.61  ? 2    ALA A C   1 
ATOM   4    O  O   . ALA A 1 2   ? -11.790 -0.469  -12.061 1.00 66.77  ? 2    ALA A O   1 
ATOM   5    C  CB  . ALA A 1 2   ? -11.995 1.853   -14.118 1.00 63.69  ? 2    ALA A CB  1 
ATOM   6    N  N   . TYR A 1 3   ? -11.864 1.355   -10.739 1.00 64.46  ? 3    TYR A N   1 
ATOM   7    C  CA  . TYR A 1 3   ? -11.098 0.752   -9.635  1.00 62.46  ? 3    TYR A CA  1 
ATOM   8    C  C   . TYR A 1 3   ? -11.952 -0.216  -8.815  1.00 61.76  ? 3    TYR A C   1 
ATOM   9    O  O   . TYR A 1 3   ? -11.449 -1.163  -8.204  1.00 61.27  ? 3    TYR A O   1 
ATOM   10   C  CB  . TYR A 1 3   ? -10.530 1.861   -8.733  1.00 60.56  ? 3    TYR A CB  1 
ATOM   11   C  CG  . TYR A 1 3   ? -11.364 2.182   -7.510  1.00 59.23  ? 3    TYR A CG  1 
ATOM   12   C  CD1 . TYR A 1 3   ? -11.242 1.421   -6.346  1.00 59.07  ? 3    TYR A CD1 1 
ATOM   13   C  CD2 . TYR A 1 3   ? -12.299 3.215   -7.524  1.00 58.64  ? 3    TYR A CD2 1 
ATOM   14   C  CE1 . TYR A 1 3   ? -12.030 1.673   -5.227  1.00 58.33  ? 3    TYR A CE1 1 
ATOM   15   C  CE2 . TYR A 1 3   ? -13.100 3.476   -6.402  1.00 58.38  ? 3    TYR A CE2 1 
ATOM   16   C  CZ  . TYR A 1 3   ? -12.958 2.695   -5.261  1.00 58.13  ? 3    TYR A CZ  1 
ATOM   17   O  OH  . TYR A 1 3   ? -13.762 2.900   -4.163  1.00 58.22  ? 3    TYR A OH  1 
ATOM   18   N  N   . ASP A 1 4   ? -13.251 0.044   -8.814  1.00 61.32  ? 4    ASP A N   1 
ATOM   19   C  CA  . ASP A 1 4   ? -14.210 -0.770  -8.094  1.00 60.72  ? 4    ASP A CA  1 
ATOM   20   C  C   . ASP A 1 4   ? -14.519 -2.025  -8.882  1.00 60.24  ? 4    ASP A C   1 
ATOM   21   O  O   . ASP A 1 4   ? -14.989 -3.016  -8.326  1.00 59.50  ? 4    ASP A O   1 
ATOM   22   C  CB  . ASP A 1 4   ? -15.496 0.024   -7.893  1.00 62.55  ? 4    ASP A CB  1 
ATOM   23   C  CG  . ASP A 1 4   ? -15.767 0.311   -6.449  1.00 64.59  ? 4    ASP A CG  1 
ATOM   24   O  OD1 . ASP A 1 4   ? -16.756 1.026   -6.155  1.00 65.75  ? 4    ASP A OD1 1 
ATOM   25   O  OD2 . ASP A 1 4   ? -14.985 -0.185  -5.606  1.00 66.83  ? 4    ASP A OD2 1 
ATOM   26   N  N   . ASP A 1 5   ? -14.258 -1.959  -10.184 1.00 59.87  ? 5    ASP A N   1 
ATOM   27   C  CA  . ASP A 1 5   ? -14.507 -3.065  -11.100 1.00 58.86  ? 5    ASP A CA  1 
ATOM   28   C  C   . ASP A 1 5   ? -14.076 -4.412  -10.521 1.00 56.96  ? 5    ASP A C   1 
ATOM   29   O  O   . ASP A 1 5   ? -13.101 -4.505  -9.774  1.00 56.72  ? 5    ASP A O   1 
ATOM   30   C  CB  . ASP A 1 5   ? -13.803 -2.799  -12.441 1.00 60.20  ? 5    ASP A CB  1 
ATOM   31   C  CG  . ASP A 1 5   ? -14.453 -1.660  -13.236 1.00 62.14  ? 5    ASP A CG  1 
ATOM   32   O  OD1 . ASP A 1 5   ? -13.907 -1.285  -14.305 1.00 63.61  ? 5    ASP A OD1 1 
ATOM   33   O  OD2 . ASP A 1 5   ? -15.510 -1.147  -12.796 1.00 61.60  ? 5    ASP A OD2 1 
ATOM   34   N  N   . LEU A 1 6   ? -14.823 -5.453  -10.862 1.00 54.00  ? 6    LEU A N   1 
ATOM   35   C  CA  . LEU A 1 6   ? -14.524 -6.783  -10.371 1.00 51.58  ? 6    LEU A CA  1 
ATOM   36   C  C   . LEU A 1 6   ? -13.415 -7.384  -11.218 1.00 50.30  ? 6    LEU A C   1 
ATOM   37   O  O   . LEU A 1 6   ? -13.400 -7.229  -12.438 1.00 49.98  ? 6    LEU A O   1 
ATOM   38   C  CB  . LEU A 1 6   ? -15.772 -7.662  -10.441 1.00 52.17  ? 6    LEU A CB  1 
ATOM   39   C  CG  . LEU A 1 6   ? -15.812 -8.891  -9.529  1.00 52.17  ? 6    LEU A CG  1 
ATOM   40   C  CD1 . LEU A 1 6   ? -15.931 -8.463  -8.072  1.00 50.41  ? 6    LEU A CD1 1 
ATOM   41   C  CD2 . LEU A 1 6   ? -16.994 -9.753  -9.919  1.00 53.25  ? 6    LEU A CD2 1 
ATOM   42   N  N   . HIS A 1 7   ? -12.481 -8.058  -10.555 1.00 49.43  ? 7    HIS A N   1 
ATOM   43   C  CA  . HIS A 1 7   ? -11.353 -8.693  -11.222 1.00 48.20  ? 7    HIS A CA  1 
ATOM   44   C  C   . HIS A 1 7   ? -11.516 -10.202 -11.239 1.00 47.27  ? 7    HIS A C   1 
ATOM   45   O  O   . HIS A 1 7   ? -12.077 -10.793 -10.317 1.00 46.71  ? 7    HIS A O   1 
ATOM   46   C  CB  . HIS A 1 7   ? -10.052 -8.349  -10.500 1.00 48.29  ? 7    HIS A CB  1 
ATOM   47   C  CG  . HIS A 1 7   ? -9.571  -6.954  -10.740 1.00 47.48  ? 7    HIS A CG  1 
ATOM   48   N  ND1 . HIS A 1 7   ? -8.759  -6.623  -11.804 1.00 47.69  ? 7    HIS A ND1 1 
ATOM   49   C  CD2 . HIS A 1 7   ? -9.784  -5.808  -10.054 1.00 47.10  ? 7    HIS A CD2 1 
ATOM   50   C  CE1 . HIS A 1 7   ? -8.491  -5.330  -11.760 1.00 47.39  ? 7    HIS A CE1 1 
ATOM   51   N  NE2 . HIS A 1 7   ? -9.100  -4.811  -10.709 1.00 47.72  ? 7    HIS A NE2 1 
ATOM   52   N  N   . GLU A 1 8   ? -11.003 -10.819 -12.291 1.00 46.70  ? 8    GLU A N   1 
ATOM   53   C  CA  . GLU A 1 8   ? -11.085 -12.258 -12.438 1.00 46.25  ? 8    GLU A CA  1 
ATOM   54   C  C   . GLU A 1 8   ? -9.697  -12.817 -12.635 1.00 43.23  ? 8    GLU A C   1 
ATOM   55   O  O   . GLU A 1 8   ? -8.937  -12.310 -13.453 1.00 44.75  ? 8    GLU A O   1 
ATOM   56   C  CB  . GLU A 1 8   ? -11.953 -12.607 -13.640 1.00 50.78  ? 8    GLU A CB  1 
ATOM   57   C  CG  . GLU A 1 8   ? -13.368 -13.031 -13.282 1.00 56.80  ? 8    GLU A CG  1 
ATOM   58   C  CD  . GLU A 1 8   ? -14.256 -13.187 -14.508 1.00 59.62  ? 8    GLU A CD  1 
ATOM   59   O  OE1 . GLU A 1 8   ? -13.732 -13.580 -15.578 1.00 59.95  ? 8    GLU A OE1 1 
ATOM   60   O  OE2 . GLU A 1 8   ? -15.478 -12.925 -14.394 1.00 61.56  ? 8    GLU A OE2 1 
ATOM   61   N  N   . GLY A 1 9   ? -9.367  -13.855 -11.879 1.00 39.52  ? 9    GLY A N   1 
ATOM   62   C  CA  . GLY A 1 9   ? -8.058  -14.463 -12.000 1.00 37.67  ? 9    GLY A CA  1 
ATOM   63   C  C   . GLY A 1 9   ? -7.964  -15.710 -11.153 1.00 37.26  ? 9    GLY A C   1 
ATOM   64   O  O   . GLY A 1 9   ? -8.982  -16.231 -10.703 1.00 37.59  ? 9    GLY A O   1 
ATOM   65   N  N   . TYR A 1 10  ? -6.745  -16.199 -10.949 1.00 36.69  ? 10   TYR A N   1 
ATOM   66   C  CA  . TYR A 1 10  ? -6.519  -17.388 -10.133 1.00 36.86  ? 10   TYR A CA  1 
ATOM   67   C  C   . TYR A 1 10  ? -5.787  -16.973 -8.857  1.00 34.51  ? 10   TYR A C   1 
ATOM   68   O  O   . TYR A 1 10  ? -5.301  -15.845 -8.750  1.00 33.66  ? 10   TYR A O   1 
ATOM   69   C  CB  . TYR A 1 10  ? -5.698  -18.439 -10.918 1.00 40.79  ? 10   TYR A CB  1 
ATOM   70   C  CG  . TYR A 1 10  ? -4.273  -18.038 -11.317 1.00 45.97  ? 10   TYR A CG  1 
ATOM   71   C  CD1 . TYR A 1 10  ? -3.216  -18.093 -10.397 1.00 47.48  ? 10   TYR A CD1 1 
ATOM   72   C  CD2 . TYR A 1 10  ? -3.990  -17.584 -12.616 1.00 46.93  ? 10   TYR A CD2 1 
ATOM   73   C  CE1 . TYR A 1 10  ? -1.915  -17.700 -10.762 1.00 50.51  ? 10   TYR A CE1 1 
ATOM   74   C  CE2 . TYR A 1 10  ? -2.697  -17.186 -12.991 1.00 47.77  ? 10   TYR A CE2 1 
ATOM   75   C  CZ  . TYR A 1 10  ? -1.664  -17.242 -12.060 1.00 50.38  ? 10   TYR A CZ  1 
ATOM   76   O  OH  . TYR A 1 10  ? -0.395  -16.803 -12.403 1.00 51.15  ? 10   TYR A OH  1 
ATOM   77   N  N   . ALA A 1 11  ? -5.725  -17.873 -7.884  1.00 31.83  ? 11   ALA A N   1 
ATOM   78   C  CA  . ALA A 1 11  ? -5.029  -17.580 -6.643  1.00 29.88  ? 11   ALA A CA  1 
ATOM   79   C  C   . ALA A 1 11  ? -4.309  -18.811 -6.113  1.00 29.88  ? 11   ALA A C   1 
ATOM   80   O  O   . ALA A 1 11  ? -4.791  -19.933 -6.263  1.00 31.10  ? 11   ALA A O   1 
ATOM   81   C  CB  . ALA A 1 11  ? -5.996  -17.056 -5.595  1.00 28.49  ? 11   ALA A CB  1 
ATOM   82   N  N   . THR A 1 12  ? -3.134  -18.591 -5.528  1.00 28.79  ? 12   THR A N   1 
ATOM   83   C  CA  . THR A 1 12  ? -2.341  -19.652 -4.919  1.00 27.33  ? 12   THR A CA  1 
ATOM   84   C  C   . THR A 1 12  ? -2.091  -19.173 -3.486  1.00 26.70  ? 12   THR A C   1 
ATOM   85   O  O   . THR A 1 12  ? -2.713  -18.203 -3.046  1.00 26.89  ? 12   THR A O   1 
ATOM   86   C  CB  . THR A 1 12  ? -0.987  -19.896 -5.669  1.00 27.91  ? 12   THR A CB  1 
ATOM   87   O  OG1 . THR A 1 12  ? -0.278  -18.664 -5.820  1.00 28.35  ? 12   THR A OG1 1 
ATOM   88   C  CG2 . THR A 1 12  ? -1.230  -20.496 -7.049  1.00 26.98  ? 12   THR A CG2 1 
ATOM   89   N  N   . TYR A 1 13  ? -1.213  -19.838 -2.742  1.00 25.62  ? 13   TYR A N   1 
ATOM   90   C  CA  . TYR A 1 13  ? -0.933  -19.407 -1.375  1.00 25.54  ? 13   TYR A CA  1 
ATOM   91   C  C   . TYR A 1 13  ? 0.532   -19.597 -0.986  1.00 27.08  ? 13   TYR A C   1 
ATOM   92   O  O   . TYR A 1 13  ? 1.241   -20.411 -1.583  1.00 27.30  ? 13   TYR A O   1 
ATOM   93   C  CB  . TYR A 1 13  ? -1.855  -20.140 -0.381  1.00 24.81  ? 13   TYR A CB  1 
ATOM   94   C  CG  . TYR A 1 13  ? -1.836  -21.658 -0.478  1.00 24.98  ? 13   TYR A CG  1 
ATOM   95   C  CD1 . TYR A 1 13  ? -0.934  -22.425 0.276   1.00 23.12  ? 13   TYR A CD1 1 
ATOM   96   C  CD2 . TYR A 1 13  ? -2.694  -22.327 -1.356  1.00 24.50  ? 13   TYR A CD2 1 
ATOM   97   C  CE1 . TYR A 1 13  ? -0.888  -23.821 0.151   1.00 21.54  ? 13   TYR A CE1 1 
ATOM   98   C  CE2 . TYR A 1 13  ? -2.656  -23.711 -1.487  1.00 23.68  ? 13   TYR A CE2 1 
ATOM   99   C  CZ  . TYR A 1 13  ? -1.752  -24.451 -0.735  1.00 22.62  ? 13   TYR A CZ  1 
ATOM   100  O  OH  . TYR A 1 13  ? -1.721  -25.817 -0.890  1.00 21.79  ? 13   TYR A OH  1 
ATOM   101  N  N   . THR A 1 14  ? 0.987   -18.818 -0.007  1.00 27.68  ? 14   THR A N   1 
ATOM   102  C  CA  . THR A 1 14  ? 2.355   -18.905 0.508   1.00 30.03  ? 14   THR A CA  1 
ATOM   103  C  C   . THR A 1 14  ? 2.352   -18.184 1.828   1.00 29.64  ? 14   THR A C   1 
ATOM   104  O  O   . THR A 1 14  ? 1.366   -17.539 2.194   1.00 30.21  ? 14   THR A O   1 
ATOM   105  C  CB  . THR A 1 14  ? 3.422   -18.180 -0.372  1.00 32.36  ? 14   THR A CB  1 
ATOM   106  O  OG1 . THR A 1 14  ? 3.214   -18.485 -1.752  1.00 40.40  ? 14   THR A OG1 1 
ATOM   107  C  CG2 . THR A 1 14  ? 4.834   -18.608 0.026   1.00 36.35  ? 14   THR A CG2 1 
ATOM   108  N  N   . GLY A 1 15  ? 3.464   -18.293 2.544   1.00 29.85  ? 15   GLY A N   1 
ATOM   109  C  CA  . GLY A 1 15  ? 3.584   -17.614 3.821   1.00 30.14  ? 15   GLY A CA  1 
ATOM   110  C  C   . GLY A 1 15  ? 4.710   -16.605 3.761   1.00 29.10  ? 15   GLY A C   1 
ATOM   111  O  O   . GLY A 1 15  ? 5.310   -16.296 4.786   1.00 31.28  ? 15   GLY A O   1 
ATOM   112  N  N   . SER A 1 16  ? 4.972   -16.073 2.568   1.00 28.33  ? 16   SER A N   1 
ATOM   113  C  CA  . SER A 1 16  ? 6.055   -15.122 2.356   1.00 28.03  ? 16   SER A CA  1 
ATOM   114  C  C   . SER A 1 16  ? 5.757   -13.638 2.474   1.00 29.01  ? 16   SER A C   1 
ATOM   115  O  O   . SER A 1 16  ? 6.681   -12.816 2.424   1.00 31.86  ? 16   SER A O   1 
ATOM   116  C  CB  . SER A 1 16  ? 6.683   -15.378 0.994   1.00 25.72  ? 16   SER A CB  1 
ATOM   117  O  OG  . SER A 1 16  ? 5.681   -15.443 0.000   1.00 29.81  ? 16   SER A OG  1 
ATOM   118  N  N   . GLY A 1 17  ? 4.495   -13.275 2.641   1.00 28.58  ? 17   GLY A N   1 
ATOM   119  C  CA  . GLY A 1 17  ? 4.179   -11.858 2.728   1.00 28.09  ? 17   GLY A CA  1 
ATOM   120  C  C   . GLY A 1 17  ? 4.202   -11.227 4.105   1.00 26.47  ? 17   GLY A C   1 
ATOM   121  O  O   . GLY A 1 17  ? 4.157   -10.003 4.227   1.00 25.86  ? 17   GLY A O   1 
ATOM   122  N  N   . TYR A 1 18  ? 4.277   -12.050 5.145   1.00 27.36  ? 18   TYR A N   1 
ATOM   123  C  CA  . TYR A 1 18  ? 4.274   -11.538 6.513   1.00 27.58  ? 18   TYR A CA  1 
ATOM   124  C  C   . TYR A 1 18  ? 5.550   -10.804 6.892   1.00 27.96  ? 18   TYR A C   1 
ATOM   125  O  O   . TYR A 1 18  ? 5.550   -9.937  7.767   1.00 27.40  ? 18   TYR A O   1 
ATOM   126  C  CB  . TYR A 1 18  ? 4.012   -12.677 7.503   1.00 25.67  ? 18   TYR A CB  1 
ATOM   127  C  CG  . TYR A 1 18  ? 2.623   -13.273 7.391   1.00 25.64  ? 18   TYR A CG  1 
ATOM   128  C  CD1 . TYR A 1 18  ? 2.379   -14.389 6.586   1.00 26.30  ? 18   TYR A CD1 1 
ATOM   129  C  CD2 . TYR A 1 18  ? 1.546   -12.703 8.072   1.00 25.39  ? 18   TYR A CD2 1 
ATOM   130  C  CE1 . TYR A 1 18  ? 1.092   -14.923 6.465   1.00 27.01  ? 18   TYR A CE1 1 
ATOM   131  C  CE2 . TYR A 1 18  ? 0.257   -13.224 7.954   1.00 25.79  ? 18   TYR A CE2 1 
ATOM   132  C  CZ  . TYR A 1 18  ? 0.034   -14.332 7.153   1.00 26.04  ? 18   TYR A CZ  1 
ATOM   133  O  OH  . TYR A 1 18  ? -1.233  -14.856 7.045   1.00 25.10  ? 18   TYR A OH  1 
ATOM   134  N  N   . SER A 1 19  ? 6.643   -11.142 6.225   1.00 28.95  ? 19   SER A N   1 
ATOM   135  C  CA  . SER A 1 19  ? 7.909   -10.500 6.520   1.00 28.96  ? 19   SER A CA  1 
ATOM   136  C  C   . SER A 1 19  ? 8.766   -10.360 5.273   1.00 28.14  ? 19   SER A C   1 
ATOM   137  O  O   . SER A 1 19  ? 8.893   -11.299 4.481   1.00 29.88  ? 19   SER A O   1 
ATOM   138  C  CB  . SER A 1 19  ? 8.649   -11.306 7.582   1.00 29.56  ? 19   SER A CB  1 
ATOM   139  O  OG  . SER A 1 19  ? 9.917   -10.745 7.835   1.00 34.31  ? 19   SER A OG  1 
ATOM   140  N  N   . GLY A 1 20  ? 9.344   -9.175  5.101   1.00 25.83  ? 20   GLY A N   1 
ATOM   141  C  CA  . GLY A 1 20  ? 10.203  -8.920  3.961   1.00 23.21  ? 20   GLY A CA  1 
ATOM   142  C  C   . GLY A 1 20  ? 9.479   -8.586  2.672   1.00 25.24  ? 20   GLY A C   1 
ATOM   143  O  O   . GLY A 1 20  ? 10.109  -8.536  1.613   1.00 25.16  ? 20   GLY A O   1 
ATOM   144  N  N   . GLY A 1 21  ? 8.166   -8.357  2.757   1.00 24.62  ? 21   GLY A N   1 
ATOM   145  C  CA  . GLY A 1 21  ? 7.379   -8.018  1.580   1.00 23.03  ? 21   GLY A CA  1 
ATOM   146  C  C   . GLY A 1 21  ? 7.938   -6.808  0.850   1.00 22.82  ? 21   GLY A C   1 
ATOM   147  O  O   . GLY A 1 21  ? 8.521   -5.924  1.477   1.00 23.70  ? 21   GLY A O   1 
ATOM   148  N  N   . ALA A 1 22  ? 7.752   -6.762  -0.468  1.00 21.42  ? 22   ALA A N   1 
ATOM   149  C  CA  . ALA A 1 22  ? 8.258   -5.668  -1.311  1.00 21.15  ? 22   ALA A CA  1 
ATOM   150  C  C   . ALA A 1 22  ? 7.789   -4.265  -0.928  1.00 20.90  ? 22   ALA A C   1 
ATOM   151  O  O   . ALA A 1 22  ? 8.480   -3.281  -1.195  1.00 20.73  ? 22   ALA A O   1 
ATOM   152  C  CB  . ALA A 1 22  ? 7.887   -5.935  -2.765  1.00 18.63  ? 22   ALA A CB  1 
ATOM   153  N  N   . PHE A 1 23  ? 6.617   -4.185  -0.310  1.00 20.22  ? 23   PHE A N   1 
ATOM   154  C  CA  . PHE A 1 23  ? 6.036   -2.911  0.060   1.00 19.33  ? 23   PHE A CA  1 
ATOM   155  C  C   . PHE A 1 23  ? 6.470   -2.386  1.414   1.00 20.65  ? 23   PHE A C   1 
ATOM   156  O  O   . PHE A 1 23  ? 5.939   -1.388  1.902   1.00 20.95  ? 23   PHE A O   1 
ATOM   157  C  CB  . PHE A 1 23  ? 4.516   -3.011  -0.037  1.00 17.36  ? 23   PHE A CB  1 
ATOM   158  C  CG  . PHE A 1 23  ? 4.043   -3.553  -1.355  1.00 18.20  ? 23   PHE A CG  1 
ATOM   159  C  CD1 . PHE A 1 23  ? 4.858   -3.483  -2.488  1.00 18.97  ? 23   PHE A CD1 1 
ATOM   160  C  CD2 . PHE A 1 23  ? 2.789   -4.137  -1.471  1.00 19.71  ? 23   PHE A CD2 1 
ATOM   161  C  CE1 . PHE A 1 23  ? 4.437   -3.993  -3.714  1.00 18.18  ? 23   PHE A CE1 1 
ATOM   162  C  CE2 . PHE A 1 23  ? 2.350   -4.653  -2.694  1.00 18.86  ? 23   PHE A CE2 1 
ATOM   163  C  CZ  . PHE A 1 23  ? 3.179   -4.579  -3.820  1.00 19.23  ? 23   PHE A CZ  1 
ATOM   164  N  N   . LEU A 1 24  ? 7.435   -3.064  2.024   1.00 22.53  ? 24   LEU A N   1 
ATOM   165  C  CA  . LEU A 1 24  ? 7.990   -2.626  3.302   1.00 22.58  ? 24   LEU A CA  1 
ATOM   166  C  C   . LEU A 1 24  ? 6.927   -2.225  4.324   1.00 23.31  ? 24   LEU A C   1 
ATOM   167  O  O   . LEU A 1 24  ? 7.027   -1.174  4.957   1.00 23.03  ? 24   LEU A O   1 
ATOM   168  C  CB  . LEU A 1 24  ? 8.934   -1.444  3.043   1.00 20.96  ? 24   LEU A CB  1 
ATOM   169  C  CG  . LEU A 1 24  ? 9.987   -1.699  1.956   1.00 21.64  ? 24   LEU A CG  1 
ATOM   170  C  CD1 . LEU A 1 24  ? 10.825  -0.459  1.708   1.00 19.49  ? 24   LEU A CD1 1 
ATOM   171  C  CD2 . LEU A 1 24  ? 10.866  -2.854  2.396   1.00 19.12  ? 24   LEU A CD2 1 
ATOM   172  N  N   . LEU A 1 25  ? 5.923   -3.077  4.499   1.00 23.41  ? 25   LEU A N   1 
ATOM   173  C  CA  . LEU A 1 25  ? 4.834   -2.798  5.427   1.00 22.15  ? 25   LEU A CA  1 
ATOM   174  C  C   . LEU A 1 25  ? 4.954   -3.455  6.792   1.00 23.73  ? 25   LEU A C   1 
ATOM   175  O  O   . LEU A 1 25  ? 4.012   -3.429  7.589   1.00 23.99  ? 25   LEU A O   1 
ATOM   176  C  CB  . LEU A 1 25  ? 3.507   -3.189  4.785   1.00 19.65  ? 25   LEU A CB  1 
ATOM   177  C  CG  . LEU A 1 25  ? 3.060   -2.181  3.734   1.00 17.85  ? 25   LEU A CG  1 
ATOM   178  C  CD1 . LEU A 1 25  ? 1.884   -2.719  2.974   1.00 17.70  ? 25   LEU A CD1 1 
ATOM   179  C  CD2 . LEU A 1 25  ? 2.720   -0.868  4.410   1.00 17.66  ? 25   LEU A CD2 1 
ATOM   180  N  N   . ASP A 1 26  ? 6.116   -4.037  7.067   1.00 24.27  ? 26   ASP A N   1 
ATOM   181  C  CA  . ASP A 1 26  ? 6.366   -4.706  8.343   1.00 24.18  ? 26   ASP A CA  1 
ATOM   182  C  C   . ASP A 1 26  ? 6.248   -3.754  9.529   1.00 26.03  ? 26   ASP A C   1 
ATOM   183  O  O   . ASP A 1 26  ? 6.502   -2.556  9.411   1.00 27.95  ? 26   ASP A O   1 
ATOM   184  C  CB  . ASP A 1 26  ? 7.755   -5.340  8.325   1.00 23.38  ? 26   ASP A CB  1 
ATOM   185  C  CG  . ASP A 1 26  ? 7.869   -6.468  7.331   1.00 24.43  ? 26   ASP A CG  1 
ATOM   186  O  OD1 . ASP A 1 26  ? 7.000   -6.578  6.447   1.00 27.06  ? 26   ASP A OD1 1 
ATOM   187  O  OD2 . ASP A 1 26  ? 8.834   -7.249  7.418   1.00 25.75  ? 26   ASP A OD2 1 
ATOM   188  N  N   . PRO A 1 27  ? 5.869   -4.276  10.699  1.00 26.20  ? 27   PRO A N   1 
ATOM   189  C  CA  . PRO A 1 27  ? 5.539   -5.677  10.955  1.00 26.47  ? 27   PRO A CA  1 
ATOM   190  C  C   . PRO A 1 27  ? 4.089   -6.000  10.623  1.00 27.42  ? 27   PRO A C   1 
ATOM   191  O  O   . PRO A 1 27  ? 3.204   -5.153  10.786  1.00 28.80  ? 27   PRO A O   1 
ATOM   192  C  CB  . PRO A 1 27  ? 5.829   -5.816  12.440  1.00 25.61  ? 27   PRO A CB  1 
ATOM   193  C  CG  . PRO A 1 27  ? 5.366   -4.501  12.966  1.00 25.23  ? 27   PRO A CG  1 
ATOM   194  C  CD  . PRO A 1 27  ? 5.943   -3.521  11.961  1.00 25.92  ? 27   PRO A CD  1 
ATOM   195  N  N   . ILE A 1 28  ? 3.858   -7.224  10.157  1.00 27.10  ? 28   ILE A N   1 
ATOM   196  C  CA  . ILE A 1 28  ? 2.522   -7.701  9.808   1.00 28.02  ? 28   ILE A CA  1 
ATOM   197  C  C   . ILE A 1 28  ? 2.120   -8.754  10.837  1.00 29.35  ? 28   ILE A C   1 
ATOM   198  O  O   . ILE A 1 28  ? 2.843   -9.732  11.050  1.00 29.35  ? 28   ILE A O   1 
ATOM   199  C  CB  . ILE A 1 28  ? 2.495   -8.403  8.417   1.00 27.77  ? 28   ILE A CB  1 
ATOM   200  C  CG1 . ILE A 1 28  ? 3.133   -7.509  7.350   1.00 27.40  ? 28   ILE A CG1 1 
ATOM   201  C  CG2 . ILE A 1 28  ? 1.064   -8.763  8.044   1.00 23.56  ? 28   ILE A CG2 1 
ATOM   202  C  CD1 . ILE A 1 28  ? 2.371   -6.240  7.080   1.00 28.07  ? 28   ILE A CD1 1 
ATOM   203  N  N   . PRO A 1 29  ? 0.971   -8.566  11.499  1.00 30.07  ? 29   PRO A N   1 
ATOM   204  C  CA  . PRO A 1 29  ? 0.531   -9.550  12.494  1.00 30.76  ? 29   PRO A CA  1 
ATOM   205  C  C   . PRO A 1 29  ? 0.375   -10.948 11.893  1.00 31.96  ? 29   PRO A C   1 
ATOM   206  O  O   . PRO A 1 29  ? -0.417  -11.164 10.975  1.00 33.62  ? 29   PRO A O   1 
ATOM   207  C  CB  . PRO A 1 29  ? -0.787  -8.964  13.008  1.00 30.71  ? 29   PRO A CB  1 
ATOM   208  C  CG  . PRO A 1 29  ? -1.245  -8.073  11.886  1.00 31.68  ? 29   PRO A CG  1 
ATOM   209  C  CD  . PRO A 1 29  ? 0.032   -7.436  11.422  1.00 29.91  ? 29   PRO A CD  1 
ATOM   210  N  N   . SER A 1 30  ? 1.144   -11.889 12.429  1.00 33.59  ? 30   SER A N   1 
ATOM   211  C  CA  . SER A 1 30  ? 1.158   -13.279 11.973  1.00 35.78  ? 30   SER A CA  1 
ATOM   212  C  C   . SER A 1 30  ? -0.199  -13.922 11.700  1.00 36.38  ? 30   SER A C   1 
ATOM   213  O  O   . SER A 1 30  ? -0.293  -14.879 10.928  1.00 36.28  ? 30   SER A O   1 
ATOM   214  C  CB  . SER A 1 30  ? 1.908   -14.140 12.988  1.00 36.51  ? 30   SER A CB  1 
ATOM   215  O  OG  . SER A 1 30  ? 1.241   -14.123 14.240  1.00 40.76  ? 30   SER A OG  1 
ATOM   216  N  N   . ASP A 1 31  ? -1.251  -13.420 12.329  1.00 37.89  ? 31   ASP A N   1 
ATOM   217  C  CA  . ASP A 1 31  ? -2.561  -14.010 12.124  1.00 39.55  ? 31   ASP A CA  1 
ATOM   218  C  C   . ASP A 1 31  ? -3.432  -13.196 11.184  1.00 39.72  ? 31   ASP A C   1 
ATOM   219  O  O   . ASP A 1 31  ? -4.647  -13.368 11.142  1.00 40.45  ? 31   ASP A O   1 
ATOM   220  C  CB  . ASP A 1 31  ? -3.267  -14.199 13.467  1.00 41.10  ? 31   ASP A CB  1 
ATOM   221  C  CG  . ASP A 1 31  ? -3.647  -12.887 14.115  1.00 43.78  ? 31   ASP A CG  1 
ATOM   222  O  OD1 . ASP A 1 31  ? -2.820  -11.948 14.112  1.00 44.41  ? 31   ASP A OD1 1 
ATOM   223  O  OD2 . ASP A 1 31  ? -4.779  -12.802 14.644  1.00 47.11  ? 31   ASP A OD2 1 
HETATM 224  N  N   . MSE A 1 32  ? -2.818  -12.320 10.406  1.00 40.54  ? 32   MSE A N   1 
HETATM 225  C  CA  . MSE A 1 32  ? -3.599  -11.518 9.493   1.00 40.99  ? 32   MSE A CA  1 
HETATM 226  C  C   . MSE A 1 32  ? -3.741  -12.132 8.112   1.00 37.75  ? 32   MSE A C   1 
HETATM 227  O  O   . MSE A 1 32  ? -2.889  -12.902 7.683   1.00 36.84  ? 32   MSE A O   1 
HETATM 228  C  CB  . MSE A 1 32  ? -2.989  -10.141 9.346   1.00 47.75  ? 32   MSE A CB  1 
HETATM 229  C  CG  . MSE A 1 32  ? -3.910  -9.233  8.579   1.00 59.27  ? 32   MSE A CG  1 
HETATM 230  SE SE  . MSE A 1 32  ? -3.446  -7.422  8.832   1.00 74.59  ? 32   MSE A SE  1 
HETATM 231  C  CE  . MSE A 1 32  ? -4.445  -7.169  10.494  1.00 71.25  ? 32   MSE A CE  1 
ATOM   232  N  N   . GLU A 1 33  ? -4.819  -11.790 7.410   1.00 34.03  ? 33   GLU A N   1 
ATOM   233  C  CA  . GLU A 1 33  ? -5.016  -12.309 6.063   1.00 31.14  ? 33   GLU A CA  1 
ATOM   234  C  C   . GLU A 1 33  ? -4.395  -11.303 5.101   1.00 29.15  ? 33   GLU A C   1 
ATOM   235  O  O   . GLU A 1 33  ? -4.847  -10.161 4.977   1.00 27.92  ? 33   GLU A O   1 
ATOM   236  C  CB  . GLU A 1 33  ? -6.498  -12.501 5.761   1.00 30.97  ? 33   GLU A CB  1 
ATOM   237  C  CG  . GLU A 1 33  ? -7.226  -13.375 6.769   1.00 29.78  ? 33   GLU A CG  1 
ATOM   238  C  CD  . GLU A 1 33  ? -8.669  -13.627 6.376   1.00 30.66  ? 33   GLU A CD  1 
ATOM   239  O  OE1 . GLU A 1 33  ? -8.894  -14.271 5.335   1.00 30.82  ? 33   GLU A OE1 1 
ATOM   240  O  OE2 . GLU A 1 33  ? -9.580  -13.173 7.100   1.00 32.34  ? 33   GLU A OE2 1 
ATOM   241  N  N   . ILE A 1 34  ? -3.341  -11.743 4.428   1.00 27.76  ? 34   ILE A N   1 
ATOM   242  C  CA  . ILE A 1 34  ? -2.611  -10.894 3.508   1.00 24.95  ? 34   ILE A CA  1 
ATOM   243  C  C   . ILE A 1 34  ? -2.574  -11.528 2.117   1.00 24.34  ? 34   ILE A C   1 
ATOM   244  O  O   . ILE A 1 34  ? -3.089  -12.629 1.911   1.00 22.99  ? 34   ILE A O   1 
ATOM   245  C  CB  . ILE A 1 34  ? -1.171  -10.691 4.023   1.00 23.65  ? 34   ILE A CB  1 
ATOM   246  C  CG1 . ILE A 1 34  ? -0.427  -12.027 4.015   1.00 22.10  ? 34   ILE A CG1 1 
ATOM   247  C  CG2 . ILE A 1 34  ? -1.206  -10.128 5.439   1.00 19.38  ? 34   ILE A CG2 1 
ATOM   248  C  CD1 . ILE A 1 34  ? 1.039   -11.921 4.359   1.00 24.99  ? 34   ILE A CD1 1 
ATOM   249  N  N   . THR A 1 35  ? -1.972  -10.821 1.164   1.00 24.56  ? 35   THR A N   1 
ATOM   250  C  CA  . THR A 1 35  ? -1.844  -11.324 -0.191  1.00 24.27  ? 35   THR A CA  1 
ATOM   251  C  C   . THR A 1 35  ? -0.730  -10.606 -0.954  1.00 24.48  ? 35   THR A C   1 
ATOM   252  O  O   . THR A 1 35  ? -0.312  -9.500  -0.589  1.00 23.67  ? 35   THR A O   1 
ATOM   253  C  CB  . THR A 1 35  ? -3.169  -11.167 -0.992  1.00 24.61  ? 35   THR A CB  1 
ATOM   254  O  OG1 . THR A 1 35  ? -3.020  -11.762 -2.287  1.00 22.28  ? 35   THR A OG1 1 
ATOM   255  C  CG2 . THR A 1 35  ? -3.527  -9.693  -1.176  1.00 26.59  ? 35   THR A CG2 1 
ATOM   256  N  N   . ALA A 1 36  ? -0.248  -11.275 -2.002  1.00 23.76  ? 36   ALA A N   1 
ATOM   257  C  CA  . ALA A 1 36  ? 0.777   -10.760 -2.899  1.00 22.98  ? 36   ALA A CA  1 
ATOM   258  C  C   . ALA A 1 36  ? -0.029  -10.472 -4.167  1.00 23.81  ? 36   ALA A C   1 
ATOM   259  O  O   . ALA A 1 36  ? -0.951  -11.218 -4.488  1.00 24.18  ? 36   ALA A O   1 
ATOM   260  C  CB  . ALA A 1 36  ? 1.827   -11.823 -3.163  1.00 22.66  ? 36   ALA A CB  1 
ATOM   261  N  N   . ILE A 1 37  ? 0.292   -9.399  -4.880  1.00 24.23  ? 37   ILE A N   1 
ATOM   262  C  CA  . ILE A 1 37  ? -0.476  -9.056  -6.072  1.00 25.35  ? 37   ILE A CA  1 
ATOM   263  C  C   . ILE A 1 37  ? 0.400   -8.966  -7.333  1.00 26.33  ? 37   ILE A C   1 
ATOM   264  O  O   . ILE A 1 37  ? 1.542   -8.503  -7.283  1.00 26.18  ? 37   ILE A O   1 
ATOM   265  C  CB  . ILE A 1 37  ? -1.267  -7.718  -5.817  1.00 24.58  ? 37   ILE A CB  1 
ATOM   266  C  CG1 . ILE A 1 37  ? -2.196  -7.388  -6.987  1.00 25.20  ? 37   ILE A CG1 1 
ATOM   267  C  CG2 . ILE A 1 37  ? -0.291  -6.572  -5.570  1.00 26.02  ? 37   ILE A CG2 1 
ATOM   268  C  CD1 . ILE A 1 37  ? -3.159  -6.238  -6.691  1.00 22.25  ? 37   ILE A CD1 1 
ATOM   269  N  N   . ASN A 1 38  ? -0.136  -9.439  -8.454  1.00 26.72  ? 38   ASN A N   1 
ATOM   270  C  CA  . ASN A 1 38  ? 0.589   -9.414  -9.710  1.00 27.84  ? 38   ASN A CA  1 
ATOM   271  C  C   . ASN A 1 38  ? 0.987   -7.980  -10.040 1.00 28.92  ? 38   ASN A C   1 
ATOM   272  O  O   . ASN A 1 38  ? 0.302   -7.029  -9.642  1.00 29.96  ? 38   ASN A O   1 
ATOM   273  C  CB  . ASN A 1 38  ? -0.278  -9.979  -10.834 1.00 28.12  ? 38   ASN A CB  1 
ATOM   274  C  CG  . ASN A 1 38  ? -1.567  -9.208  -11.015 1.00 28.45  ? 38   ASN A CG  1 
ATOM   275  O  OD1 . ASN A 1 38  ? -2.483  -9.312  -10.202 1.00 31.15  ? 38   ASN A OD1 1 
ATOM   276  N  ND2 . ASN A 1 38  ? -1.638  -8.413  -12.072 1.00 28.23  ? 38   ASN A ND2 1 
ATOM   277  N  N   . PRO A 1 39  ? 2.091   -7.802  -10.782 1.00 28.69  ? 39   PRO A N   1 
ATOM   278  C  CA  . PRO A 1 39  ? 2.596   -6.481  -11.171 1.00 29.18  ? 39   PRO A CA  1 
ATOM   279  C  C   . PRO A 1 39  ? 1.663   -5.605  -12.016 1.00 30.83  ? 39   PRO A C   1 
ATOM   280  O  O   . PRO A 1 39  ? 1.621   -4.389  -11.832 1.00 32.69  ? 39   PRO A O   1 
ATOM   281  C  CB  . PRO A 1 39  ? 3.906   -6.813  -11.881 1.00 28.04  ? 39   PRO A CB  1 
ATOM   282  C  CG  . PRO A 1 39  ? 3.653   -8.166  -12.449 1.00 28.93  ? 39   PRO A CG  1 
ATOM   283  C  CD  . PRO A 1 39  ? 2.944   -8.872  -11.327 1.00 28.66  ? 39   PRO A CD  1 
ATOM   284  N  N   . ALA A 1 40  ? 0.914   -6.212  -12.932 1.00 31.48  ? 40   ALA A N   1 
ATOM   285  C  CA  . ALA A 1 40  ? 0.004   -5.464  -13.800 1.00 31.64  ? 40   ALA A CA  1 
ATOM   286  C  C   . ALA A 1 40  ? -1.069  -4.708  -13.028 1.00 32.63  ? 40   ALA A C   1 
ATOM   287  O  O   . ALA A 1 40  ? -1.244  -3.503  -13.209 1.00 34.00  ? 40   ALA A O   1 
ATOM   288  C  CB  . ALA A 1 40  ? -0.649  -6.408  -14.796 1.00 31.60  ? 40   ALA A CB  1 
ATOM   289  N  N   . ASP A 1 41  ? -1.792  -5.430  -12.181 1.00 33.05  ? 41   ASP A N   1 
ATOM   290  C  CA  . ASP A 1 41  ? -2.858  -4.856  -11.372 1.00 33.98  ? 41   ASP A CA  1 
ATOM   291  C  C   . ASP A 1 41  ? -2.266  -3.981  -10.268 1.00 34.68  ? 41   ASP A C   1 
ATOM   292  O  O   . ASP A 1 41  ? -2.897  -3.025  -9.821  1.00 35.52  ? 41   ASP A O   1 
ATOM   293  C  CB  . ASP A 1 41  ? -3.707  -5.976  -10.753 1.00 36.15  ? 41   ASP A CB  1 
ATOM   294  C  CG  . ASP A 1 41  ? -4.410  -6.838  -11.806 1.00 37.91  ? 41   ASP A CG  1 
ATOM   295  O  OD1 . ASP A 1 41  ? -4.594  -8.052  -11.558 1.00 37.33  ? 41   ASP A OD1 1 
ATOM   296  O  OD2 . ASP A 1 41  ? -4.789  -6.302  -12.873 1.00 37.90  ? 41   ASP A OD2 1 
ATOM   297  N  N   . LEU A 1 42  ? -1.059  -4.314  -9.818  1.00 34.62  ? 42   LEU A N   1 
ATOM   298  C  CA  . LEU A 1 42  ? -0.401  -3.543  -8.766  1.00 33.82  ? 42   LEU A CA  1 
ATOM   299  C  C   . LEU A 1 42  ? -0.305  -2.074  -9.185  1.00 35.61  ? 42   LEU A C   1 
ATOM   300  O  O   . LEU A 1 42  ? -0.777  -1.182  -8.480  1.00 35.51  ? 42   LEU A O   1 
ATOM   301  C  CB  . LEU A 1 42  ? 1.011   -4.080  -8.514  1.00 30.25  ? 42   LEU A CB  1 
ATOM   302  C  CG  . LEU A 1 42  ? 1.685   -3.901  -7.147  1.00 29.33  ? 42   LEU A CG  1 
ATOM   303  C  CD1 . LEU A 1 42  ? 3.164   -3.653  -7.376  1.00 25.18  ? 42   LEU A CD1 1 
ATOM   304  C  CD2 . LEU A 1 42  ? 1.072   -2.773  -6.349  1.00 26.25  ? 42   LEU A CD2 1 
ATOM   305  N  N   . ASN A 1 43  ? 0.299   -1.838  -10.347 1.00 36.98  ? 43   ASN A N   1 
ATOM   306  C  CA  . ASN A 1 43  ? 0.496   -0.494  -10.865 1.00 38.63  ? 43   ASN A CA  1 
ATOM   307  C  C   . ASN A 1 43  ? -0.711  0.074   -11.599 1.00 40.34  ? 43   ASN A C   1 
ATOM   308  O  O   . ASN A 1 43  ? -0.678  0.271   -12.810 1.00 41.95  ? 43   ASN A O   1 
ATOM   309  C  CB  . ASN A 1 43  ? 1.717   -0.480  -11.778 1.00 38.64  ? 43   ASN A CB  1 
ATOM   310  C  CG  . ASN A 1 43  ? 2.919   -1.160  -11.142 1.00 40.69  ? 43   ASN A CG  1 
ATOM   311  O  OD1 . ASN A 1 43  ? 3.266   -0.896  -9.984  1.00 40.65  ? 43   ASN A OD1 1 
ATOM   312  N  ND2 . ASN A 1 43  ? 3.564   -2.042  -11.897 1.00 41.46  ? 43   ASN A ND2 1 
ATOM   313  N  N   . TYR A 1 44  ? -1.771  0.352   -10.849 1.00 42.07  ? 44   TYR A N   1 
ATOM   314  C  CA  . TYR A 1 44  ? -2.996  0.899   -11.409 1.00 42.81  ? 44   TYR A CA  1 
ATOM   315  C  C   . TYR A 1 44  ? -2.903  2.401   -11.625 1.00 42.93  ? 44   TYR A C   1 
ATOM   316  O  O   . TYR A 1 44  ? -2.266  3.113   -10.846 1.00 43.03  ? 44   TYR A O   1 
ATOM   317  C  CB  . TYR A 1 44  ? -4.168  0.590   -10.477 1.00 45.44  ? 44   TYR A CB  1 
ATOM   318  C  CG  . TYR A 1 44  ? -5.492  1.214   -10.872 1.00 48.11  ? 44   TYR A CG  1 
ATOM   319  C  CD1 . TYR A 1 44  ? -5.879  2.461   -10.376 1.00 48.58  ? 44   TYR A CD1 1 
ATOM   320  C  CD2 . TYR A 1 44  ? -6.376  0.537   -11.715 1.00 50.44  ? 44   TYR A CD2 1 
ATOM   321  C  CE1 . TYR A 1 44  ? -7.122  3.013   -10.708 1.00 51.53  ? 44   TYR A CE1 1 
ATOM   322  C  CE2 . TYR A 1 44  ? -7.617  1.075   -12.055 1.00 52.44  ? 44   TYR A CE2 1 
ATOM   323  C  CZ  . TYR A 1 44  ? -7.986  2.310   -11.550 1.00 52.94  ? 44   TYR A CZ  1 
ATOM   324  O  OH  . TYR A 1 44  ? -9.221  2.830   -11.886 1.00 53.52  ? 44   TYR A OH  1 
ATOM   325  N  N   . GLY A 1 45  ? -3.553  2.870   -12.687 1.00 42.31  ? 45   GLY A N   1 
ATOM   326  C  CA  . GLY A 1 45  ? -3.561  4.286   -13.000 1.00 40.59  ? 45   GLY A CA  1 
ATOM   327  C  C   . GLY A 1 45  ? -2.190  4.825   -13.353 1.00 40.26  ? 45   GLY A C   1 
ATOM   328  O  O   . GLY A 1 45  ? -1.965  6.035   -13.329 1.00 40.53  ? 45   GLY A O   1 
ATOM   329  N  N   . GLY A 1 46  ? -1.268  3.928   -13.681 1.00 39.61  ? 46   GLY A N   1 
ATOM   330  C  CA  . GLY A 1 46  ? 0.071   4.353   -14.033 1.00 38.36  ? 46   GLY A CA  1 
ATOM   331  C  C   . GLY A 1 46  ? 0.957   4.669   -12.838 1.00 37.32  ? 46   GLY A C   1 
ATOM   332  O  O   . GLY A 1 46  ? 2.121   5.022   -13.017 1.00 38.17  ? 46   GLY A O   1 
ATOM   333  N  N   . VAL A 1 47  ? 0.413   4.549   -11.626 1.00 35.34  ? 47   VAL A N   1 
ATOM   334  C  CA  . VAL A 1 47  ? 1.154   4.817   -10.391 1.00 32.04  ? 47   VAL A CA  1 
ATOM   335  C  C   . VAL A 1 47  ? 1.744   3.514   -9.838  1.00 32.29  ? 47   VAL A C   1 
ATOM   336  O  O   . VAL A 1 47  ? 1.014   2.565   -9.557  1.00 33.43  ? 47   VAL A O   1 
ATOM   337  C  CB  . VAL A 1 47  ? 0.235   5.432   -9.294  1.00 29.43  ? 47   VAL A CB  1 
ATOM   338  C  CG1 . VAL A 1 47  ? 1.023   5.678   -8.023  1.00 27.11  ? 47   VAL A CG1 1 
ATOM   339  C  CG2 . VAL A 1 47  ? -0.392  6.724   -9.788  1.00 26.29  ? 47   VAL A CG2 1 
ATOM   340  N  N   . LYS A 1 48  ? 3.064   3.474   -9.683  1.00 31.10  ? 48   LYS A N   1 
ATOM   341  C  CA  . LYS A 1 48  ? 3.732   2.297   -9.153  1.00 29.44  ? 48   LYS A CA  1 
ATOM   342  C  C   . LYS A 1 48  ? 3.284   1.977   -7.729  1.00 29.83  ? 48   LYS A C   1 
ATOM   343  O  O   . LYS A 1 48  ? 3.197   2.863   -6.882  1.00 29.40  ? 48   LYS A O   1 
ATOM   344  C  CB  . LYS A 1 48  ? 5.244   2.488   -9.195  1.00 29.19  ? 48   LYS A CB  1 
ATOM   345  C  CG  . LYS A 1 48  ? 5.868   1.984   -10.475 1.00 31.64  ? 48   LYS A CG  1 
ATOM   346  C  CD  . LYS A 1 48  ? 6.769   3.012   -11.107 1.00 34.17  ? 48   LYS A CD  1 
ATOM   347  C  CE  . LYS A 1 48  ? 7.971   3.305   -10.254 1.00 37.19  ? 48   LYS A CE  1 
ATOM   348  N  NZ  . LYS A 1 48  ? 8.656   4.493   -10.818 1.00 39.05  ? 48   LYS A NZ  1 
ATOM   349  N  N   . ALA A 1 49  ? 3.001   0.698   -7.474  1.00 29.08  ? 49   ALA A N   1 
ATOM   350  C  CA  . ALA A 1 49  ? 2.553   0.244   -6.159  1.00 26.72  ? 49   ALA A CA  1 
ATOM   351  C  C   . ALA A 1 49  ? 1.274   0.969   -5.749  1.00 26.09  ? 49   ALA A C   1 
ATOM   352  O  O   . ALA A 1 49  ? 1.063   1.277   -4.572  1.00 26.92  ? 49   ALA A O   1 
ATOM   353  C  CB  . ALA A 1 49  ? 3.650   0.459   -5.119  1.00 24.01  ? 49   ALA A CB  1 
ATOM   354  N  N   . ALA A 1 50  ? 0.419   1.228   -6.736  1.00 25.40  ? 50   ALA A N   1 
ATOM   355  C  CA  . ALA A 1 50  ? -0.852  1.909   -6.514  1.00 24.45  ? 50   ALA A CA  1 
ATOM   356  C  C   . ALA A 1 50  ? -1.722  1.170   -5.501  1.00 24.99  ? 50   ALA A C   1 
ATOM   357  O  O   . ALA A 1 50  ? -2.331  1.789   -4.625  1.00 23.78  ? 50   ALA A O   1 
ATOM   358  C  CB  . ALA A 1 50  ? -1.596  2.047   -7.836  1.00 22.98  ? 50   ALA A CB  1 
ATOM   359  N  N   . LEU A 1 51  ? -1.776  -0.155  -5.621  1.00 25.73  ? 51   LEU A N   1 
ATOM   360  C  CA  . LEU A 1 51  ? -2.588  -0.973  -4.723  1.00 26.29  ? 51   LEU A CA  1 
ATOM   361  C  C   . LEU A 1 51  ? -1.817  -1.524  -3.530  1.00 26.42  ? 51   LEU A C   1 
ATOM   362  O  O   . LEU A 1 51  ? -2.327  -2.350  -2.767  1.00 27.39  ? 51   LEU A O   1 
ATOM   363  C  CB  . LEU A 1 51  ? -3.235  -2.124  -5.490  1.00 26.93  ? 51   LEU A CB  1 
ATOM   364  C  CG  . LEU A 1 51  ? -4.132  -1.707  -6.652  1.00 27.79  ? 51   LEU A CG  1 
ATOM   365  C  CD1 . LEU A 1 51  ? -4.958  -2.911  -7.084  1.00 28.59  ? 51   LEU A CD1 1 
ATOM   366  C  CD2 . LEU A 1 51  ? -5.042  -0.563  -6.225  1.00 28.16  ? 51   LEU A CD2 1 
ATOM   367  N  N   . ALA A 1 52  ? -0.584  -1.066  -3.367  1.00 24.92  ? 52   ALA A N   1 
ATOM   368  C  CA  . ALA A 1 52  ? 0.227   -1.490  -2.246  1.00 24.54  ? 52   ALA A CA  1 
ATOM   369  C  C   . ALA A 1 52  ? -0.474  -0.986  -0.986  1.00 25.55  ? 52   ALA A C   1 
ATOM   370  O  O   . ALA A 1 52  ? -0.858  0.183   -0.907  1.00 27.26  ? 52   ALA A O   1 
ATOM   371  C  CB  . ALA A 1 52  ? 1.626   -0.891  -2.356  1.00 23.02  ? 52   ALA A CB  1 
ATOM   372  N  N   . GLY A 1 53  ? -0.662  -1.871  -0.009  1.00 25.74  ? 53   GLY A N   1 
ATOM   373  C  CA  . GLY A 1 53  ? -1.313  -1.482  1.233   1.00 24.00  ? 53   GLY A CA  1 
ATOM   374  C  C   . GLY A 1 53  ? -2.826  -1.381  1.150   1.00 24.48  ? 53   GLY A C   1 
ATOM   375  O  O   . GLY A 1 53  ? -3.475  -0.957  2.103   1.00 23.85  ? 53   GLY A O   1 
ATOM   376  N  N   . SER A 1 54  ? -3.397  -1.756  0.012   1.00 25.07  ? 54   SER A N   1 
ATOM   377  C  CA  . SER A 1 54  ? -4.842  -1.704  -0.141  1.00 25.79  ? 54   SER A CA  1 
ATOM   378  C  C   . SER A 1 54  ? -5.436  -3.007  0.374   1.00 26.89  ? 54   SER A C   1 
ATOM   379  O  O   . SER A 1 54  ? -4.707  -3.937  0.728   1.00 26.71  ? 54   SER A O   1 
ATOM   380  C  CB  . SER A 1 54  ? -5.220  -1.547  -1.610  1.00 24.96  ? 54   SER A CB  1 
ATOM   381  O  OG  . SER A 1 54  ? -4.927  -2.740  -2.320  1.00 21.07  ? 54   SER A OG  1 
ATOM   382  N  N   . TYR A 1 55  ? -6.762  -3.063  0.411   1.00 27.99  ? 55   TYR A N   1 
ATOM   383  C  CA  . TYR A 1 55  ? -7.476  -4.256  0.840   1.00 28.60  ? 55   TYR A CA  1 
ATOM   384  C  C   . TYR A 1 55  ? -8.373  -4.715  -0.292  1.00 29.99  ? 55   TYR A C   1 
ATOM   385  O  O   . TYR A 1 55  ? -9.085  -3.913  -0.903  1.00 30.20  ? 55   TYR A O   1 
ATOM   386  C  CB  . TYR A 1 55  ? -8.307  -3.977  2.081   1.00 28.01  ? 55   TYR A CB  1 
ATOM   387  C  CG  . TYR A 1 55  ? -7.466  -3.785  3.315   1.00 29.40  ? 55   TYR A CG  1 
ATOM   388  C  CD1 . TYR A 1 55  ? -6.754  -2.602  3.520   1.00 29.39  ? 55   TYR A CD1 1 
ATOM   389  C  CD2 . TYR A 1 55  ? -7.372  -4.789  4.278   1.00 29.05  ? 55   TYR A CD2 1 
ATOM   390  C  CE1 . TYR A 1 55  ? -5.972  -2.422  4.656   1.00 29.02  ? 55   TYR A CE1 1 
ATOM   391  C  CE2 . TYR A 1 55  ? -6.591  -4.617  5.419   1.00 29.51  ? 55   TYR A CE2 1 
ATOM   392  C  CZ  . TYR A 1 55  ? -5.898  -3.431  5.602   1.00 29.28  ? 55   TYR A CZ  1 
ATOM   393  O  OH  . TYR A 1 55  ? -5.157  -3.234  6.740   1.00 29.36  ? 55   TYR A OH  1 
ATOM   394  N  N   . LEU A 1 56  ? -8.328  -6.013  -0.570  1.00 30.76  ? 56   LEU A N   1 
ATOM   395  C  CA  . LEU A 1 56  ? -9.115  -6.606  -1.642  1.00 30.95  ? 56   LEU A CA  1 
ATOM   396  C  C   . LEU A 1 56  ? -10.117 -7.595  -1.082  1.00 31.96  ? 56   LEU A C   1 
ATOM   397  O  O   . LEU A 1 56  ? -9.835  -8.295  -0.112  1.00 32.54  ? 56   LEU A O   1 
ATOM   398  C  CB  . LEU A 1 56  ? -8.205  -7.349  -2.614  1.00 30.11  ? 56   LEU A CB  1 
ATOM   399  C  CG  . LEU A 1 56  ? -6.957  -6.629  -3.123  1.00 30.74  ? 56   LEU A CG  1 
ATOM   400  C  CD1 . LEU A 1 56  ? -6.120  -7.616  -3.916  1.00 28.22  ? 56   LEU A CD1 1 
ATOM   401  C  CD2 . LEU A 1 56  ? -7.345  -5.426  -3.974  1.00 28.56  ? 56   LEU A CD2 1 
ATOM   402  N  N   . GLU A 1 57  ? -11.293 -7.653  -1.687  1.00 32.53  ? 57   GLU A N   1 
ATOM   403  C  CA  . GLU A 1 57  ? -12.282 -8.611  -1.239  1.00 33.59  ? 57   GLU A CA  1 
ATOM   404  C  C   . GLU A 1 57  ? -12.189 -9.731  -2.266  1.00 33.52  ? 57   GLU A C   1 
ATOM   405  O  O   . GLU A 1 57  ? -12.470 -9.519  -3.442  1.00 34.11  ? 57   GLU A O   1 
ATOM   406  C  CB  . GLU A 1 57  ? -13.669 -8.002  -1.243  1.00 33.90  ? 57   GLU A CB  1 
ATOM   407  C  CG  . GLU A 1 57  ? -14.657 -8.777  -0.415  1.00 37.03  ? 57   GLU A CG  1 
ATOM   408  C  CD  . GLU A 1 57  ? -16.071 -8.606  -0.915  1.00 39.25  ? 57   GLU A CD  1 
ATOM   409  O  OE1 . GLU A 1 57  ? -16.998 -8.642  -0.079  1.00 39.53  ? 57   GLU A OE1 1 
ATOM   410  O  OE2 . GLU A 1 57  ? -16.253 -8.446  -2.147  1.00 40.96  ? 57   GLU A OE2 1 
ATOM   411  N  N   . VAL A 1 58  ? -11.770 -10.914 -1.827  1.00 33.13  ? 58   VAL A N   1 
ATOM   412  C  CA  . VAL A 1 58  ? -11.609 -12.038 -2.739  1.00 32.57  ? 58   VAL A CA  1 
ATOM   413  C  C   . VAL A 1 58  ? -12.677 -13.110 -2.546  1.00 33.27  ? 58   VAL A C   1 
ATOM   414  O  O   . VAL A 1 58  ? -13.056 -13.443 -1.421  1.00 32.25  ? 58   VAL A O   1 
ATOM   415  C  CB  . VAL A 1 58  ? -10.205 -12.686 -2.580  1.00 31.21  ? 58   VAL A CB  1 
ATOM   416  C  CG1 . VAL A 1 58  ? -9.895  -13.577 -3.782  1.00 30.02  ? 58   VAL A CG1 1 
ATOM   417  C  CG2 . VAL A 1 58  ? -9.150  -11.606 -2.423  1.00 28.74  ? 58   VAL A CG2 1 
ATOM   418  N  N   . GLU A 1 59  ? -13.161 -13.640 -3.661  1.00 34.27  ? 59   GLU A N   1 
ATOM   419  C  CA  . GLU A 1 59  ? -14.180 -14.666 -3.627  1.00 36.42  ? 59   GLU A CA  1 
ATOM   420  C  C   . GLU A 1 59  ? -13.722 -15.914 -4.346  1.00 36.28  ? 59   GLU A C   1 
ATOM   421  O  O   . GLU A 1 59  ? -13.295 -15.871 -5.501  1.00 34.62  ? 59   GLU A O   1 
ATOM   422  C  CB  . GLU A 1 59  ? -15.482 -14.163 -4.263  1.00 40.70  ? 59   GLU A CB  1 
ATOM   423  C  CG  . GLU A 1 59  ? -16.588 -15.215 -4.283  1.00 46.98  ? 59   GLU A CG  1 
ATOM   424  C  CD  . GLU A 1 59  ? -17.877 -14.744 -4.937  1.00 51.29  ? 59   GLU A CD  1 
ATOM   425  O  OE1 . GLU A 1 59  ? -18.786 -15.585 -5.108  1.00 54.37  ? 59   GLU A OE1 1 
ATOM   426  O  OE2 . GLU A 1 59  ? -17.991 -13.542 -5.277  1.00 55.88  ? 59   GLU A OE2 1 
ATOM   427  N  N   . GLY A 1 60  ? -13.812 -17.033 -3.643  1.00 37.78  ? 60   GLY A N   1 
ATOM   428  C  CA  . GLY A 1 60  ? -13.421 -18.300 -4.218  1.00 40.35  ? 60   GLY A CA  1 
ATOM   429  C  C   . GLY A 1 60  ? -14.609 -19.239 -4.201  1.00 42.17  ? 60   GLY A C   1 
ATOM   430  O  O   . GLY A 1 60  ? -15.703 -18.862 -3.772  1.00 42.44  ? 60   GLY A O   1 
ATOM   431  N  N   . PRO A 1 61  ? -14.426 -20.482 -4.658  1.00 43.36  ? 61   PRO A N   1 
ATOM   432  C  CA  . PRO A 1 61  ? -15.517 -21.457 -4.679  1.00 43.43  ? 61   PRO A CA  1 
ATOM   433  C  C   . PRO A 1 61  ? -16.141 -21.791 -3.320  1.00 43.64  ? 61   PRO A C   1 
ATOM   434  O  O   . PRO A 1 61  ? -17.158 -22.482 -3.266  1.00 46.42  ? 61   PRO A O   1 
ATOM   435  C  CB  . PRO A 1 61  ? -14.876 -22.671 -5.357  1.00 43.10  ? 61   PRO A CB  1 
ATOM   436  C  CG  . PRO A 1 61  ? -13.426 -22.536 -5.001  1.00 43.92  ? 61   PRO A CG  1 
ATOM   437  C  CD  . PRO A 1 61  ? -13.182 -21.065 -5.191  1.00 43.45  ? 61   PRO A CD  1 
ATOM   438  N  N   . LYS A 1 62  ? -15.555 -21.298 -2.231  1.00 42.81  ? 62   LYS A N   1 
ATOM   439  C  CA  . LYS A 1 62  ? -16.078 -21.567 -0.889  1.00 40.82  ? 62   LYS A CA  1 
ATOM   440  C  C   . LYS A 1 62  ? -16.587 -20.328 -0.162  1.00 40.01  ? 62   LYS A C   1 
ATOM   441  O  O   . LYS A 1 62  ? -17.285 -20.442 0.847   1.00 41.19  ? 62   LYS A O   1 
ATOM   442  C  CB  . LYS A 1 62  ? -15.014 -22.226 -0.011  1.00 42.01  ? 62   LYS A CB  1 
ATOM   443  C  CG  . LYS A 1 62  ? -14.972 -23.742 -0.041  1.00 43.13  ? 62   LYS A CG  1 
ATOM   444  C  CD  . LYS A 1 62  ? -13.840 -24.258 0.841   1.00 43.72  ? 62   LYS A CD  1 
ATOM   445  C  CE  . LYS A 1 62  ? -13.895 -23.664 2.243   1.00 43.95  ? 62   LYS A CE  1 
ATOM   446  N  NZ  . LYS A 1 62  ? -12.699 -24.056 3.041   1.00 46.17  ? 62   LYS A NZ  1 
ATOM   447  N  N   . GLY A 1 63  ? -16.225 -19.144 -0.647  1.00 38.17  ? 63   GLY A N   1 
ATOM   448  C  CA  . GLY A 1 63  ? -16.680 -17.931 0.011   1.00 36.19  ? 63   GLY A CA  1 
ATOM   449  C  C   . GLY A 1 63  ? -15.852 -16.690 -0.265  1.00 35.46  ? 63   GLY A C   1 
ATOM   450  O  O   . GLY A 1 63  ? -15.074 -16.643 -1.217  1.00 35.52  ? 63   GLY A O   1 
ATOM   451  N  N   . LYS A 1 64  ? -16.023 -15.676 0.572   1.00 35.26  ? 64   LYS A N   1 
ATOM   452  C  CA  . LYS A 1 64  ? -15.290 -14.434 0.408   1.00 35.82  ? 64   LYS A CA  1 
ATOM   453  C  C   . LYS A 1 64  ? -14.519 -14.071 1.659   1.00 34.61  ? 64   LYS A C   1 
ATOM   454  O  O   . LYS A 1 64  ? -14.811 -14.546 2.759   1.00 33.01  ? 64   LYS A O   1 
ATOM   455  C  CB  . LYS A 1 64  ? -16.236 -13.270 0.067   1.00 38.65  ? 64   LYS A CB  1 
ATOM   456  C  CG  . LYS A 1 64  ? -16.881 -13.353 -1.308  1.00 42.69  ? 64   LYS A CG  1 
ATOM   457  C  CD  . LYS A 1 64  ? -17.555 -12.046 -1.727  1.00 44.79  ? 64   LYS A CD  1 
ATOM   458  C  CE  . LYS A 1 64  ? -18.743 -11.680 -0.846  1.00 47.06  ? 64   LYS A CE  1 
ATOM   459  N  NZ  . LYS A 1 64  ? -19.498 -10.505 -1.404  1.00 49.15  ? 64   LYS A NZ  1 
ATOM   460  N  N   . THR A 1 65  ? -13.529 -13.211 1.473   1.00 33.77  ? 65   THR A N   1 
ATOM   461  C  CA  . THR A 1 65  ? -12.719 -12.743 2.573   1.00 33.06  ? 65   THR A CA  1 
ATOM   462  C  C   . THR A 1 65  ? -11.956 -11.518 2.085   1.00 33.28  ? 65   THR A C   1 
ATOM   463  O  O   . THR A 1 65  ? -11.831 -11.302 0.879   1.00 34.47  ? 65   THR A O   1 
ATOM   464  C  CB  . THR A 1 65  ? -11.750 -13.849 3.065   1.00 32.76  ? 65   THR A CB  1 
ATOM   465  O  OG1 . THR A 1 65  ? -11.117 -13.417 4.273   1.00 33.16  ? 65   THR A OG1 1 
ATOM   466  C  CG2 . THR A 1 65  ? -10.698 -14.169 2.014   1.00 30.82  ? 65   THR A CG2 1 
ATOM   467  N  N   . THR A 1 66  ? -11.487 -10.694 3.016   1.00 32.33  ? 66   THR A N   1 
ATOM   468  C  CA  . THR A 1 66  ? -10.740 -9.501  2.651   1.00 30.35  ? 66   THR A CA  1 
ATOM   469  C  C   . THR A 1 66  ? -9.284  -9.727  3.028   1.00 30.09  ? 66   THR A C   1 
ATOM   470  O  O   . THR A 1 66  ? -8.985  -10.242 4.106   1.00 29.34  ? 66   THR A O   1 
ATOM   471  C  CB  . THR A 1 66  ? -11.266 -8.249  3.385   1.00 29.55  ? 66   THR A CB  1 
ATOM   472  O  OG1 . THR A 1 66  ? -12.657 -8.076  3.099   1.00 30.37  ? 66   THR A OG1 1 
ATOM   473  C  CG2 . THR A 1 66  ? -10.516 -7.012  2.923   1.00 31.57  ? 66   THR A CG2 1 
ATOM   474  N  N   . VAL A 1 67  ? -8.385  -9.350  2.125   1.00 29.25  ? 67   VAL A N   1 
ATOM   475  C  CA  . VAL A 1 67  ? -6.954  -9.513  2.343   1.00 27.80  ? 67   VAL A CA  1 
ATOM   476  C  C   . VAL A 1 67  ? -6.203  -8.184  2.242   1.00 28.48  ? 67   VAL A C   1 
ATOM   477  O  O   . VAL A 1 67  ? -6.644  -7.263  1.555   1.00 29.44  ? 67   VAL A O   1 
ATOM   478  C  CB  . VAL A 1 67  ? -6.345  -10.518 1.329   1.00 26.64  ? 67   VAL A CB  1 
ATOM   479  C  CG1 . VAL A 1 67  ? -6.856  -11.913 1.613   1.00 26.21  ? 67   VAL A CG1 1 
ATOM   480  C  CG2 . VAL A 1 67  ? -6.695  -10.112 -0.089  1.00 25.85  ? 67   VAL A CG2 1 
ATOM   481  N  N   . TYR A 1 68  ? -5.068  -8.100  2.937   1.00 28.35  ? 68   TYR A N   1 
ATOM   482  C  CA  . TYR A 1 68  ? -4.211  -6.910  2.967   1.00 26.25  ? 68   TYR A CA  1 
ATOM   483  C  C   . TYR A 1 68  ? -3.042  -7.121  1.992   1.00 27.17  ? 68   TYR A C   1 
ATOM   484  O  O   . TYR A 1 68  ? -2.282  -8.081  2.127   1.00 27.27  ? 68   TYR A O   1 
ATOM   485  C  CB  . TYR A 1 68  ? -3.715  -6.722  4.401   1.00 24.94  ? 68   TYR A CB  1 
ATOM   486  C  CG  . TYR A 1 68  ? -2.804  -5.548  4.665   1.00 24.42  ? 68   TYR A CG  1 
ATOM   487  C  CD1 . TYR A 1 68  ? -3.067  -4.283  4.130   1.00 23.10  ? 68   TYR A CD1 1 
ATOM   488  C  CD2 . TYR A 1 68  ? -1.711  -5.684  5.525   1.00 23.24  ? 68   TYR A CD2 1 
ATOM   489  C  CE1 . TYR A 1 68  ? -2.263  -3.183  4.453   1.00 20.95  ? 68   TYR A CE1 1 
ATOM   490  C  CE2 . TYR A 1 68  ? -0.904  -4.594  5.854   1.00 20.75  ? 68   TYR A CE2 1 
ATOM   491  C  CZ  . TYR A 1 68  ? -1.184  -3.352  5.320   1.00 19.86  ? 68   TYR A CZ  1 
ATOM   492  O  OH  . TYR A 1 68  ? -0.392  -2.281  5.670   1.00 19.92  ? 68   TYR A OH  1 
ATOM   493  N  N   . VAL A 1 69  ? -2.913  -6.231  1.004   1.00 26.78  ? 69   VAL A N   1 
ATOM   494  C  CA  . VAL A 1 69  ? -1.854  -6.318  -0.016  1.00 25.85  ? 69   VAL A CA  1 
ATOM   495  C  C   . VAL A 1 69  ? -0.489  -5.862  0.548   1.00 25.68  ? 69   VAL A C   1 
ATOM   496  O  O   . VAL A 1 69  ? -0.192  -4.666  0.619   1.00 24.73  ? 69   VAL A O   1 
ATOM   497  C  CB  . VAL A 1 69  ? -2.252  -5.482  -1.282  1.00 24.39  ? 69   VAL A CB  1 
ATOM   498  C  CG1 . VAL A 1 69  ? -1.256  -5.695  -2.419  1.00 22.93  ? 69   VAL A CG1 1 
ATOM   499  C  CG2 . VAL A 1 69  ? -3.639  -5.885  -1.744  1.00 25.82  ? 69   VAL A CG2 1 
ATOM   500  N  N   . THR A 1 70  ? 0.341   -6.834  0.934   1.00 24.89  ? 70   THR A N   1 
ATOM   501  C  CA  . THR A 1 70  ? 1.644   -6.558  1.537   1.00 23.99  ? 70   THR A CA  1 
ATOM   502  C  C   . THR A 1 70  ? 2.868   -6.841  0.660   1.00 24.65  ? 70   THR A C   1 
ATOM   503  O  O   . THR A 1 70  ? 3.980   -6.394  0.969   1.00 24.30  ? 70   THR A O   1 
ATOM   504  C  CB  . THR A 1 70  ? 1.814   -7.359  2.867   1.00 23.92  ? 70   THR A CB  1 
ATOM   505  O  OG1 . THR A 1 70  ? 1.960   -8.757  2.578   1.00 25.03  ? 70   THR A OG1 1 
ATOM   506  C  CG2 . THR A 1 70  ? 0.593   -7.171  3.767   1.00 22.45  ? 70   THR A CG2 1 
ATOM   507  N  N   . ASP A 1 71  ? 2.672   -7.550  -0.447  1.00 24.51  ? 71   ASP A N   1 
ATOM   508  C  CA  . ASP A 1 71  ? 3.799   -7.917  -1.289  1.00 23.87  ? 71   ASP A CA  1 
ATOM   509  C  C   . ASP A 1 71  ? 3.454   -8.027  -2.766  1.00 24.70  ? 71   ASP A C   1 
ATOM   510  O  O   . ASP A 1 71  ? 2.287   -7.985  -3.153  1.00 25.27  ? 71   ASP A O   1 
ATOM   511  C  CB  . ASP A 1 71  ? 4.339   -9.260  -0.790  1.00 24.04  ? 71   ASP A CB  1 
ATOM   512  C  CG  . ASP A 1 71  ? 5.741   -9.552  -1.269  1.00 24.89  ? 71   ASP A CG  1 
ATOM   513  O  OD1 . ASP A 1 71  ? 6.192   -10.692 -1.050  1.00 25.77  ? 71   ASP A OD1 1 
ATOM   514  O  OD2 . ASP A 1 71  ? 6.389   -8.657  -1.843  1.00 25.16  ? 71   ASP A OD2 1 
ATOM   515  N  N   . LEU A 1 72  ? 4.498   -8.178  -3.577  1.00 25.27  ? 72   LEU A N   1 
ATOM   516  C  CA  . LEU A 1 72  ? 4.374   -8.331  -5.017  1.00 26.33  ? 72   LEU A CA  1 
ATOM   517  C  C   . LEU A 1 72  ? 4.412   -9.816  -5.365  1.00 27.18  ? 72   LEU A C   1 
ATOM   518  O  O   . LEU A 1 72  ? 5.122   -10.586 -4.723  1.00 27.10  ? 72   LEU A O   1 
ATOM   519  C  CB  . LEU A 1 72  ? 5.537   -7.633  -5.725  1.00 24.35  ? 72   LEU A CB  1 
ATOM   520  C  CG  . LEU A 1 72  ? 5.651   -7.856  -7.241  1.00 24.00  ? 72   LEU A CG  1 
ATOM   521  C  CD1 . LEU A 1 72  ? 4.626   -7.020  -7.984  1.00 20.27  ? 72   LEU A CD1 1 
ATOM   522  C  CD2 . LEU A 1 72  ? 7.047   -7.488  -7.691  1.00 22.05  ? 72   LEU A CD2 1 
ATOM   523  N  N   . TYR A 1 73  ? 3.647   -10.201 -6.384  1.00 30.36  ? 73   TYR A N   1 
ATOM   524  C  CA  . TYR A 1 73  ? 3.598   -11.585 -6.860  1.00 33.01  ? 73   TYR A CA  1 
ATOM   525  C  C   . TYR A 1 73  ? 4.412   -11.607 -8.164  1.00 33.64  ? 73   TYR A C   1 
ATOM   526  O  O   . TYR A 1 73  ? 3.860   -11.475 -9.255  1.00 34.74  ? 73   TYR A O   1 
ATOM   527  C  CB  . TYR A 1 73  ? 2.142   -11.991 -7.117  1.00 33.45  ? 73   TYR A CB  1 
ATOM   528  C  CG  . TYR A 1 73  ? 1.918   -13.445 -7.493  1.00 34.73  ? 73   TYR A CG  1 
ATOM   529  C  CD1 . TYR A 1 73  ? 2.964   -14.359 -7.513  1.00 34.27  ? 73   TYR A CD1 1 
ATOM   530  C  CD2 . TYR A 1 73  ? 0.642   -13.902 -7.843  1.00 35.68  ? 73   TYR A CD2 1 
ATOM   531  C  CE1 . TYR A 1 73  ? 2.749   -15.694 -7.872  1.00 34.69  ? 73   TYR A CE1 1 
ATOM   532  C  CE2 . TYR A 1 73  ? 0.419   -15.234 -8.200  1.00 35.00  ? 73   TYR A CE2 1 
ATOM   533  C  CZ  . TYR A 1 73  ? 1.472   -16.118 -8.218  1.00 34.05  ? 73   TYR A CZ  1 
ATOM   534  O  OH  . TYR A 1 73  ? 1.245   -17.421 -8.605  1.00 36.07  ? 73   TYR A OH  1 
ATOM   535  N  N   . PRO A 1 74  ? 5.743   -11.778 -8.055  1.00 34.01  ? 74   PRO A N   1 
ATOM   536  C  CA  . PRO A 1 74  ? 6.673   -11.811 -9.186  1.00 35.07  ? 74   PRO A CA  1 
ATOM   537  C  C   . PRO A 1 74  ? 6.277   -12.693 -10.365 1.00 37.14  ? 74   PRO A C   1 
ATOM   538  O  O   . PRO A 1 74  ? 6.080   -13.899 -10.216 1.00 39.04  ? 74   PRO A O   1 
ATOM   539  C  CB  . PRO A 1 74  ? 7.990   -12.243 -8.540  1.00 33.30  ? 74   PRO A CB  1 
ATOM   540  C  CG  . PRO A 1 74  ? 7.558   -13.013 -7.351  1.00 33.77  ? 74   PRO A CG  1 
ATOM   541  C  CD  . PRO A 1 74  ? 6.428   -12.191 -6.821  1.00 32.84  ? 74   PRO A CD  1 
ATOM   542  N  N   . GLU A 1 75  ? 6.169   -12.065 -11.534 1.00 36.90  ? 75   GLU A N   1 
ATOM   543  C  CA  . GLU A 1 75  ? 5.812   -12.745 -12.774 1.00 37.34  ? 75   GLU A CA  1 
ATOM   544  C  C   . GLU A 1 75  ? 4.357   -13.201 -12.794 1.00 36.59  ? 75   GLU A C   1 
ATOM   545  O  O   . GLU A 1 75  ? 3.953   -13.958 -13.676 1.00 37.07  ? 75   GLU A O   1 
ATOM   546  C  CB  . GLU A 1 75  ? 6.715   -13.959 -13.000 1.00 39.54  ? 75   GLU A CB  1 
ATOM   547  C  CG  . GLU A 1 75  ? 8.206   -13.682 -12.907 1.00 43.93  ? 75   GLU A CG  1 
ATOM   548  C  CD  . GLU A 1 75  ? 8.661   -12.604 -13.867 1.00 46.78  ? 75   GLU A CD  1 
ATOM   549  O  OE1 . GLU A 1 75  ? 8.184   -12.587 -15.028 1.00 48.02  ? 75   GLU A OE1 1 
ATOM   550  O  OE2 . GLU A 1 75  ? 9.511   -11.781 -13.460 1.00 50.19  ? 75   GLU A OE2 1 
ATOM   551  N  N   . GLY A 1 76  ? 3.572   -12.751 -11.823 1.00 35.38  ? 76   GLY A N   1 
ATOM   552  C  CA  . GLY A 1 76  ? 2.177   -13.146 -11.765 1.00 36.01  ? 76   GLY A CA  1 
ATOM   553  C  C   . GLY A 1 76  ? 1.381   -12.532 -12.897 1.00 37.31  ? 76   GLY A C   1 
ATOM   554  O  O   . GLY A 1 76  ? 1.690   -11.432 -13.357 1.00 38.30  ? 76   GLY A O   1 
ATOM   555  N  N   . ALA A 1 77  ? 0.352   -13.237 -13.354 1.00 36.52  ? 77   ALA A N   1 
ATOM   556  C  CA  . ALA A 1 77  ? -0.476  -12.733 -14.442 1.00 35.80  ? 77   ALA A CA  1 
ATOM   557  C  C   . ALA A 1 77  ? -1.582  -11.831 -13.909 1.00 35.26  ? 77   ALA A C   1 
ATOM   558  O  O   . ALA A 1 77  ? -1.816  -11.787 -12.706 1.00 35.41  ? 77   ALA A O   1 
ATOM   559  C  CB  . ALA A 1 77  ? -1.078  -13.898 -15.216 1.00 36.98  ? 77   ALA A CB  1 
ATOM   560  N  N   . ARG A 1 78  ? -2.256  -11.106 -14.800 1.00 34.96  ? 78   ARG A N   1 
ATOM   561  C  CA  . ARG A 1 78  ? -3.340  -10.223 -14.387 1.00 36.43  ? 78   ARG A CA  1 
ATOM   562  C  C   . ARG A 1 78  ? -4.413  -11.006 -13.643 1.00 35.50  ? 78   ARG A C   1 
ATOM   563  O  O   . ARG A 1 78  ? -4.727  -12.141 -14.003 1.00 35.98  ? 78   ARG A O   1 
ATOM   564  C  CB  . ARG A 1 78  ? -3.975  -9.525  -15.596 1.00 39.68  ? 78   ARG A CB  1 
ATOM   565  C  CG  . ARG A 1 78  ? -3.358  -8.184  -15.950 1.00 44.69  ? 78   ARG A CG  1 
ATOM   566  C  CD  . ARG A 1 78  ? -4.092  -7.519  -17.104 1.00 48.36  ? 78   ARG A CD  1 
ATOM   567  N  NE  . ARG A 1 78  ? -3.492  -6.234  -17.481 1.00 53.03  ? 78   ARG A NE  1 
ATOM   568  C  CZ  . ARG A 1 78  ? -3.559  -5.118  -16.753 1.00 55.28  ? 78   ARG A CZ  1 
ATOM   569  N  NH1 . ARG A 1 78  ? -4.205  -5.116  -15.591 1.00 57.24  ? 78   ARG A NH1 1 
ATOM   570  N  NH2 . ARG A 1 78  ? -2.983  -4.000  -17.184 1.00 55.60  ? 78   ARG A NH2 1 
ATOM   571  N  N   . GLY A 1 79  ? -4.972  -10.391 -12.606 1.00 34.94  ? 79   GLY A N   1 
ATOM   572  C  CA  . GLY A 1 79  ? -5.996  -11.048 -11.817 1.00 32.38  ? 79   GLY A CA  1 
ATOM   573  C  C   . GLY A 1 79  ? -5.419  -12.044 -10.828 1.00 31.75  ? 79   GLY A C   1 
ATOM   574  O  O   . GLY A 1 79  ? -6.114  -12.468 -9.906  1.00 31.89  ? 79   GLY A O   1 
ATOM   575  N  N   . ALA A 1 80  ? -4.149  -12.406 -11.004 1.00 30.35  ? 80   ALA A N   1 
ATOM   576  C  CA  . ALA A 1 80  ? -3.499  -13.376 -10.128 1.00 29.44  ? 80   ALA A CA  1 
ATOM   577  C  C   . ALA A 1 80  ? -3.145  -12.839 -8.746  1.00 29.89  ? 80   ALA A C   1 
ATOM   578  O  O   . ALA A 1 80  ? -2.636  -11.727 -8.596  1.00 29.67  ? 80   ALA A O   1 
ATOM   579  C  CB  . ALA A 1 80  ? -2.261  -13.935 -10.802 1.00 28.98  ? 80   ALA A CB  1 
ATOM   580  N  N   . LEU A 1 81  ? -3.401  -13.663 -7.739  1.00 29.34  ? 81   LEU A N   1 
ATOM   581  C  CA  . LEU A 1 81  ? -3.145  -13.306 -6.351  1.00 27.61  ? 81   LEU A CA  1 
ATOM   582  C  C   . LEU A 1 81  ? -2.439  -14.458 -5.619  1.00 27.73  ? 81   LEU A C   1 
ATOM   583  O  O   . LEU A 1 81  ? -2.661  -15.620 -5.942  1.00 29.67  ? 81   LEU A O   1 
ATOM   584  C  CB  . LEU A 1 81  ? -4.486  -12.987 -5.687  1.00 25.26  ? 81   LEU A CB  1 
ATOM   585  C  CG  . LEU A 1 81  ? -4.846  -11.535 -5.364  1.00 23.70  ? 81   LEU A CG  1 
ATOM   586  C  CD1 . LEU A 1 81  ? -4.346  -10.559 -6.404  1.00 22.69  ? 81   LEU A CD1 1 
ATOM   587  C  CD2 . LEU A 1 81  ? -6.337  -11.464 -5.208  1.00 20.36  ? 81   LEU A CD2 1 
ATOM   588  N  N   . ASP A 1 82  ? -1.583  -14.147 -4.649  1.00 27.42  ? 82   ASP A N   1 
ATOM   589  C  CA  . ASP A 1 82  ? -0.882  -15.185 -3.879  1.00 26.70  ? 82   ASP A CA  1 
ATOM   590  C  C   . ASP A 1 82  ? -1.287  -14.982 -2.417  1.00 26.41  ? 82   ASP A C   1 
ATOM   591  O  O   . ASP A 1 82  ? -0.601  -14.294 -1.659  1.00 26.50  ? 82   ASP A O   1 
ATOM   592  C  CB  . ASP A 1 82  ? 0.641   -15.040 -4.046  1.00 27.17  ? 82   ASP A CB  1 
ATOM   593  C  CG  . ASP A 1 82  ? 1.399   -16.346 -3.791  1.00 28.77  ? 82   ASP A CG  1 
ATOM   594  O  OD1 . ASP A 1 82  ? 0.781   -17.432 -3.827  1.00 27.65  ? 82   ASP A OD1 1 
ATOM   595  O  OD2 . ASP A 1 82  ? 2.632   -16.293 -3.573  1.00 30.89  ? 82   ASP A OD2 1 
ATOM   596  N  N   . LEU A 1 83  ? -2.404  -15.590 -2.029  1.00 25.53  ? 83   LEU A N   1 
ATOM   597  C  CA  . LEU A 1 83  ? -2.945  -15.440 -0.677  1.00 25.61  ? 83   LEU A CA  1 
ATOM   598  C  C   . LEU A 1 83  ? -2.194  -16.171 0.435   1.00 25.03  ? 83   LEU A C   1 
ATOM   599  O  O   . LEU A 1 83  ? -1.393  -17.071 0.182   1.00 24.62  ? 83   LEU A O   1 
ATOM   600  C  CB  . LEU A 1 83  ? -4.411  -15.897 -0.664  1.00 25.62  ? 83   LEU A CB  1 
ATOM   601  C  CG  . LEU A 1 83  ? -5.296  -15.422 -1.820  1.00 25.97  ? 83   LEU A CG  1 
ATOM   602  C  CD1 . LEU A 1 83  ? -6.638  -16.120 -1.735  1.00 24.65  ? 83   LEU A CD1 1 
ATOM   603  C  CD2 . LEU A 1 83  ? -5.458  -13.903 -1.774  1.00 23.76  ? 83   LEU A CD2 1 
ATOM   604  N  N   . SER A 1 84  ? -2.452  -15.770 1.674   1.00 23.28  ? 84   SER A N   1 
ATOM   605  C  CA  . SER A 1 84  ? -1.832  -16.440 2.800   1.00 23.16  ? 84   SER A CA  1 
ATOM   606  C  C   . SER A 1 84  ? -2.730  -17.640 3.111   1.00 23.60  ? 84   SER A C   1 
ATOM   607  O  O   . SER A 1 84  ? -3.909  -17.648 2.751   1.00 24.62  ? 84   SER A O   1 
ATOM   608  C  CB  . SER A 1 84  ? -1.728  -15.498 4.010   1.00 23.50  ? 84   SER A CB  1 
ATOM   609  O  OG  . SER A 1 84  ? -2.970  -14.915 4.355   1.00 22.45  ? 84   SER A OG  1 
ATOM   610  N  N   . PRO A 1 85  ? -2.178  -18.678 3.756   1.00 24.12  ? 85   PRO A N   1 
ATOM   611  C  CA  . PRO A 1 85  ? -2.939  -19.882 4.108   1.00 24.33  ? 85   PRO A CA  1 
ATOM   612  C  C   . PRO A 1 85  ? -4.321  -19.597 4.711   1.00 24.82  ? 85   PRO A C   1 
ATOM   613  O  O   . PRO A 1 85  ? -5.331  -20.095 4.211   1.00 25.87  ? 85   PRO A O   1 
ATOM   614  C  CB  . PRO A 1 85  ? -2.019  -20.590 5.099   1.00 25.22  ? 85   PRO A CB  1 
ATOM   615  C  CG  . PRO A 1 85  ? -0.657  -20.217 4.608   1.00 25.71  ? 85   PRO A CG  1 
ATOM   616  C  CD  . PRO A 1 85  ? -0.794  -18.759 4.259   1.00 23.48  ? 85   PRO A CD  1 
ATOM   617  N  N   . ASN A 1 86  ? -4.361  -18.794 5.774   1.00 24.02  ? 86   ASN A N   1 
ATOM   618  C  CA  . ASN A 1 86  ? -5.617  -18.475 6.438   1.00 24.92  ? 86   ASN A CA  1 
ATOM   619  C  C   . ASN A 1 86  ? -6.660  -17.848 5.534   1.00 26.06  ? 86   ASN A C   1 
ATOM   620  O  O   . ASN A 1 86  ? -7.849  -18.065 5.724   1.00 27.82  ? 86   ASN A O   1 
ATOM   621  C  CB  . ASN A 1 86  ? -5.392  -17.577 7.674   1.00 25.65  ? 86   ASN A CB  1 
ATOM   622  C  CG  . ASN A 1 86  ? -4.583  -16.316 7.377   1.00 26.84  ? 86   ASN A CG  1 
ATOM   623  O  OD1 . ASN A 1 86  ? -4.338  -15.960 6.219   1.00 27.86  ? 86   ASN A OD1 1 
ATOM   624  N  ND2 . ASN A 1 86  ? -4.176  -15.625 8.441   1.00 25.40  ? 86   ASN A ND2 1 
ATOM   625  N  N   . ALA A 1 87  ? -6.228  -17.078 4.546   1.00 26.71  ? 87   ALA A N   1 
ATOM   626  C  CA  . ALA A 1 87  ? -7.168  -16.454 3.636   1.00 26.33  ? 87   ALA A CA  1 
ATOM   627  C  C   . ALA A 1 87  ? -7.613  -17.461 2.588   1.00 26.95  ? 87   ALA A C   1 
ATOM   628  O  O   . ALA A 1 87  ? -8.798  -17.589 2.309   1.00 28.74  ? 87   ALA A O   1 
ATOM   629  C  CB  . ALA A 1 87  ? -6.532  -15.254 2.964   1.00 26.06  ? 87   ALA A CB  1 
ATOM   630  N  N   . PHE A 1 88  ? -6.659  -18.180 2.010   1.00 26.82  ? 88   PHE A N   1 
ATOM   631  C  CA  . PHE A 1 88  ? -6.963  -19.161 0.975   1.00 26.99  ? 88   PHE A CA  1 
ATOM   632  C  C   . PHE A 1 88  ? -7.932  -20.219 1.490   1.00 28.03  ? 88   PHE A C   1 
ATOM   633  O  O   . PHE A 1 88  ? -8.893  -20.574 0.818   1.00 27.56  ? 88   PHE A O   1 
ATOM   634  C  CB  . PHE A 1 88  ? -5.668  -19.837 0.509   1.00 25.62  ? 88   PHE A CB  1 
ATOM   635  C  CG  . PHE A 1 88  ? -5.803  -20.598 -0.787  1.00 25.14  ? 88   PHE A CG  1 
ATOM   636  C  CD1 . PHE A 1 88  ? -5.480  -19.995 -2.002  1.00 24.21  ? 88   PHE A CD1 1 
ATOM   637  C  CD2 . PHE A 1 88  ? -6.262  -21.912 -0.792  1.00 25.20  ? 88   PHE A CD2 1 
ATOM   638  C  CE1 . PHE A 1 88  ? -5.611  -20.694 -3.201  1.00 23.64  ? 88   PHE A CE1 1 
ATOM   639  C  CE2 . PHE A 1 88  ? -6.394  -22.615 -1.985  1.00 23.93  ? 88   PHE A CE2 1 
ATOM   640  C  CZ  . PHE A 1 88  ? -6.070  -22.006 -3.191  1.00 24.25  ? 88   PHE A CZ  1 
ATOM   641  N  N   . ARG A 1 89  ? -7.653  -20.712 2.691   1.00 30.71  ? 89   ARG A N   1 
ATOM   642  C  CA  . ARG A 1 89  ? -8.443  -21.745 3.356   1.00 31.92  ? 89   ARG A CA  1 
ATOM   643  C  C   . ARG A 1 89  ? -9.920  -21.379 3.530   1.00 32.63  ? 89   ARG A C   1 
ATOM   644  O  O   . ARG A 1 89  ? -10.786 -22.253 3.591   1.00 32.63  ? 89   ARG A O   1 
ATOM   645  C  CB  . ARG A 1 89  ? -7.832  -22.024 4.727   1.00 32.08  ? 89   ARG A CB  1 
ATOM   646  C  CG  . ARG A 1 89  ? -7.679  -23.493 5.058   1.00 37.66  ? 89   ARG A CG  1 
ATOM   647  C  CD  . ARG A 1 89  ? -6.951  -23.665 6.374   1.00 38.38  ? 89   ARG A CD  1 
ATOM   648  N  NE  . ARG A 1 89  ? -7.746  -23.115 7.460   1.00 41.97  ? 89   ARG A NE  1 
ATOM   649  C  CZ  . ARG A 1 89  ? -8.744  -23.762 8.054   1.00 44.20  ? 89   ARG A CZ  1 
ATOM   650  N  NH1 . ARG A 1 89  ? -9.058  -24.995 7.668   1.00 45.88  ? 89   ARG A NH1 1 
ATOM   651  N  NH2 . ARG A 1 89  ? -9.439  -23.171 9.019   1.00 44.63  ? 89   ARG A NH2 1 
ATOM   652  N  N   . LYS A 1 90  ? -10.196 -20.083 3.612   1.00 31.65  ? 90   LYS A N   1 
ATOM   653  C  CA  . LYS A 1 90  ? -11.552 -19.600 3.806   1.00 30.16  ? 90   LYS A CA  1 
ATOM   654  C  C   . LYS A 1 90  ? -12.378 -19.483 2.531   1.00 30.31  ? 90   LYS A C   1 
ATOM   655  O  O   . LYS A 1 90  ? -13.606 -19.516 2.582   1.00 32.21  ? 90   LYS A O   1 
ATOM   656  C  CB  . LYS A 1 90  ? -11.514 -18.245 4.520   1.00 29.48  ? 90   LYS A CB  1 
ATOM   657  C  CG  . LYS A 1 90  ? -10.962 -18.345 5.929   1.00 30.78  ? 90   LYS A CG  1 
ATOM   658  C  CD  . LYS A 1 90  ? -10.738 -17.001 6.576   1.00 32.24  ? 90   LYS A CD  1 
ATOM   659  C  CE  . LYS A 1 90  ? -12.018 -16.234 6.735   1.00 35.85  ? 90   LYS A CE  1 
ATOM   660  N  NZ  . LYS A 1 90  ? -11.790 -14.990 7.519   1.00 39.49  ? 90   LYS A NZ  1 
ATOM   661  N  N   . ILE A 1 91  ? -11.722 -19.357 1.385   1.00 27.99  ? 91   ILE A N   1 
ATOM   662  C  CA  . ILE A 1 91  ? -12.451 -19.216 0.137   1.00 26.17  ? 91   ILE A CA  1 
ATOM   663  C  C   . ILE A 1 91  ? -12.213 -20.385 -0.813  1.00 27.18  ? 91   ILE A C   1 
ATOM   664  O  O   . ILE A 1 91  ? -12.770 -20.424 -1.906  1.00 26.82  ? 91   ILE A O   1 
ATOM   665  C  CB  . ILE A 1 91  ? -12.063 -17.909 -0.577  1.00 24.77  ? 91   ILE A CB  1 
ATOM   666  C  CG1 . ILE A 1 91  ? -10.627 -18.003 -1.089  1.00 23.25  ? 91   ILE A CG1 1 
ATOM   667  C  CG2 . ILE A 1 91  ? -12.174 -16.743 0.399   1.00 24.43  ? 91   ILE A CG2 1 
ATOM   668  C  CD1 . ILE A 1 91  ? -10.226 -16.869 -1.989  1.00 23.08  ? 91   ILE A CD1 1 
ATOM   669  N  N   . GLY A 1 92  ? -11.392 -21.341 -0.403  1.00 28.24  ? 92   GLY A N   1 
ATOM   670  C  CA  . GLY A 1 92  ? -11.128 -22.455 -1.283  1.00 29.26  ? 92   GLY A CA  1 
ATOM   671  C  C   . GLY A 1 92  ? -10.477 -23.639 -0.609  1.00 31.67  ? 92   GLY A C   1 
ATOM   672  O  O   . GLY A 1 92  ? -10.249 -23.647 0.604   1.00 31.18  ? 92   GLY A O   1 
ATOM   673  N  N   . ASN A 1 93  ? -10.174 -24.650 -1.418  1.00 33.80  ? 93   ASN A N   1 
ATOM   674  C  CA  . ASN A 1 93  ? -9.557  -25.873 -0.935  1.00 37.09  ? 93   ASN A CA  1 
ATOM   675  C  C   . ASN A 1 93  ? -8.069  -25.858 -1.262  1.00 37.67  ? 93   ASN A C   1 
ATOM   676  O  O   . ASN A 1 93  ? -7.681  -25.838 -2.429  1.00 37.19  ? 93   ASN A O   1 
ATOM   677  C  CB  . ASN A 1 93  ? -10.233 -27.079 -1.585  1.00 39.42  ? 93   ASN A CB  1 
ATOM   678  C  CG  . ASN A 1 93  ? -9.898  -28.381 -0.887  1.00 43.32  ? 93   ASN A CG  1 
ATOM   679  O  OD1 . ASN A 1 93  ? -10.757 -29.253 -0.750  1.00 46.98  ? 93   ASN A OD1 1 
ATOM   680  N  ND2 . ASN A 1 93  ? -8.650  -28.527 -0.446  1.00 44.01  ? 93   ASN A ND2 1 
HETATM 681  N  N   . MSE A 1 94  ? -7.234  -25.874 -0.226  1.00 37.98  ? 94   MSE A N   1 
HETATM 682  C  CA  . MSE A 1 94  ? -5.790  -25.838 -0.429  1.00 38.54  ? 94   MSE A CA  1 
HETATM 683  C  C   . MSE A 1 94  ? -5.243  -27.021 -1.197  1.00 37.49  ? 94   MSE A C   1 
HETATM 684  O  O   . MSE A 1 94  ? -4.232  -26.905 -1.896  1.00 37.64  ? 94   MSE A O   1 
HETATM 685  C  CB  . MSE A 1 94  ? -5.066  -25.708 0.903   1.00 42.11  ? 94   MSE A CB  1 
HETATM 686  C  CG  . MSE A 1 94  ? -5.288  -24.361 1.550   1.00 49.21  ? 94   MSE A CG  1 
HETATM 687  SE SE  . MSE A 1 94  ? -4.096  -24.053 3.050   1.00 60.57  ? 94   MSE A SE  1 
HETATM 688  C  CE  . MSE A 1 94  ? -4.865  -25.389 4.289   1.00 57.41  ? 94   MSE A CE  1 
ATOM   689  N  N   . LYS A 1 95  ? -5.906  -28.163 -1.066  1.00 36.18  ? 95   LYS A N   1 
ATOM   690  C  CA  . LYS A 1 95  ? -5.481  -29.360 -1.773  1.00 33.52  ? 95   LYS A CA  1 
ATOM   691  C  C   . LYS A 1 95  ? -5.615  -29.141 -3.274  1.00 33.88  ? 95   LYS A C   1 
ATOM   692  O  O   . LYS A 1 95  ? -5.124  -29.945 -4.059  1.00 35.47  ? 95   LYS A O   1 
ATOM   693  C  CB  . LYS A 1 95  ? -6.324  -30.561 -1.345  1.00 32.58  ? 95   LYS A CB  1 
ATOM   694  C  CG  . LYS A 1 95  ? -5.592  -31.624 -0.527  1.00 31.73  ? 95   LYS A CG  1 
ATOM   695  C  CD  . LYS A 1 95  ? -5.201  -31.126 0.846   1.00 32.08  ? 95   LYS A CD  1 
ATOM   696  C  CE  . LYS A 1 95  ? -5.370  -32.201 1.915   1.00 30.66  ? 95   LYS A CE  1 
ATOM   697  N  NZ  . LYS A 1 95  ? -4.408  -33.326 1.825   1.00 29.03  ? 95   LYS A NZ  1 
ATOM   698  N  N   . ASP A 1 96  ? -6.287  -28.063 -3.678  1.00 33.34  ? 96   ASP A N   1 
ATOM   699  C  CA  . ASP A 1 96  ? -6.455  -27.757 -5.103  1.00 33.50  ? 96   ASP A CA  1 
ATOM   700  C  C   . ASP A 1 96  ? -5.261  -26.995 -5.669  1.00 33.16  ? 96   ASP A C   1 
ATOM   701  O  O   . ASP A 1 96  ? -5.139  -26.846 -6.885  1.00 31.91  ? 96   ASP A O   1 
ATOM   702  C  CB  . ASP A 1 96  ? -7.714  -26.926 -5.346  1.00 36.26  ? 96   ASP A CB  1 
ATOM   703  C  CG  . ASP A 1 96  ? -8.975  -27.772 -5.440  1.00 38.43  ? 96   ASP A CG  1 
ATOM   704  O  OD1 . ASP A 1 96  ? -10.055 -27.174 -5.653  1.00 38.41  ? 96   ASP A OD1 1 
ATOM   705  O  OD2 . ASP A 1 96  ? -8.889  -29.016 -5.307  1.00 38.66  ? 96   ASP A OD2 1 
ATOM   706  N  N   . GLY A 1 97  ? -4.408  -26.494 -4.777  1.00 33.09  ? 97   GLY A N   1 
ATOM   707  C  CA  . GLY A 1 97  ? -3.218  -25.770 -5.185  1.00 31.80  ? 97   GLY A CA  1 
ATOM   708  C  C   . GLY A 1 97  ? -3.441  -24.412 -5.816  1.00 32.22  ? 97   GLY A C   1 
ATOM   709  O  O   . GLY A 1 97  ? -2.702  -23.467 -5.546  1.00 32.30  ? 97   GLY A O   1 
ATOM   710  N  N   . LYS A 1 98  ? -4.450  -24.314 -6.670  1.00 32.70  ? 98   LYS A N   1 
ATOM   711  C  CA  . LYS A 1 98  ? -4.759  -23.062 -7.337  1.00 33.46  ? 98   LYS A CA  1 
ATOM   712  C  C   . LYS A 1 98  ? -6.267  -22.986 -7.531  1.00 34.11  ? 98   LYS A C   1 
ATOM   713  O  O   . LYS A 1 98  ? -6.901  -23.982 -7.885  1.00 35.09  ? 98   LYS A O   1 
ATOM   714  C  CB  . LYS A 1 98  ? -4.042  -22.998 -8.684  1.00 33.35  ? 98   LYS A CB  1 
ATOM   715  C  CG  . LYS A 1 98  ? -4.191  -21.668 -9.383  1.00 35.81  ? 98   LYS A CG  1 
ATOM   716  C  CD  . LYS A 1 98  ? -3.224  -21.520 -10.545 1.00 36.76  ? 98   LYS A CD  1 
ATOM   717  C  CE  . LYS A 1 98  ? -3.771  -22.122 -11.812 1.00 38.18  ? 98   LYS A CE  1 
ATOM   718  N  NZ  . LYS A 1 98  ? -4.930  -21.346 -12.350 1.00 41.59  ? 98   LYS A NZ  1 
ATOM   719  N  N   . ILE A 1 99  ? -6.848  -21.816 -7.282  1.00 33.53  ? 99   ILE A N   1 
ATOM   720  C  CA  . ILE A 1 99  ? -8.291  -21.655 -7.446  1.00 33.08  ? 99   ILE A CA  1 
ATOM   721  C  C   . ILE A 1 99  ? -8.664  -20.417 -8.255  1.00 33.99  ? 99   ILE A C   1 
ATOM   722  O  O   . ILE A 1 99  ? -7.881  -19.476 -8.371  1.00 34.10  ? 99   ILE A O   1 
ATOM   723  C  CB  . ILE A 1 99  ? -9.033  -21.572 -6.082  1.00 32.86  ? 99   ILE A CB  1 
ATOM   724  C  CG1 . ILE A 1 99  ? -8.524  -20.376 -5.270  1.00 33.78  ? 99   ILE A CG1 1 
ATOM   725  C  CG2 . ILE A 1 99  ? -8.866  -22.866 -5.308  1.00 31.64  ? 99   ILE A CG2 1 
ATOM   726  C  CD1 . ILE A 1 99  ? -9.268  -20.167 -3.958  1.00 31.91  ? 99   ILE A CD1 1 
ATOM   727  N  N   . ASN A 1 100 ? -9.863  -20.435 -8.828  1.00 35.44  ? 100  ASN A N   1 
ATOM   728  C  CA  . ASN A 1 100 ? -10.369 -19.306 -9.595  1.00 35.88  ? 100  ASN A CA  1 
ATOM   729  C  C   . ASN A 1 100 ? -10.956 -18.326 -8.595  1.00 35.34  ? 100  ASN A C   1 
ATOM   730  O  O   . ASN A 1 100 ? -11.599 -18.733 -7.626  1.00 34.65  ? 100  ASN A O   1 
ATOM   731  C  CB  . ASN A 1 100 ? -11.462 -19.756 -10.560 1.00 39.21  ? 100  ASN A CB  1 
ATOM   732  C  CG  . ASN A 1 100 ? -10.906 -20.338 -11.838 1.00 43.35  ? 100  ASN A CG  1 
ATOM   733  O  OD1 . ASN A 1 100 ? -11.620 -21.023 -12.581 1.00 47.17  ? 100  ASN A OD1 1 
ATOM   734  N  ND2 . ASN A 1 100 ? -9.631  -20.064 -12.116 1.00 45.04  ? 100  ASN A ND2 1 
ATOM   735  N  N   . ILE A 1 101 ? -10.745 -17.035 -8.828  1.00 34.03  ? 101  ILE A N   1 
ATOM   736  C  CA  . ILE A 1 101 ? -11.252 -16.020 -7.919  1.00 33.27  ? 101  ILE A CA  1 
ATOM   737  C  C   . ILE A 1 101 ? -11.821 -14.783 -8.623  1.00 34.58  ? 101  ILE A C   1 
ATOM   738  O  O   . ILE A 1 101 ? -11.677 -14.596 -9.831  1.00 34.28  ? 101  ILE A O   1 
ATOM   739  C  CB  . ILE A 1 101 ? -10.134 -15.537 -6.955  1.00 31.67  ? 101  ILE A CB  1 
ATOM   740  C  CG1 . ILE A 1 101 ? -8.952  -14.991 -7.760  1.00 29.67  ? 101  ILE A CG1 1 
ATOM   741  C  CG2 . ILE A 1 101 ? -9.674  -16.679 -6.063  1.00 31.60  ? 101  ILE A CG2 1 
ATOM   742  C  CD1 . ILE A 1 101 ? -7.919  -14.272 -6.928  1.00 30.33  ? 101  ILE A CD1 1 
ATOM   743  N  N   . LYS A 1 102 ? -12.486 -13.948 -7.843  1.00 36.05  ? 102  LYS A N   1 
ATOM   744  C  CA  . LYS A 1 102 ? -13.033 -12.696 -8.325  1.00 38.58  ? 102  LYS A CA  1 
ATOM   745  C  C   . LYS A 1 102 ? -12.798 -11.767 -7.159  1.00 38.09  ? 102  LYS A C   1 
ATOM   746  O  O   . LYS A 1 102 ? -13.225 -12.046 -6.035  1.00 38.61  ? 102  LYS A O   1 
ATOM   747  C  CB  . LYS A 1 102 ? -14.529 -12.805 -8.618  1.00 42.41  ? 102  LYS A CB  1 
ATOM   748  C  CG  . LYS A 1 102 ? -14.863 -13.450 -9.954  1.00 47.53  ? 102  LYS A CG  1 
ATOM   749  C  CD  . LYS A 1 102 ? -16.375 -13.507 -10.177 1.00 52.14  ? 102  LYS A CD  1 
ATOM   750  C  CE  . LYS A 1 102 ? -16.730 -14.165 -11.515 1.00 55.84  ? 102  LYS A CE  1 
ATOM   751  N  NZ  . LYS A 1 102 ? -18.208 -14.329 -11.703 1.00 57.76  ? 102  LYS A NZ  1 
ATOM   752  N  N   . TRP A 1 103 ? -12.088 -10.678 -7.414  1.00 37.01  ? 103  TRP A N   1 
ATOM   753  C  CA  . TRP A 1 103 ? -11.786 -9.732  -6.354  1.00 36.22  ? 103  TRP A CA  1 
ATOM   754  C  C   . TRP A 1 103 ? -11.954 -8.292  -6.791  1.00 36.22  ? 103  TRP A C   1 
ATOM   755  O  O   . TRP A 1 103 ? -12.097 -7.995  -7.976  1.00 35.94  ? 103  TRP A O   1 
ATOM   756  C  CB  . TRP A 1 103 ? -10.352 -9.940  -5.854  1.00 34.59  ? 103  TRP A CB  1 
ATOM   757  C  CG  . TRP A 1 103 ? -9.306  -9.914  -6.934  1.00 29.73  ? 103  TRP A CG  1 
ATOM   758  C  CD1 . TRP A 1 103 ? -8.910  -10.960 -7.718  1.00 28.58  ? 103  TRP A CD1 1 
ATOM   759  C  CD2 . TRP A 1 103 ? -8.490  -8.798  -7.308  1.00 28.27  ? 103  TRP A CD2 1 
ATOM   760  N  NE1 . TRP A 1 103 ? -7.886  -10.568 -8.551  1.00 27.50  ? 103  TRP A NE1 1 
ATOM   761  C  CE2 . TRP A 1 103 ? -7.609  -9.246  -8.320  1.00 27.48  ? 103  TRP A CE2 1 
ATOM   762  C  CE3 . TRP A 1 103 ? -8.415  -7.463  -6.884  1.00 27.19  ? 103  TRP A CE3 1 
ATOM   763  C  CZ2 . TRP A 1 103 ? -6.660  -8.408  -8.913  1.00 27.10  ? 103  TRP A CZ2 1 
ATOM   764  C  CZ3 . TRP A 1 103 ? -7.470  -6.629  -7.475  1.00 27.12  ? 103  TRP A CZ3 1 
ATOM   765  C  CH2 . TRP A 1 103 ? -6.604  -7.108  -8.479  1.00 26.77  ? 103  TRP A CH2 1 
ATOM   766  N  N   . ARG A 1 104 ? -11.928 -7.400  -5.811  1.00 37.55  ? 104  ARG A N   1 
ATOM   767  C  CA  . ARG A 1 104 ? -12.077 -5.980  -6.063  1.00 38.28  ? 104  ARG A CA  1 
ATOM   768  C  C   . ARG A 1 104 ? -11.511 -5.213  -4.879  1.00 37.30  ? 104  ARG A C   1 
ATOM   769  O  O   . ARG A 1 104 ? -11.457 -5.732  -3.760  1.00 36.46  ? 104  ARG A O   1 
ATOM   770  C  CB  . ARG A 1 104 ? -13.555 -5.632  -6.225  1.00 40.84  ? 104  ARG A CB  1 
ATOM   771  C  CG  . ARG A 1 104 ? -14.408 -6.027  -5.022  1.00 45.07  ? 104  ARG A CG  1 
ATOM   772  C  CD  . ARG A 1 104 ? -15.578 -5.077  -4.852  1.00 50.43  ? 104  ARG A CD  1 
ATOM   773  N  NE  . ARG A 1 104 ? -16.331 -4.911  -6.091  1.00 56.05  ? 104  ARG A NE  1 
ATOM   774  C  CZ  . ARG A 1 104 ? -17.201 -5.804  -6.557  1.00 59.45  ? 104  ARG A CZ  1 
ATOM   775  N  NH1 . ARG A 1 104 ? -17.424 -6.926  -5.872  1.00 61.03  ? 104  ARG A NH1 1 
ATOM   776  N  NH2 . ARG A 1 104 ? -17.852 -5.581  -7.703  1.00 59.65  ? 104  ARG A NH2 1 
ATOM   777  N  N   . VAL A 1 105 ? -11.084 -3.978  -5.126  1.00 36.09  ? 105  VAL A N   1 
ATOM   778  C  CA  . VAL A 1 105 ? -10.550 -3.142  -4.065  1.00 35.76  ? 105  VAL A CA  1 
ATOM   779  C  C   . VAL A 1 105 ? -11.711 -2.727  -3.176  1.00 36.88  ? 105  VAL A C   1 
ATOM   780  O  O   . VAL A 1 105 ? -12.767 -2.320  -3.661  1.00 37.05  ? 105  VAL A O   1 
ATOM   781  C  CB  . VAL A 1 105 ? -9.878  -1.881  -4.619  1.00 34.60  ? 105  VAL A CB  1 
ATOM   782  C  CG1 . VAL A 1 105 ? -9.407  -1.001  -3.467  1.00 32.59  ? 105  VAL A CG1 1 
ATOM   783  C  CG2 . VAL A 1 105 ? -8.716  -2.270  -5.516  1.00 32.76  ? 105  VAL A CG2 1 
ATOM   784  N  N   . VAL A 1 106 ? -11.507 -2.821  -1.870  1.00 37.60  ? 106  VAL A N   1 
ATOM   785  C  CA  . VAL A 1 106 ? -12.545 -2.484  -0.913  1.00 38.38  ? 106  VAL A CA  1 
ATOM   786  C  C   . VAL A 1 106 ? -12.015 -1.555  0.174   1.00 39.00  ? 106  VAL A C   1 
ATOM   787  O  O   . VAL A 1 106 ? -10.809 -1.490  0.405   1.00 40.64  ? 106  VAL A O   1 
ATOM   788  C  CB  . VAL A 1 106 ? -13.083 -3.772  -0.277  1.00 38.25  ? 106  VAL A CB  1 
ATOM   789  C  CG1 . VAL A 1 106 ? -14.128 -3.450  0.767   1.00 43.07  ? 106  VAL A CG1 1 
ATOM   790  C  CG2 . VAL A 1 106 ? -13.667 -4.660  -1.359  1.00 38.17  ? 106  VAL A CG2 1 
ATOM   791  N  N   . LYS A 1 107 ? -12.917 -0.829  0.831   1.00 39.33  ? 107  LYS A N   1 
ATOM   792  C  CA  . LYS A 1 107 ? -12.528 0.084   1.900   1.00 38.54  ? 107  LYS A CA  1 
ATOM   793  C  C   . LYS A 1 107 ? -11.788 -0.697  2.979   1.00 37.19  ? 107  LYS A C   1 
ATOM   794  O  O   . LYS A 1 107 ? -12.214 -1.776  3.390   1.00 36.95  ? 107  LYS A O   1 
ATOM   795  C  CB  . LYS A 1 107 ? -13.761 0.755   2.519   1.00 39.54  ? 107  LYS A CB  1 
ATOM   796  C  CG  . LYS A 1 107 ? -13.430 1.822   3.564   1.00 41.78  ? 107  LYS A CG  1 
ATOM   797  C  CD  . LYS A 1 107 ? -14.653 2.251   4.357   1.00 44.19  ? 107  LYS A CD  1 
ATOM   798  C  CE  . LYS A 1 107 ? -15.033 1.217   5.410   1.00 47.32  ? 107  LYS A CE  1 
ATOM   799  N  NZ  . LYS A 1 107 ? -14.007 1.102   6.495   1.00 49.50  ? 107  LYS A NZ  1 
ATOM   800  N  N   . ALA A 1 108 ? -10.675 -0.135  3.432   1.00 36.76  ? 108  ALA A N   1 
ATOM   801  C  CA  . ALA A 1 108 ? -9.863  -0.754  4.459   1.00 35.95  ? 108  ALA A CA  1 
ATOM   802  C  C   . ALA A 1 108 ? -10.618 -0.871  5.779   1.00 37.05  ? 108  ALA A C   1 
ATOM   803  O  O   . ALA A 1 108 ? -11.097 0.119   6.332   1.00 37.84  ? 108  ALA A O   1 
ATOM   804  C  CB  . ALA A 1 108 ? -8.596  0.050   4.664   1.00 34.97  ? 108  ALA A CB  1 
ATOM   805  N  N   . PRO A 1 109 ? -10.744 -2.101  6.300   1.00 37.59  ? 109  PRO A N   1 
ATOM   806  C  CA  . PRO A 1 109 ? -11.442 -2.324  7.569   1.00 36.78  ? 109  PRO A CA  1 
ATOM   807  C  C   . PRO A 1 109 ? -10.595 -1.864  8.755   1.00 37.32  ? 109  PRO A C   1 
ATOM   808  O  O   . PRO A 1 109 ? -10.273 -2.660  9.637   1.00 37.63  ? 109  PRO A O   1 
ATOM   809  C  CB  . PRO A 1 109 ? -11.659 -3.831  7.570   1.00 35.85  ? 109  PRO A CB  1 
ATOM   810  C  CG  . PRO A 1 109 ? -10.462 -4.337  6.825   1.00 34.65  ? 109  PRO A CG  1 
ATOM   811  C  CD  . PRO A 1 109 ? -10.399 -3.390  5.663   1.00 35.78  ? 109  PRO A CD  1 
ATOM   812  N  N   . ILE A 1 110 ? -10.234 -0.584  8.775   1.00 37.81  ? 110  ILE A N   1 
ATOM   813  C  CA  . ILE A 1 110 ? -9.414  -0.052  9.861   1.00 38.76  ? 110  ILE A CA  1 
ATOM   814  C  C   . ILE A 1 110 ? -10.025 1.129   10.584  1.00 38.83  ? 110  ILE A C   1 
ATOM   815  O  O   . ILE A 1 110 ? -11.092 1.625   10.230  1.00 38.86  ? 110  ILE A O   1 
ATOM   816  C  CB  . ILE A 1 110 ? -8.039  0.434   9.372   1.00 39.45  ? 110  ILE A CB  1 
ATOM   817  C  CG1 . ILE A 1 110 ? -8.201  1.155   8.032   1.00 39.06  ? 110  ILE A CG1 1 
ATOM   818  C  CG2 . ILE A 1 110 ? -7.060  -0.716  9.338   1.00 41.15  ? 110  ILE A CG2 1 
ATOM   819  C  CD1 . ILE A 1 110 ? -6.988  1.909   7.591   1.00 37.51  ? 110  ILE A CD1 1 
ATOM   820  N  N   . THR A 1 111 ? -9.306  1.583   11.599  1.00 39.38  ? 111  THR A N   1 
ATOM   821  C  CA  . THR A 1 111 ? -9.723  2.723   12.385  1.00 39.27  ? 111  THR A CA  1 
ATOM   822  C  C   . THR A 1 111 ? -8.483  3.571   12.600  1.00 38.37  ? 111  THR A C   1 
ATOM   823  O  O   . THR A 1 111 ? -7.363  3.065   12.541  1.00 38.87  ? 111  THR A O   1 
ATOM   824  C  CB  . THR A 1 111 ? -10.269 2.296   13.756  1.00 39.87  ? 111  THR A CB  1 
ATOM   825  O  OG1 . THR A 1 111 ? -9.240  1.617   14.487  1.00 40.80  ? 111  THR A OG1 1 
ATOM   826  C  CG2 . THR A 1 111 ? -11.462 1.377   13.588  1.00 39.12  ? 111  THR A CG2 1 
ATOM   827  N  N   . GLY A 1 112 ? -8.685  4.861   12.837  1.00 37.76  ? 112  GLY A N   1 
ATOM   828  C  CA  . GLY A 1 112 ? -7.562  5.743   13.070  1.00 36.14  ? 112  GLY A CA  1 
ATOM   829  C  C   . GLY A 1 112 ? -7.137  6.518   11.847  1.00 35.04  ? 112  GLY A C   1 
ATOM   830  O  O   . GLY A 1 112 ? -7.761  6.432   10.788  1.00 34.18  ? 112  GLY A O   1 
ATOM   831  N  N   . ASN A 1 113 ? -6.061  7.278   11.996  1.00 34.05  ? 113  ASN A N   1 
ATOM   832  C  CA  . ASN A 1 113 ? -5.545  8.077   10.903  1.00 32.82  ? 113  ASN A CA  1 
ATOM   833  C  C   . ASN A 1 113 ? -4.309  7.440   10.300  1.00 32.14  ? 113  ASN A C   1 
ATOM   834  O  O   . ASN A 1 113 ? -3.900  6.343   10.691  1.00 32.90  ? 113  ASN A O   1 
ATOM   835  C  CB  . ASN A 1 113 ? -5.209  9.482   11.400  1.00 33.52  ? 113  ASN A CB  1 
ATOM   836  C  CG  . ASN A 1 113 ? -6.426  10.227  11.902  1.00 33.66  ? 113  ASN A CG  1 
ATOM   837  O  OD1 . ASN A 1 113 ? -7.417  10.385  11.183  1.00 35.54  ? 113  ASN A OD1 1 
ATOM   838  N  ND2 . ASN A 1 113 ? -6.359  10.692  13.140  1.00 33.27  ? 113  ASN A ND2 1 
ATOM   839  N  N   . PHE A 1 114 ? -3.727  8.138   9.331   1.00 30.71  ? 114  PHE A N   1 
ATOM   840  C  CA  . PHE A 1 114 ? -2.518  7.695   8.648   1.00 28.47  ? 114  PHE A CA  1 
ATOM   841  C  C   . PHE A 1 114 ? -1.350  7.570   9.616   1.00 28.03  ? 114  PHE A C   1 
ATOM   842  O  O   . PHE A 1 114 ? -1.390  8.067   10.740  1.00 26.89  ? 114  PHE A O   1 
ATOM   843  C  CB  . PHE A 1 114 ? -2.105  8.716   7.582   1.00 27.23  ? 114  PHE A CB  1 
ATOM   844  C  CG  . PHE A 1 114 ? -3.053  8.821   6.438   1.00 26.18  ? 114  PHE A CG  1 
ATOM   845  C  CD1 . PHE A 1 114 ? -3.039  9.946   5.618   1.00 25.20  ? 114  PHE A CD1 1 
ATOM   846  C  CD2 . PHE A 1 114 ? -3.938  7.791   6.157   1.00 26.59  ? 114  PHE A CD2 1 
ATOM   847  C  CE1 . PHE A 1 114 ? -3.900  10.044  4.533   1.00 25.68  ? 114  PHE A CE1 1 
ATOM   848  C  CE2 . PHE A 1 114 ? -4.805  7.874   5.076   1.00 27.40  ? 114  PHE A CE2 1 
ATOM   849  C  CZ  . PHE A 1 114 ? -4.785  9.004   4.258   1.00 27.12  ? 114  PHE A CZ  1 
ATOM   850  N  N   . THR A 1 115 ? -0.306  6.902   9.146   1.00 27.86  ? 115  THR A N   1 
ATOM   851  C  CA  . THR A 1 115 ? 0.941   6.742   9.883   1.00 27.73  ? 115  THR A CA  1 
ATOM   852  C  C   . THR A 1 115 ? 1.969   6.825   8.768   1.00 27.58  ? 115  THR A C   1 
ATOM   853  O  O   . THR A 1 115 ? 1.855   6.127   7.762   1.00 28.31  ? 115  THR A O   1 
ATOM   854  C  CB  . THR A 1 115 ? 1.051   5.378   10.586  1.00 27.10  ? 115  THR A CB  1 
ATOM   855  O  OG1 . THR A 1 115 ? 0.177   5.346   11.720  1.00 29.42  ? 115  THR A OG1 1 
ATOM   856  C  CG2 . THR A 1 115 ? 2.475   5.145   11.054  1.00 26.31  ? 115  THR A CG2 1 
ATOM   857  N  N   . TYR A 1 116 ? 2.956   7.693   8.916   1.00 27.73  ? 116  TYR A N   1 
ATOM   858  C  CA  . TYR A 1 116 ? 3.945   7.831   7.863   1.00 26.62  ? 116  TYR A CA  1 
ATOM   859  C  C   . TYR A 1 116 ? 5.233   7.128   8.251   1.00 26.37  ? 116  TYR A C   1 
ATOM   860  O  O   . TYR A 1 116 ? 5.621   7.125   9.417   1.00 27.03  ? 116  TYR A O   1 
ATOM   861  C  CB  . TYR A 1 116 ? 4.203   9.318   7.573   1.00 26.41  ? 116  TYR A CB  1 
ATOM   862  C  CG  . TYR A 1 116 ? 2.933   10.135  7.378   1.00 26.36  ? 116  TYR A CG  1 
ATOM   863  C  CD1 . TYR A 1 116 ? 2.398   10.889  8.428   1.00 26.77  ? 116  TYR A CD1 1 
ATOM   864  C  CD2 . TYR A 1 116 ? 2.235   10.102  6.172   1.00 24.90  ? 116  TYR A CD2 1 
ATOM   865  C  CE1 . TYR A 1 116 ? 1.202   11.585  8.287   1.00 26.69  ? 116  TYR A CE1 1 
ATOM   866  C  CE2 . TYR A 1 116 ? 1.036   10.795  6.019   1.00 25.90  ? 116  TYR A CE2 1 
ATOM   867  C  CZ  . TYR A 1 116 ? 0.524   11.534  7.080   1.00 26.97  ? 116  TYR A CZ  1 
ATOM   868  O  OH  . TYR A 1 116 ? -0.660  12.228  6.928   1.00 26.62  ? 116  TYR A OH  1 
ATOM   869  N  N   . ARG A 1 117 ? 5.878   6.496   7.279   1.00 24.76  ? 117  ARG A N   1 
ATOM   870  C  CA  . ARG A 1 117 ? 7.137   5.830   7.547   1.00 22.41  ? 117  ARG A CA  1 
ATOM   871  C  C   . ARG A 1 117 ? 8.198   6.528   6.714   1.00 21.92  ? 117  ARG A C   1 
ATOM   872  O  O   . ARG A 1 117 ? 8.037   6.693   5.504   1.00 21.51  ? 117  ARG A O   1 
ATOM   873  C  CB  . ARG A 1 117 ? 7.064   4.351   7.173   1.00 23.36  ? 117  ARG A CB  1 
ATOM   874  C  CG  . ARG A 1 117 ? 8.369   3.606   7.422   1.00 24.17  ? 117  ARG A CG  1 
ATOM   875  C  CD  . ARG A 1 117 ? 8.250   2.167   7.000   1.00 25.81  ? 117  ARG A CD  1 
ATOM   876  N  NE  . ARG A 1 117 ? 9.488   1.413   7.177   1.00 26.62  ? 117  ARG A NE  1 
ATOM   877  C  CZ  . ARG A 1 117 ? 10.544  1.508   6.378   1.00 26.84  ? 117  ARG A CZ  1 
ATOM   878  N  NH1 . ARG A 1 117 ? 10.530  2.327   5.339   1.00 28.48  ? 117  ARG A NH1 1 
ATOM   879  N  NH2 . ARG A 1 117 ? 11.614  0.769   6.610   1.00 27.98  ? 117  ARG A NH2 1 
ATOM   880  N  N   . ILE A 1 118 ? 9.274   6.961   7.364   1.00 22.55  ? 118  ILE A N   1 
ATOM   881  C  CA  . ILE A 1 118 ? 10.365  7.641   6.671   1.00 22.41  ? 118  ILE A CA  1 
ATOM   882  C  C   . ILE A 1 118 ? 11.471  6.607   6.483   1.00 21.99  ? 118  ILE A C   1 
ATOM   883  O  O   . ILE A 1 118 ? 12.036  6.119   7.456   1.00 22.24  ? 118  ILE A O   1 
ATOM   884  C  CB  . ILE A 1 118 ? 10.919  8.822   7.519   1.00 23.08  ? 118  ILE A CB  1 
ATOM   885  C  CG1 . ILE A 1 118 ? 9.757   9.666   8.079   1.00 22.56  ? 118  ILE A CG1 1 
ATOM   886  C  CG2 . ILE A 1 118 ? 11.861  9.681   6.679   1.00 21.95  ? 118  ILE A CG2 1 
ATOM   887  C  CD1 . ILE A 1 118 ? 8.823   10.220  7.054   1.00 20.96  ? 118  ILE A CD1 1 
ATOM   888  N  N   . LYS A 1 119 ? 11.773  6.269   5.238   1.00 22.02  ? 119  LYS A N   1 
ATOM   889  C  CA  . LYS A 1 119 ? 12.807  5.279   4.936   1.00 22.55  ? 119  LYS A CA  1 
ATOM   890  C  C   . LYS A 1 119 ? 14.200  5.767   5.354   1.00 24.52  ? 119  LYS A C   1 
ATOM   891  O  O   . LYS A 1 119 ? 14.453  6.975   5.405   1.00 25.17  ? 119  LYS A O   1 
ATOM   892  C  CB  . LYS A 1 119 ? 12.784  4.990   3.434   1.00 21.16  ? 119  LYS A CB  1 
ATOM   893  C  CG  . LYS A 1 119 ? 13.454  3.716   2.987   1.00 19.37  ? 119  LYS A CG  1 
ATOM   894  C  CD  . LYS A 1 119 ? 13.009  3.402   1.576   1.00 17.36  ? 119  LYS A CD  1 
ATOM   895  C  CE  . LYS A 1 119 ? 13.431  2.016   1.182   1.00 20.25  ? 119  LYS A CE  1 
ATOM   896  N  NZ  . LYS A 1 119 ? 14.900  1.945   1.119   1.00 22.88  ? 119  LYS A NZ  1 
ATOM   897  N  N   . GLU A 1 120 ? 15.094  4.821   5.651   1.00 24.74  ? 120  GLU A N   1 
ATOM   898  C  CA  . GLU A 1 120 ? 16.469  5.122   6.037   1.00 24.27  ? 120  GLU A CA  1 
ATOM   899  C  C   . GLU A 1 120 ? 17.120  5.894   4.899   1.00 25.04  ? 120  GLU A C   1 
ATOM   900  O  O   . GLU A 1 120 ? 16.806  5.666   3.727   1.00 23.86  ? 120  GLU A O   1 
ATOM   901  C  CB  . GLU A 1 120 ? 17.284  3.844   6.242   1.00 25.47  ? 120  GLU A CB  1 
ATOM   902  C  CG  . GLU A 1 120 ? 16.480  2.571   6.375   1.00 29.51  ? 120  GLU A CG  1 
ATOM   903  C  CD  . GLU A 1 120 ? 15.912  2.081   5.060   1.00 30.30  ? 120  GLU A CD  1 
ATOM   904  O  OE1 . GLU A 1 120 ? 16.690  1.846   4.117   1.00 29.45  ? 120  GLU A OE1 1 
ATOM   905  O  OE2 . GLU A 1 120 ? 14.677  1.919   4.978   1.00 33.09  ? 120  GLU A OE2 1 
ATOM   906  N  N   . GLY A 1 121 ? 18.044  6.787   5.240   1.00 24.07  ? 121  GLY A N   1 
ATOM   907  C  CA  . GLY A 1 121 ? 18.717  7.571   4.224   1.00 23.73  ? 121  GLY A CA  1 
ATOM   908  C  C   . GLY A 1 121 ? 17.950  8.824   3.826   1.00 23.64  ? 121  GLY A C   1 
ATOM   909  O  O   . GLY A 1 121 ? 18.388  9.579   2.953   1.00 24.63  ? 121  GLY A O   1 
ATOM   910  N  N   . SER A 1 122 ? 16.807  9.044   4.475   1.00 22.95  ? 122  SER A N   1 
ATOM   911  C  CA  . SER A 1 122 ? 15.953  10.194  4.203   1.00 22.21  ? 122  SER A CA  1 
ATOM   912  C  C   . SER A 1 122 ? 16.410  11.449  4.916   1.00 21.77  ? 122  SER A C   1 
ATOM   913  O  O   . SER A 1 122 ? 16.924  11.398  6.034   1.00 22.10  ? 122  SER A O   1 
ATOM   914  C  CB  . SER A 1 122 ? 14.507  9.911   4.625   1.00 22.81  ? 122  SER A CB  1 
ATOM   915  O  OG  . SER A 1 122 ? 13.878  8.992   3.762   1.00 24.89  ? 122  SER A OG  1 
ATOM   916  N  N   . SER A 1 123 ? 16.191  12.580  4.256   1.00 21.09  ? 123  SER A N   1 
ATOM   917  C  CA  . SER A 1 123 ? 16.543  13.884  4.787   1.00 20.44  ? 123  SER A CA  1 
ATOM   918  C  C   . SER A 1 123 ? 15.859  14.899  3.916   1.00 20.99  ? 123  SER A C   1 
ATOM   919  O  O   . SER A 1 123 ? 15.046  14.558  3.054   1.00 21.75  ? 123  SER A O   1 
ATOM   920  C  CB  . SER A 1 123 ? 18.044  14.113  4.717   1.00 19.04  ? 123  SER A CB  1 
ATOM   921  O  OG  . SER A 1 123 ? 18.453  14.211  3.370   1.00 20.18  ? 123  SER A OG  1 
ATOM   922  N  N   . ARG A 1 124 ? 16.190  16.157  4.149   1.00 22.87  ? 124  ARG A N   1 
ATOM   923  C  CA  . ARG A 1 124 ? 15.608  17.235  3.368   1.00 23.43  ? 124  ARG A CA  1 
ATOM   924  C  C   . ARG A 1 124 ? 16.140  17.193  1.938   1.00 24.16  ? 124  ARG A C   1 
ATOM   925  O  O   . ARG A 1 124 ? 15.558  17.791  1.033   1.00 25.75  ? 124  ARG A O   1 
ATOM   926  C  CB  . ARG A 1 124 ? 15.948  18.574  4.004   1.00 22.10  ? 124  ARG A CB  1 
ATOM   927  C  CG  . ARG A 1 124 ? 17.433  18.758  4.255   1.00 25.10  ? 124  ARG A CG  1 
ATOM   928  C  CD  . ARG A 1 124 ? 17.749  20.165  4.721   1.00 25.12  ? 124  ARG A CD  1 
ATOM   929  N  NE  . ARG A 1 124 ? 17.265  21.148  3.760   1.00 27.77  ? 124  ARG A NE  1 
ATOM   930  C  CZ  . ARG A 1 124 ? 17.622  22.428  3.747   1.00 28.18  ? 124  ARG A CZ  1 
ATOM   931  N  NH1 . ARG A 1 124 ? 18.474  22.888  4.653   1.00 28.33  ? 124  ARG A NH1 1 
ATOM   932  N  NH2 . ARG A 1 124 ? 17.141  23.239  2.808   1.00 26.73  ? 124  ARG A NH2 1 
ATOM   933  N  N   . TRP A 1 125 ? 17.239  16.473  1.727   1.00 23.62  ? 125  TRP A N   1 
ATOM   934  C  CA  . TRP A 1 125 ? 17.837  16.395  0.394   1.00 22.51  ? 125  TRP A CA  1 
ATOM   935  C  C   . TRP A 1 125 ? 17.223  15.299  -0.468  1.00 22.69  ? 125  TRP A C   1 
ATOM   936  O  O   . TRP A 1 125 ? 17.039  15.469  -1.674  1.00 23.10  ? 125  TRP A O   1 
ATOM   937  C  CB  . TRP A 1 125 ? 19.344  16.207  0.531   1.00 21.27  ? 125  TRP A CB  1 
ATOM   938  C  CG  . TRP A 1 125 ? 19.960  17.288  1.372   1.00 21.09  ? 125  TRP A CG  1 
ATOM   939  C  CD1 . TRP A 1 125 ? 20.515  17.151  2.616   1.00 21.33  ? 125  TRP A CD1 1 
ATOM   940  C  CD2 . TRP A 1 125 ? 19.995  18.690  1.071   1.00 20.90  ? 125  TRP A CD2 1 
ATOM   941  N  NE1 . TRP A 1 125 ? 20.885  18.382  3.110   1.00 21.42  ? 125  TRP A NE1 1 
ATOM   942  C  CE2 . TRP A 1 125 ? 20.578  19.345  2.182   1.00 21.26  ? 125  TRP A CE2 1 
ATOM   943  C  CE3 . TRP A 1 125 ? 19.583  19.459  -0.031  1.00 20.74  ? 125  TRP A CE3 1 
ATOM   944  C  CZ2 . TRP A 1 125 ? 20.760  20.733  2.224   1.00 19.59  ? 125  TRP A CZ2 1 
ATOM   945  C  CZ3 . TRP A 1 125 ? 19.764  20.839  0.008   1.00 19.33  ? 125  TRP A CZ3 1 
ATOM   946  C  CH2 . TRP A 1 125 ? 20.349  21.461  1.131   1.00 19.62  ? 125  TRP A CH2 1 
ATOM   947  N  N   . TRP A 1 126 ? 16.893  14.182  0.164   1.00 22.79  ? 126  TRP A N   1 
ATOM   948  C  CA  . TRP A 1 126 ? 16.288  13.051  -0.520  1.00 23.03  ? 126  TRP A CA  1 
ATOM   949  C  C   . TRP A 1 126 ? 15.455  12.306  0.510   1.00 23.84  ? 126  TRP A C   1 
ATOM   950  O  O   . TRP A 1 126 ? 15.969  11.936  1.562   1.00 25.38  ? 126  TRP A O   1 
ATOM   951  C  CB  . TRP A 1 126 ? 17.361  12.102  -1.048  1.00 22.83  ? 126  TRP A CB  1 
ATOM   952  C  CG  . TRP A 1 126 ? 16.766  10.898  -1.686  1.00 22.48  ? 126  TRP A CG  1 
ATOM   953  C  CD1 . TRP A 1 126 ? 16.408  10.765  -2.991  1.00 22.73  ? 126  TRP A CD1 1 
ATOM   954  C  CD2 . TRP A 1 126 ? 16.347  9.689   -1.029  1.00 21.78  ? 126  TRP A CD2 1 
ATOM   955  N  NE1 . TRP A 1 126 ? 15.787  9.555   -3.193  1.00 22.55  ? 126  TRP A NE1 1 
ATOM   956  C  CE2 . TRP A 1 126 ? 15.737  8.875   -2.004  1.00 21.74  ? 126  TRP A CE2 1 
ATOM   957  C  CE3 . TRP A 1 126 ? 16.425  9.218   0.293   1.00 22.87  ? 126  TRP A CE3 1 
ATOM   958  C  CZ2 . TRP A 1 126 ? 15.204  7.611   -1.706  1.00 20.56  ? 126  TRP A CZ2 1 
ATOM   959  C  CZ3 . TRP A 1 126 ? 15.890  7.955   0.590   1.00 20.94  ? 126  TRP A CZ3 1 
ATOM   960  C  CH2 . TRP A 1 126 ? 15.291  7.173   -0.408  1.00 20.11  ? 126  TRP A CH2 1 
ATOM   961  N  N   . ALA A 1 127 ? 14.180  12.068  0.224   1.00 23.98  ? 127  ALA A N   1 
ATOM   962  C  CA  . ALA A 1 127 ? 13.350  11.348  1.189   1.00 23.60  ? 127  ALA A CA  1 
ATOM   963  C  C   . ALA A 1 127 ? 12.366  10.398  0.524   1.00 23.15  ? 127  ALA A C   1 
ATOM   964  O  O   . ALA A 1 127 ? 11.899  10.650  -0.581  1.00 23.42  ? 127  ALA A O   1 
ATOM   965  C  CB  . ALA A 1 127 ? 12.598  12.342  2.071   1.00 20.29  ? 127  ALA A CB  1 
ATOM   966  N  N   . ALA A 1 128 ? 12.087  9.285   1.197   1.00 23.83  ? 128  ALA A N   1 
ATOM   967  C  CA  . ALA A 1 128 ? 11.105  8.313   0.719   1.00 22.34  ? 128  ALA A CA  1 
ATOM   968  C  C   . ALA A 1 128 ? 10.114  8.245   1.869   1.00 21.49  ? 128  ALA A C   1 
ATOM   969  O  O   . ALA A 1 128 ? 10.482  7.906   2.995   1.00 22.16  ? 128  ALA A O   1 
ATOM   970  C  CB  . ALA A 1 128 ? 11.750  6.961   0.483   1.00 21.71  ? 128  ALA A CB  1 
ATOM   971  N  N   . ILE A 1 129 ? 8.866   8.603   1.597   1.00 20.64  ? 129  ILE A N   1 
ATOM   972  C  CA  . ILE A 1 129 ? 7.838   8.602   2.628   1.00 21.05  ? 129  ILE A CA  1 
ATOM   973  C  C   . ILE A 1 129 ? 6.673   7.687   2.291   1.00 22.28  ? 129  ILE A C   1 
ATOM   974  O  O   . ILE A 1 129 ? 6.038   7.807   1.236   1.00 23.72  ? 129  ILE A O   1 
ATOM   975  C  CB  . ILE A 1 129 ? 7.297   10.023  2.876   1.00 20.34  ? 129  ILE A CB  1 
ATOM   976  C  CG1 . ILE A 1 129 ? 8.457   10.972  3.185   1.00 20.94  ? 129  ILE A CG1 1 
ATOM   977  C  CG2 . ILE A 1 129 ? 6.342   10.017  4.051   1.00 19.48  ? 129  ILE A CG2 1 
ATOM   978  C  CD1 . ILE A 1 129 ? 8.066   12.426  3.175   1.00 20.63  ? 129  ILE A CD1 1 
ATOM   979  N  N   . GLN A 1 130 ? 6.386   6.778   3.214   1.00 22.49  ? 130  GLN A N   1 
ATOM   980  C  CA  . GLN A 1 130 ? 5.316   5.809   3.047   1.00 22.30  ? 130  GLN A CA  1 
ATOM   981  C  C   . GLN A 1 130 ? 4.090   6.140   3.873   1.00 23.30  ? 130  GLN A C   1 
ATOM   982  O  O   . GLN A 1 130 ? 4.201   6.633   4.998   1.00 22.94  ? 130  GLN A O   1 
ATOM   983  C  CB  . GLN A 1 130 ? 5.822   4.434   3.456   1.00 21.60  ? 130  GLN A CB  1 
ATOM   984  C  CG  . GLN A 1 130 ? 4.780   3.352   3.401   1.00 20.57  ? 130  GLN A CG  1 
ATOM   985  C  CD  . GLN A 1 130 ? 5.312   2.051   3.928   1.00 20.53  ? 130  GLN A CD  1 
ATOM   986  O  OE1 . GLN A 1 130 ? 5.580   1.925   5.112   1.00 21.23  ? 130  GLN A OE1 1 
ATOM   987  N  NE2 . GLN A 1 130 ? 5.486   1.073   3.045   1.00 19.96  ? 130  GLN A NE2 1 
ATOM   988  N  N   . VAL A 1 131 ? 2.919   5.856   3.319   1.00 24.31  ? 131  VAL A N   1 
ATOM   989  C  CA  . VAL A 1 131 ? 1.672   6.099   4.035   1.00 25.64  ? 131  VAL A CA  1 
ATOM   990  C  C   . VAL A 1 131 ? 1.134   4.740   4.480   1.00 26.04  ? 131  VAL A C   1 
ATOM   991  O  O   . VAL A 1 131 ? 1.044   3.807   3.680   1.00 27.86  ? 131  VAL A O   1 
ATOM   992  C  CB  . VAL A 1 131 ? 0.610   6.802   3.129   1.00 26.15  ? 131  VAL A CB  1 
ATOM   993  C  CG1 . VAL A 1 131 ? -0.693  7.007   3.907   1.00 23.31  ? 131  VAL A CG1 1 
ATOM   994  C  CG2 . VAL A 1 131 ? 1.146   8.140   2.642   1.00 25.18  ? 131  VAL A CG2 1 
ATOM   995  N  N   . ARG A 1 132 ? 0.805   4.626   5.759   1.00 26.32  ? 132  ARG A N   1 
ATOM   996  C  CA  . ARG A 1 132 ? 0.270   3.385   6.295   1.00 27.08  ? 132  ARG A CA  1 
ATOM   997  C  C   . ARG A 1 132 ? -1.082  3.626   6.914   1.00 27.74  ? 132  ARG A C   1 
ATOM   998  O  O   . ARG A 1 132 ? -1.379  4.732   7.359   1.00 29.11  ? 132  ARG A O   1 
ATOM   999  C  CB  . ARG A 1 132 ? 1.174   2.811   7.384   1.00 25.86  ? 132  ARG A CB  1 
ATOM   1000 C  CG  . ARG A 1 132 ? 2.503   2.343   6.901   1.00 25.60  ? 132  ARG A CG  1 
ATOM   1001 C  CD  . ARG A 1 132 ? 3.288   1.726   8.026   1.00 23.21  ? 132  ARG A CD  1 
ATOM   1002 N  NE  . ARG A 1 132 ? 4.448   1.046   7.489   1.00 25.06  ? 132  ARG A NE  1 
ATOM   1003 C  CZ  . ARG A 1 132 ? 5.167   0.145   8.142   1.00 24.72  ? 132  ARG A CZ  1 
ATOM   1004 N  NH1 . ARG A 1 132 ? 4.848   -0.191  9.381   1.00 25.14  ? 132  ARG A NH1 1 
ATOM   1005 N  NH2 . ARG A 1 132 ? 6.202   -0.430  7.542   1.00 24.98  ? 132  ARG A NH2 1 
ATOM   1006 N  N   . ASN A 1 133 ? -1.893  2.577   6.947   1.00 28.90  ? 133  ASN A N   1 
ATOM   1007 C  CA  . ASN A 1 133 ? -3.212  2.642   7.547   1.00 29.56  ? 133  ASN A CA  1 
ATOM   1008 C  C   . ASN A 1 133 ? -4.110  3.634   6.820   1.00 30.65  ? 133  ASN A C   1 
ATOM   1009 O  O   . ASN A 1 133 ? -4.608  4.594   7.407   1.00 30.91  ? 133  ASN A O   1 
ATOM   1010 C  CB  . ASN A 1 133 ? -3.072  3.023   9.023   1.00 29.62  ? 133  ASN A CB  1 
ATOM   1011 C  CG  . ASN A 1 133 ? -4.285  2.650   9.843   1.00 29.20  ? 133  ASN A CG  1 
ATOM   1012 O  OD1 . ASN A 1 133 ? -4.887  3.502   10.484  1.00 29.49  ? 133  ASN A OD1 1 
ATOM   1013 N  ND2 . ASN A 1 133 ? -4.643  1.369   9.837   1.00 28.52  ? 133  ASN A ND2 1 
ATOM   1014 N  N   . HIS A 1 134 ? -4.302  3.396   5.530   1.00 30.64  ? 134  HIS A N   1 
ATOM   1015 C  CA  . HIS A 1 134 ? -5.157  4.248   4.723   1.00 29.94  ? 134  HIS A CA  1 
ATOM   1016 C  C   . HIS A 1 134 ? -6.386  3.452   4.244   1.00 30.72  ? 134  HIS A C   1 
ATOM   1017 O  O   . HIS A 1 134 ? -6.259  2.311   3.790   1.00 29.69  ? 134  HIS A O   1 
ATOM   1018 C  CB  . HIS A 1 134 ? -4.352  4.858   3.548   1.00 27.92  ? 134  HIS A CB  1 
ATOM   1019 C  CG  . HIS A 1 134 ? -3.474  3.884   2.815   1.00 25.76  ? 134  HIS A CG  1 
ATOM   1020 N  ND1 . HIS A 1 134 ? -3.932  3.091   1.784   1.00 24.08  ? 134  HIS A ND1 1 
ATOM   1021 C  CD2 . HIS A 1 134 ? -2.151  3.605   2.937   1.00 24.39  ? 134  HIS A CD2 1 
ATOM   1022 C  CE1 . HIS A 1 134 ? -2.934  2.373   1.300   1.00 21.78  ? 134  HIS A CE1 1 
ATOM   1023 N  NE2 . HIS A 1 134 ? -1.842  2.667   1.983   1.00 21.56  ? 134  HIS A NE2 1 
ATOM   1024 N  N   . LYS A 1 135 ? -7.569  4.061   4.387   1.00 31.93  ? 135  LYS A N   1 
ATOM   1025 C  CA  . LYS A 1 135 ? -8.849  3.449   4.007   1.00 32.62  ? 135  LYS A CA  1 
ATOM   1026 C  C   . LYS A 1 135 ? -8.885  3.022   2.550   1.00 31.88  ? 135  LYS A C   1 
ATOM   1027 O  O   . LYS A 1 135 ? -9.493  2.013   2.218   1.00 31.58  ? 135  LYS A O   1 
ATOM   1028 C  CB  . LYS A 1 135 ? -10.011 4.418   4.250   1.00 35.38  ? 135  LYS A CB  1 
ATOM   1029 C  CG  . LYS A 1 135 ? -10.348 4.687   5.696   1.00 38.16  ? 135  LYS A CG  1 
ATOM   1030 C  CD  . LYS A 1 135 ? -11.231 3.611   6.276   1.00 41.03  ? 135  LYS A CD  1 
ATOM   1031 C  CE  . LYS A 1 135 ? -11.505 3.895   7.745   1.00 44.06  ? 135  LYS A CE  1 
ATOM   1032 N  NZ  . LYS A 1 135 ? -12.138 5.231   7.941   1.00 44.62  ? 135  LYS A NZ  1 
ATOM   1033 N  N   . TYR A 1 136 ? -8.265  3.807   1.679   1.00 31.42  ? 136  TYR A N   1 
ATOM   1034 C  CA  . TYR A 1 136 ? -8.235  3.471   0.263   1.00 31.21  ? 136  TYR A CA  1 
ATOM   1035 C  C   . TYR A 1 136 ? -6.819  3.595   -0.263  1.00 30.83  ? 136  TYR A C   1 
ATOM   1036 O  O   . TYR A 1 136 ? -5.973  4.245   0.356   1.00 30.47  ? 136  TYR A O   1 
ATOM   1037 C  CB  . TYR A 1 136 ? -9.162  4.386   -0.543  1.00 32.63  ? 136  TYR A CB  1 
ATOM   1038 C  CG  . TYR A 1 136 ? -10.616 4.255   -0.166  1.00 34.44  ? 136  TYR A CG  1 
ATOM   1039 C  CD1 . TYR A 1 136 ? -11.133 4.951   0.922   1.00 35.45  ? 136  TYR A CD1 1 
ATOM   1040 C  CD2 . TYR A 1 136 ? -11.464 3.404   -0.871  1.00 34.71  ? 136  TYR A CD2 1 
ATOM   1041 C  CE1 . TYR A 1 136 ? -12.456 4.806   1.307   1.00 36.99  ? 136  TYR A CE1 1 
ATOM   1042 C  CE2 . TYR A 1 136 ? -12.792 3.246   -0.495  1.00 36.19  ? 136  TYR A CE2 1 
ATOM   1043 C  CZ  . TYR A 1 136 ? -13.281 3.952   0.594   1.00 37.89  ? 136  TYR A CZ  1 
ATOM   1044 O  OH  . TYR A 1 136 ? -14.598 3.812   0.974   1.00 39.77  ? 136  TYR A OH  1 
ATOM   1045 N  N   . PRO A 1 137 ? -6.532  2.962   -1.413  1.00 30.16  ? 137  PRO A N   1 
ATOM   1046 C  CA  . PRO A 1 137 ? -5.175  3.057   -1.959  1.00 29.46  ? 137  PRO A CA  1 
ATOM   1047 C  C   . PRO A 1 137 ? -4.727  4.511   -2.226  1.00 29.16  ? 137  PRO A C   1 
ATOM   1048 O  O   . PRO A 1 137 ? -5.500  5.329   -2.737  1.00 27.70  ? 137  PRO A O   1 
ATOM   1049 C  CB  . PRO A 1 137 ? -5.242  2.182   -3.218  1.00 29.64  ? 137  PRO A CB  1 
ATOM   1050 C  CG  . PRO A 1 137 ? -6.704  2.141   -3.567  1.00 28.70  ? 137  PRO A CG  1 
ATOM   1051 C  CD  . PRO A 1 137 ? -7.384  2.086   -2.236  1.00 28.84  ? 137  PRO A CD  1 
ATOM   1052 N  N   . VAL A 1 138 ? -3.482  4.821   -1.845  1.00 28.76  ? 138  VAL A N   1 
ATOM   1053 C  CA  . VAL A 1 138 ? -2.898  6.154   -2.014  1.00 26.83  ? 138  VAL A CA  1 
ATOM   1054 C  C   . VAL A 1 138 ? -2.272  6.309   -3.393  1.00 27.89  ? 138  VAL A C   1 
ATOM   1055 O  O   . VAL A 1 138 ? -1.283  5.659   -3.722  1.00 26.55  ? 138  VAL A O   1 
ATOM   1056 C  CB  . VAL A 1 138 ? -1.787  6.451   -0.961  1.00 24.51  ? 138  VAL A CB  1 
ATOM   1057 C  CG1 . VAL A 1 138 ? -1.378  7.925   -1.020  1.00 23.90  ? 138  VAL A CG1 1 
ATOM   1058 C  CG2 . VAL A 1 138 ? -2.266  6.089   0.424   1.00 21.74  ? 138  VAL A CG2 1 
HETATM 1059 N  N   . MSE A 1 139 ? -2.877  7.179   -4.185  1.00 30.24  ? 139  MSE A N   1 
HETATM 1060 C  CA  . MSE A 1 139 ? -2.436  7.499   -5.535  1.00 33.02  ? 139  MSE A CA  1 
HETATM 1061 C  C   . MSE A 1 139 ? -1.836  8.879   -5.363  1.00 34.40  ? 139  MSE A C   1 
HETATM 1062 O  O   . MSE A 1 139 ? -2.527  9.765   -4.888  1.00 39.16  ? 139  MSE A O   1 
HETATM 1063 C  CB  . MSE A 1 139 ? -3.661  7.639   -6.438  1.00 36.02  ? 139  MSE A CB  1 
HETATM 1064 C  CG  . MSE A 1 139 ? -4.612  6.466   -6.444  1.00 42.08  ? 139  MSE A CG  1 
HETATM 1065 SE SE  . MSE A 1 139 ? -3.919  4.991   -7.479  1.00 52.10  ? 139  MSE A SE  1 
HETATM 1066 C  CE  . MSE A 1 139 ? -3.928  5.834   -9.238  1.00 46.92  ? 139  MSE A CE  1 
ATOM   1067 N  N   . LYS A 1 140 ? -0.582  9.118   -5.690  1.00 33.48  ? 140  LYS A N   1 
ATOM   1068 C  CA  . LYS A 1 140 ? -0.125  10.507  -5.524  1.00 33.31  ? 140  LYS A CA  1 
ATOM   1069 C  C   . LYS A 1 140 ? -0.046  11.107  -4.101  1.00 31.91  ? 140  LYS A C   1 
ATOM   1070 O  O   . LYS A 1 140 ? -0.986  11.024  -3.306  1.00 29.83  ? 140  LYS A O   1 
ATOM   1071 C  CB  . LYS A 1 140 ? -1.022  11.431  -6.367  1.00 33.29  ? 140  LYS A CB  1 
ATOM   1072 C  CG  . LYS A 1 140 ? -0.804  12.917  -6.116  1.00 33.05  ? 140  LYS A CG  1 
ATOM   1073 C  CD  . LYS A 1 140 ? -1.837  13.765  -6.843  1.00 33.83  ? 140  LYS A CD  1 
ATOM   1074 C  CE  . LYS A 1 140 ? -1.434  14.082  -8.269  1.00 31.65  ? 140  LYS A CE  1 
ATOM   1075 N  NZ  . LYS A 1 140 ? -0.347  15.090  -8.316  1.00 31.57  ? 140  LYS A NZ  1 
HETATM 1076 N  N   . MSE A 1 141 ? 1.090   11.748  -3.831  1.00 32.05  ? 141  MSE A N   1 
HETATM 1077 C  CA  . MSE A 1 141 ? 1.380   12.439  -2.574  1.00 31.70  ? 141  MSE A CA  1 
HETATM 1078 C  C   . MSE A 1 141 ? 2.208   13.660  -2.962  1.00 31.03  ? 141  MSE A C   1 
HETATM 1079 O  O   . MSE A 1 141 ? 3.145   13.553  -3.764  1.00 30.39  ? 141  MSE A O   1 
HETATM 1080 C  CB  . MSE A 1 141 ? 2.197   11.561  -1.633  1.00 32.89  ? 141  MSE A CB  1 
HETATM 1081 C  CG  . MSE A 1 141 ? 2.565   12.245  -0.325  1.00 37.51  ? 141  MSE A CG  1 
HETATM 1082 SE SE  . MSE A 1 141 ? 3.442   11.056  0.970   1.00 44.38  ? 141  MSE A SE  1 
HETATM 1083 C  CE  . MSE A 1 141 ? 3.914   12.360  2.345   1.00 43.46  ? 141  MSE A CE  1 
ATOM   1084 N  N   . GLU A 1 142 ? 1.864   14.820  -2.406  1.00 29.16  ? 142  GLU A N   1 
ATOM   1085 C  CA  . GLU A 1 142 ? 2.593   16.041  -2.720  1.00 28.81  ? 142  GLU A CA  1 
ATOM   1086 C  C   . GLU A 1 142 ? 2.986   16.756  -1.453  1.00 28.54  ? 142  GLU A C   1 
ATOM   1087 O  O   . GLU A 1 142 ? 2.371   16.560  -0.410  1.00 30.16  ? 142  GLU A O   1 
ATOM   1088 C  CB  . GLU A 1 142 ? 1.728   16.975  -3.563  1.00 30.05  ? 142  GLU A CB  1 
ATOM   1089 C  CG  . GLU A 1 142 ? 0.956   16.284  -4.673  1.00 29.97  ? 142  GLU A CG  1 
ATOM   1090 C  CD  . GLU A 1 142 ? -0.104  17.185  -5.266  1.00 31.72  ? 142  GLU A CD  1 
ATOM   1091 O  OE1 . GLU A 1 142 ? 0.245   18.051  -6.094  1.00 32.52  ? 142  GLU A OE1 1 
ATOM   1092 O  OE2 . GLU A 1 142 ? -1.291  17.039  -4.889  1.00 32.52  ? 142  GLU A OE2 1 
ATOM   1093 N  N   . TYR A 1 143 ? 4.022   17.577  -1.535  1.00 28.66  ? 143  TYR A N   1 
ATOM   1094 C  CA  . TYR A 1 143 ? 4.464   18.338  -0.377  1.00 28.69  ? 143  TYR A CA  1 
ATOM   1095 C  C   . TYR A 1 143 ? 4.554   19.799  -0.800  1.00 30.36  ? 143  TYR A C   1 
ATOM   1096 O  O   . TYR A 1 143 ? 4.735   20.102  -1.981  1.00 30.69  ? 143  TYR A O   1 
ATOM   1097 C  CB  . TYR A 1 143 ? 5.812   17.798  0.133   1.00 25.98  ? 143  TYR A CB  1 
ATOM   1098 C  CG  . TYR A 1 143 ? 6.993   17.932  -0.814  1.00 24.00  ? 143  TYR A CG  1 
ATOM   1099 C  CD1 . TYR A 1 143 ? 7.804   19.072  -0.792  1.00 22.56  ? 143  TYR A CD1 1 
ATOM   1100 C  CD2 . TYR A 1 143 ? 7.313   16.910  -1.718  1.00 23.58  ? 143  TYR A CD2 1 
ATOM   1101 C  CE1 . TYR A 1 143 ? 8.910   19.195  -1.646  1.00 21.21  ? 143  TYR A CE1 1 
ATOM   1102 C  CE2 . TYR A 1 143 ? 8.421   17.019  -2.582  1.00 22.57  ? 143  TYR A CE2 1 
ATOM   1103 C  CZ  . TYR A 1 143 ? 9.212   18.171  -2.536  1.00 22.32  ? 143  TYR A CZ  1 
ATOM   1104 O  OH  . TYR A 1 143 ? 10.303  18.310  -3.377  1.00 24.29  ? 143  TYR A OH  1 
ATOM   1105 N  N   . GLU A 1 144 ? 4.401   20.711  0.144   1.00 32.61  ? 144  GLU A N   1 
ATOM   1106 C  CA  . GLU A 1 144 ? 4.468   22.116  -0.206  1.00 36.68  ? 144  GLU A CA  1 
ATOM   1107 C  C   . GLU A 1 144 ? 5.851   22.723  -0.010  1.00 36.87  ? 144  GLU A C   1 
ATOM   1108 O  O   . GLU A 1 144 ? 6.527   22.462  0.984   1.00 35.83  ? 144  GLU A O   1 
ATOM   1109 C  CB  . GLU A 1 144 ? 3.442   22.906  0.598   1.00 40.78  ? 144  GLU A CB  1 
ATOM   1110 C  CG  . GLU A 1 144 ? 3.518   24.399  0.384   1.00 47.28  ? 144  GLU A CG  1 
ATOM   1111 C  CD  . GLU A 1 144 ? 2.303   25.101  0.924   1.00 52.94  ? 144  GLU A CD  1 
ATOM   1112 O  OE1 . GLU A 1 144 ? 1.964   24.864  2.112   1.00 54.90  ? 144  GLU A OE1 1 
ATOM   1113 O  OE2 . GLU A 1 144 ? 1.681   25.889  0.164   1.00 56.72  ? 144  GLU A OE2 1 
ATOM   1114 N  N   . LYS A 1 145 ? 6.265   23.523  -0.986  1.00 37.90  ? 145  LYS A N   1 
ATOM   1115 C  CA  . LYS A 1 145 ? 7.555   24.200  -0.948  1.00 39.75  ? 145  LYS A CA  1 
ATOM   1116 C  C   . LYS A 1 145 ? 7.432   25.513  -1.727  1.00 41.66  ? 145  LYS A C   1 
ATOM   1117 O  O   . LYS A 1 145 ? 7.020   25.524  -2.889  1.00 41.60  ? 145  LYS A O   1 
ATOM   1118 C  CB  . LYS A 1 145 ? 8.640   23.315  -1.565  1.00 36.94  ? 145  LYS A CB  1 
ATOM   1119 C  CG  . LYS A 1 145 ? 10.051  23.816  -1.344  1.00 35.02  ? 145  LYS A CG  1 
ATOM   1120 C  CD  . LYS A 1 145 ? 11.030  22.969  -2.128  1.00 36.23  ? 145  LYS A CD  1 
ATOM   1121 C  CE  . LYS A 1 145 ? 12.455  23.365  -1.836  1.00 37.69  ? 145  LYS A CE  1 
ATOM   1122 N  NZ  . LYS A 1 145 ? 12.771  24.713  -2.370  1.00 41.76  ? 145  LYS A NZ  1 
ATOM   1123 N  N   . ASP A 1 146 ? 7.783   26.614  -1.071  1.00 43.82  ? 146  ASP A N   1 
ATOM   1124 C  CA  . ASP A 1 146 ? 7.712   27.939  -1.678  1.00 45.99  ? 146  ASP A CA  1 
ATOM   1125 C  C   . ASP A 1 146 ? 6.354   28.207  -2.340  1.00 46.01  ? 146  ASP A C   1 
ATOM   1126 O  O   . ASP A 1 146 ? 6.288   28.676  -3.480  1.00 45.99  ? 146  ASP A O   1 
ATOM   1127 C  CB  . ASP A 1 146 ? 8.847   28.131  -2.703  1.00 48.24  ? 146  ASP A CB  1 
ATOM   1128 C  CG  . ASP A 1 146 ? 10.241  27.969  -2.084  1.00 50.18  ? 146  ASP A CG  1 
ATOM   1129 O  OD1 . ASP A 1 146 ? 10.395  28.253  -0.869  1.00 50.13  ? 146  ASP A OD1 1 
ATOM   1130 O  OD2 . ASP A 1 146 ? 11.184  27.576  -2.818  1.00 51.22  ? 146  ASP A OD2 1 
ATOM   1131 N  N   . GLY A 1 147 ? 5.279   27.896  -1.614  1.00 45.78  ? 147  GLY A N   1 
ATOM   1132 C  CA  . GLY A 1 147 ? 3.928   28.122  -2.108  1.00 44.71  ? 147  GLY A CA  1 
ATOM   1133 C  C   . GLY A 1 147 ? 3.461   27.252  -3.260  1.00 44.43  ? 147  GLY A C   1 
ATOM   1134 O  O   . GLY A 1 147 ? 2.419   27.512  -3.865  1.00 44.86  ? 147  GLY A O   1 
ATOM   1135 N  N   . LYS A 1 148 ? 4.235   26.218  -3.569  1.00 43.55  ? 148  LYS A N   1 
ATOM   1136 C  CA  . LYS A 1 148 ? 3.900   25.304  -4.649  1.00 41.19  ? 148  LYS A CA  1 
ATOM   1137 C  C   . LYS A 1 148 ? 3.805   23.879  -4.114  1.00 38.74  ? 148  LYS A C   1 
ATOM   1138 O  O   . LYS A 1 148 ? 4.433   23.545  -3.110  1.00 37.74  ? 148  LYS A O   1 
ATOM   1139 C  CB  . LYS A 1 148 ? 4.962   25.399  -5.749  1.00 44.46  ? 148  LYS A CB  1 
ATOM   1140 C  CG  . LYS A 1 148 ? 5.101   26.809  -6.345  1.00 50.20  ? 148  LYS A CG  1 
ATOM   1141 C  CD  . LYS A 1 148 ? 3.751   27.341  -6.865  1.00 54.03  ? 148  LYS A CD  1 
ATOM   1142 C  CE  . LYS A 1 148 ? 3.839   28.773  -7.397  1.00 55.31  ? 148  LYS A CE  1 
ATOM   1143 N  NZ  . LYS A 1 148 ? 2.485   29.350  -7.671  1.00 57.48  ? 148  LYS A NZ  1 
ATOM   1144 N  N   . TRP A 1 149 ? 2.999   23.049  -4.772  1.00 35.80  ? 149  TRP A N   1 
ATOM   1145 C  CA  . TRP A 1 149 ? 2.832   21.657  -4.373  1.00 33.86  ? 149  TRP A CA  1 
ATOM   1146 C  C   . TRP A 1 149 ? 3.587   20.737  -5.305  1.00 33.99  ? 149  TRP A C   1 
ATOM   1147 O  O   . TRP A 1 149 ? 3.159   20.500  -6.433  1.00 35.10  ? 149  TRP A O   1 
ATOM   1148 C  CB  . TRP A 1 149 ? 1.364   21.260  -4.370  1.00 32.06  ? 149  TRP A CB  1 
ATOM   1149 C  CG  . TRP A 1 149 ? 0.627   21.846  -3.225  1.00 32.97  ? 149  TRP A CG  1 
ATOM   1150 C  CD1 . TRP A 1 149 ? -0.007  23.046  -3.195  1.00 33.42  ? 149  TRP A CD1 1 
ATOM   1151 C  CD2 . TRP A 1 149 ? 0.505   21.294  -1.908  1.00 31.87  ? 149  TRP A CD2 1 
ATOM   1152 N  NE1 . TRP A 1 149 ? -0.521  23.283  -1.943  1.00 32.70  ? 149  TRP A NE1 1 
ATOM   1153 C  CE2 . TRP A 1 149 ? -0.222  22.220  -1.132  1.00 32.14  ? 149  TRP A CE2 1 
ATOM   1154 C  CE3 . TRP A 1 149 ? 0.937   20.107  -1.309  1.00 30.48  ? 149  TRP A CE3 1 
ATOM   1155 C  CZ2 . TRP A 1 149 ? -0.522  22.002  0.212   1.00 31.00  ? 149  TRP A CZ2 1 
ATOM   1156 C  CZ3 . TRP A 1 149 ? 0.640   19.888  0.027   1.00 30.14  ? 149  TRP A CZ3 1 
ATOM   1157 C  CH2 . TRP A 1 149 ? -0.086  20.831  0.773   1.00 29.71  ? 149  TRP A CH2 1 
ATOM   1158 N  N   . ILE A 1 150 ? 4.708   20.214  -4.819  1.00 33.71  ? 150  ILE A N   1 
ATOM   1159 C  CA  . ILE A 1 150 ? 5.541   19.318  -5.606  1.00 32.36  ? 150  ILE A CA  1 
ATOM   1160 C  C   . ILE A 1 150 ? 5.042   17.888  -5.502  1.00 32.39  ? 150  ILE A C   1 
ATOM   1161 O  O   . ILE A 1 150 ? 4.781   17.386  -4.409  1.00 32.07  ? 150  ILE A O   1 
ATOM   1162 C  CB  . ILE A 1 150 ? 6.997   19.382  -5.143  1.00 31.70  ? 150  ILE A CB  1 
ATOM   1163 C  CG1 . ILE A 1 150 ? 7.479   20.835  -5.196  1.00 30.85  ? 150  ILE A CG1 1 
ATOM   1164 C  CG2 . ILE A 1 150 ? 7.863   18.479  -6.015  1.00 30.85  ? 150  ILE A CG2 1 
ATOM   1165 C  CD1 . ILE A 1 150 ? 8.869   21.061  -4.624  1.00 31.24  ? 150  ILE A CD1 1 
ATOM   1166 N  N   . ASN A 1 151 ? 4.911   17.240  -6.654  1.00 32.39  ? 151  ASN A N   1 
ATOM   1167 C  CA  . ASN A 1 151 ? 4.439   15.865  -6.719  1.00 31.29  ? 151  ASN A CA  1 
ATOM   1168 C  C   . ASN A 1 151 ? 5.545   14.842  -6.469  1.00 30.20  ? 151  ASN A C   1 
ATOM   1169 O  O   . ASN A 1 151 ? 6.613   14.916  -7.075  1.00 29.62  ? 151  ASN A O   1 
ATOM   1170 C  CB  . ASN A 1 151 ? 3.818   15.606  -8.081  1.00 32.16  ? 151  ASN A CB  1 
ATOM   1171 C  CG  . ASN A 1 151 ? 3.107   14.285  -8.137  1.00 34.82  ? 151  ASN A CG  1 
ATOM   1172 O  OD1 . ASN A 1 151 ? 2.112   14.077  -7.444  1.00 37.62  ? 151  ASN A OD1 1 
ATOM   1173 N  ND2 . ASN A 1 151 ? 3.612   13.376  -8.954  1.00 36.19  ? 151  ASN A ND2 1 
HETATM 1174 N  N   . MSE A 1 152 ? 5.283   13.882  -5.583  1.00 29.42  ? 152  MSE A N   1 
HETATM 1175 C  CA  . MSE A 1 152 ? 6.260   12.843  -5.252  1.00 27.91  ? 152  MSE A CA  1 
HETATM 1176 C  C   . MSE A 1 152 ? 5.984   11.558  -6.008  1.00 27.15  ? 152  MSE A C   1 
HETATM 1177 O  O   . MSE A 1 152 ? 4.856   11.065  -6.011  1.00 28.31  ? 152  MSE A O   1 
HETATM 1178 C  CB  . MSE A 1 152 ? 6.225   12.551  -3.759  1.00 30.29  ? 152  MSE A CB  1 
HETATM 1179 C  CG  . MSE A 1 152 ? 6.367   13.784  -2.898  1.00 33.84  ? 152  MSE A CG  1 
HETATM 1180 SE SE  . MSE A 1 152 ? 6.209   13.397  -1.008  1.00 42.14  ? 152  MSE A SE  1 
HETATM 1181 C  CE  . MSE A 1 152 ? 8.026   12.856  -0.567  1.00 33.16  ? 152  MSE A CE  1 
ATOM   1182 N  N   . GLU A 1 153 ? 7.011   10.998  -6.639  1.00 25.85  ? 153  GLU A N   1 
ATOM   1183 C  CA  . GLU A 1 153 ? 6.833   9.764   -7.394  1.00 26.61  ? 153  GLU A CA  1 
ATOM   1184 C  C   . GLU A 1 153 ? 6.745   8.534   -6.498  1.00 27.39  ? 153  GLU A C   1 
ATOM   1185 O  O   . GLU A 1 153 ? 7.614   8.304   -5.652  1.00 27.39  ? 153  GLU A O   1 
ATOM   1186 C  CB  . GLU A 1 153 ? 7.973   9.569   -8.393  1.00 26.21  ? 153  GLU A CB  1 
ATOM   1187 C  CG  . GLU A 1 153 ? 7.687   8.422   -9.340  1.00 29.59  ? 153  GLU A CG  1 
ATOM   1188 C  CD  . GLU A 1 153 ? 8.850   8.066   -10.248 1.00 31.90  ? 153  GLU A CD  1 
ATOM   1189 O  OE1 . GLU A 1 153 ? 8.659   7.176   -11.105 1.00 34.23  ? 153  GLU A OE1 1 
ATOM   1190 O  OE2 . GLU A 1 153 ? 9.940   8.659   -10.115 1.00 31.52  ? 153  GLU A OE2 1 
ATOM   1191 N  N   . LYS A 1 154 ? 5.702   7.731   -6.690  1.00 27.22  ? 154  LYS A N   1 
ATOM   1192 C  CA  . LYS A 1 154 ? 5.535   6.527   -5.886  1.00 27.11  ? 154  LYS A CA  1 
ATOM   1193 C  C   . LYS A 1 154 ? 6.414   5.412   -6.449  1.00 28.96  ? 154  LYS A C   1 
ATOM   1194 O  O   . LYS A 1 154 ? 6.387   5.120   -7.642  1.00 29.37  ? 154  LYS A O   1 
ATOM   1195 C  CB  . LYS A 1 154 ? 4.069   6.093   -5.863  1.00 23.02  ? 154  LYS A CB  1 
ATOM   1196 C  CG  . LYS A 1 154 ? 3.747   5.169   -4.707  1.00 21.07  ? 154  LYS A CG  1 
ATOM   1197 C  CD  . LYS A 1 154 ? 2.260   4.848   -4.627  1.00 20.98  ? 154  LYS A CD  1 
ATOM   1198 C  CE  . LYS A 1 154 ? 1.947   4.073   -3.354  1.00 17.90  ? 154  LYS A CE  1 
ATOM   1199 N  NZ  . LYS A 1 154 ? 0.502   3.761   -3.197  1.00 21.65  ? 154  LYS A NZ  1 
HETATM 1200 N  N   . MSE A 1 155 ? 7.194   4.786   -5.580  1.00 31.19  ? 155  MSE A N   1 
HETATM 1201 C  CA  . MSE A 1 155 ? 8.109   3.732   -5.989  1.00 32.13  ? 155  MSE A CA  1 
HETATM 1202 C  C   . MSE A 1 155 ? 7.560   2.313   -5.777  1.00 30.06  ? 155  MSE A C   1 
HETATM 1203 O  O   . MSE A 1 155 ? 6.519   2.121   -5.147  1.00 28.35  ? 155  MSE A O   1 
HETATM 1204 C  CB  . MSE A 1 155 ? 9.423   3.924   -5.223  1.00 37.56  ? 155  MSE A CB  1 
HETATM 1205 C  CG  . MSE A 1 155 ? 10.641  4.273   -6.092  1.00 47.77  ? 155  MSE A CG  1 
HETATM 1206 SE SE  . MSE A 1 155 ? 10.408  5.765   -7.318  1.00 53.32  ? 155  MSE A SE  1 
HETATM 1207 C  CE  . MSE A 1 155 ? 12.282  6.066   -7.701  1.00 58.00  ? 155  MSE A CE  1 
ATOM   1208 N  N   . ASP A 1 156 ? 8.268   1.323   -6.307  1.00 29.51  ? 156  ASP A N   1 
ATOM   1209 C  CA  . ASP A 1 156 ? 7.864   -0.066  -6.160  1.00 28.38  ? 156  ASP A CA  1 
ATOM   1210 C  C   . ASP A 1 156 ? 7.882   -0.514  -4.714  1.00 27.18  ? 156  ASP A C   1 
ATOM   1211 O  O   . ASP A 1 156 ? 7.200   -1.476  -4.359  1.00 27.49  ? 156  ASP A O   1 
ATOM   1212 C  CB  . ASP A 1 156 ? 8.789   -0.993  -6.938  1.00 32.23  ? 156  ASP A CB  1 
ATOM   1213 C  CG  . ASP A 1 156 ? 8.605   -0.878  -8.421  1.00 36.52  ? 156  ASP A CG  1 
ATOM   1214 O  OD1 . ASP A 1 156 ? 7.435   -0.792  -8.884  1.00 40.89  ? 156  ASP A OD1 1 
ATOM   1215 O  OD2 . ASP A 1 156 ? 9.631   -0.892  -9.134  1.00 39.48  ? 156  ASP A OD2 1 
ATOM   1216 N  N   . TYR A 1 157 ? 8.682   0.149   -3.883  1.00 24.60  ? 157  TYR A N   1 
ATOM   1217 C  CA  . TYR A 1 157 ? 8.740   -0.236  -2.483  1.00 22.65  ? 157  TYR A CA  1 
ATOM   1218 C  C   . TYR A 1 157 ? 7.717   0.505   -1.620  1.00 22.66  ? 157  TYR A C   1 
ATOM   1219 O  O   . TYR A 1 157 ? 7.920   0.709   -0.423  1.00 21.72  ? 157  TYR A O   1 
ATOM   1220 C  CB  . TYR A 1 157 ? 10.165  -0.096  -1.936  1.00 20.18  ? 157  TYR A CB  1 
ATOM   1221 C  CG  . TYR A 1 157 ? 10.861  1.203   -2.251  1.00 20.33  ? 157  TYR A CG  1 
ATOM   1222 C  CD1 . TYR A 1 157 ? 10.803  2.279   -1.366  1.00 20.04  ? 157  TYR A CD1 1 
ATOM   1223 C  CD2 . TYR A 1 157 ? 11.584  1.357   -3.432  1.00 18.38  ? 157  TYR A CD2 1 
ATOM   1224 C  CE1 . TYR A 1 157 ? 11.450  3.479   -1.645  1.00 20.62  ? 157  TYR A CE1 1 
ATOM   1225 C  CE2 . TYR A 1 157 ? 12.236  2.551   -3.724  1.00 18.47  ? 157  TYR A CE2 1 
ATOM   1226 C  CZ  . TYR A 1 157 ? 12.164  3.606   -2.827  1.00 20.98  ? 157  TYR A CZ  1 
ATOM   1227 O  OH  . TYR A 1 157 ? 12.799  4.795   -3.104  1.00 23.48  ? 157  TYR A OH  1 
ATOM   1228 N  N   . ASN A 1 158 ? 6.613   0.895   -2.257  1.00 22.38  ? 158  ASN A N   1 
ATOM   1229 C  CA  . ASN A 1 158 ? 5.499   1.554   -1.590  1.00 23.37  ? 158  ASN A CA  1 
ATOM   1230 C  C   . ASN A 1 158 ? 5.857   2.815   -0.790  1.00 24.96  ? 158  ASN A C   1 
ATOM   1231 O  O   . ASN A 1 158 ? 5.359   3.028   0.319   1.00 26.55  ? 158  ASN A O   1 
ATOM   1232 C  CB  . ASN A 1 158 ? 4.806   0.526   -0.686  1.00 24.17  ? 158  ASN A CB  1 
ATOM   1233 C  CG  . ASN A 1 158 ? 3.494   1.024   -0.107  1.00 24.28  ? 158  ASN A CG  1 
ATOM   1234 O  OD1 . ASN A 1 158 ? 3.112   0.625   0.994   1.00 26.61  ? 158  ASN A OD1 1 
ATOM   1235 N  ND2 . ASN A 1 158 ? 2.793   1.879   -0.843  1.00 23.11  ? 158  ASN A ND2 1 
ATOM   1236 N  N   . HIS A 1 159 ? 6.725   3.648   -1.350  1.00 24.69  ? 159  HIS A N   1 
ATOM   1237 C  CA  . HIS A 1 159 ? 7.115   4.900   -0.711  1.00 23.50  ? 159  HIS A CA  1 
ATOM   1238 C  C   . HIS A 1 159 ? 7.114   5.988   -1.767  1.00 23.29  ? 159  HIS A C   1 
ATOM   1239 O  O   . HIS A 1 159 ? 7.410   5.733   -2.941  1.00 22.61  ? 159  HIS A O   1 
ATOM   1240 C  CB  . HIS A 1 159 ? 8.528   4.820   -0.141  1.00 22.00  ? 159  HIS A CB  1 
ATOM   1241 C  CG  . HIS A 1 159 ? 8.626   4.120   1.173   1.00 22.67  ? 159  HIS A CG  1 
ATOM   1242 N  ND1 . HIS A 1 159 ? 9.013   4.764   2.331   1.00 24.34  ? 159  HIS A ND1 1 
ATOM   1243 C  CD2 . HIS A 1 159 ? 8.476   2.816   1.506   1.00 22.09  ? 159  HIS A CD2 1 
ATOM   1244 C  CE1 . HIS A 1 159 ? 9.107   3.890   3.314   1.00 21.90  ? 159  HIS A CE1 1 
ATOM   1245 N  NE2 . HIS A 1 159 ? 8.786   2.698   2.838   1.00 23.45  ? 159  HIS A NE2 1 
ATOM   1246 N  N   . PHE A 1 160 ? 6.778   7.202   -1.348  1.00 23.76  ? 160  PHE A N   1 
ATOM   1247 C  CA  . PHE A 1 160 ? 6.786   8.335   -2.261  1.00 22.82  ? 160  PHE A CA  1 
ATOM   1248 C  C   . PHE A 1 160 ? 8.131   9.016   -2.093  1.00 22.21  ? 160  PHE A C   1 
ATOM   1249 O  O   . PHE A 1 160 ? 8.527   9.358   -0.978  1.00 21.72  ? 160  PHE A O   1 
ATOM   1250 C  CB  . PHE A 1 160 ? 5.653   9.299   -1.935  1.00 22.59  ? 160  PHE A CB  1 
ATOM   1251 C  CG  . PHE A 1 160 ? 4.298   8.778   -2.304  1.00 22.03  ? 160  PHE A CG  1 
ATOM   1252 C  CD1 . PHE A 1 160 ? 3.570   7.989   -1.417  1.00 23.65  ? 160  PHE A CD1 1 
ATOM   1253 C  CD2 . PHE A 1 160 ? 3.753   9.066   -3.548  1.00 21.43  ? 160  PHE A CD2 1 
ATOM   1254 C  CE1 . PHE A 1 160 ? 2.310   7.499   -1.771  1.00 22.77  ? 160  PHE A CE1 1 
ATOM   1255 C  CE2 . PHE A 1 160 ? 2.499   8.582   -3.911  1.00 20.77  ? 160  PHE A CE2 1 
ATOM   1256 C  CZ  . PHE A 1 160 ? 1.777   7.800   -3.027  1.00 21.60  ? 160  PHE A CZ  1 
ATOM   1257 N  N   . VAL A 1 161 ? 8.828   9.207   -3.207  1.00 21.58  ? 161  VAL A N   1 
ATOM   1258 C  CA  . VAL A 1 161 ? 10.151  9.808   -3.184  1.00 22.29  ? 161  VAL A CA  1 
ATOM   1259 C  C   . VAL A 1 161 ? 10.212  11.189  -3.838  1.00 24.22  ? 161  VAL A C   1 
ATOM   1260 O  O   . VAL A 1 161 ? 9.367   11.532  -4.665  1.00 24.02  ? 161  VAL A O   1 
ATOM   1261 C  CB  . VAL A 1 161 ? 11.179  8.876   -3.894  1.00 21.09  ? 161  VAL A CB  1 
ATOM   1262 C  CG1 . VAL A 1 161 ? 12.581  9.427   -3.759  1.00 21.28  ? 161  VAL A CG1 1 
ATOM   1263 C  CG2 . VAL A 1 161 ? 11.106  7.470   -3.312  1.00 19.81  ? 161  VAL A CG2 1 
ATOM   1264 N  N   . SER A 1 162 ? 11.204  11.985  -3.428  1.00 25.50  ? 162  SER A N   1 
ATOM   1265 C  CA  . SER A 1 162 ? 11.459  13.314  -3.988  1.00 24.92  ? 162  SER A CA  1 
ATOM   1266 C  C   . SER A 1 162 ? 12.789  13.842  -3.471  1.00 25.49  ? 162  SER A C   1 
ATOM   1267 O  O   . SER A 1 162 ? 13.364  13.295  -2.525  1.00 24.63  ? 162  SER A O   1 
ATOM   1268 C  CB  . SER A 1 162 ? 10.350  14.302  -3.629  1.00 26.96  ? 162  SER A CB  1 
ATOM   1269 O  OG  . SER A 1 162 ? 10.487  15.499  -4.390  1.00 26.52  ? 162  SER A OG  1 
ATOM   1270 N  N   . THR A 1 163 ? 13.294  14.893  -4.111  1.00 25.86  ? 163  THR A N   1 
ATOM   1271 C  CA  . THR A 1 163 ? 14.542  15.508  -3.672  1.00 26.08  ? 163  THR A CA  1 
ATOM   1272 C  C   . THR A 1 163 ? 14.291  16.963  -3.319  1.00 25.40  ? 163  THR A C   1 
ATOM   1273 O  O   . THR A 1 163 ? 13.304  17.559  -3.758  1.00 25.06  ? 163  THR A O   1 
ATOM   1274 C  CB  . THR A 1 163 ? 15.662  15.425  -4.746  1.00 25.66  ? 163  THR A CB  1 
ATOM   1275 O  OG1 . THR A 1 163 ? 15.207  16.003  -5.972  1.00 27.66  ? 163  THR A OG1 1 
ATOM   1276 C  CG2 . THR A 1 163 ? 16.066  13.978  -4.989  1.00 25.89  ? 163  THR A CG2 1 
ATOM   1277 N  N   . ASN A 1 164 ? 15.175  17.518  -2.497  1.00 26.19  ? 164  ASN A N   1 
ATOM   1278 C  CA  . ASN A 1 164 ? 15.070  18.911  -2.081  1.00 26.85  ? 164  ASN A CA  1 
ATOM   1279 C  C   . ASN A 1 164 ? 13.669  19.157  -1.528  1.00 28.22  ? 164  ASN A C   1 
ATOM   1280 O  O   . ASN A 1 164 ? 12.900  19.946  -2.086  1.00 29.66  ? 164  ASN A O   1 
ATOM   1281 C  CB  . ASN A 1 164 ? 15.323  19.812  -3.285  1.00 26.82  ? 164  ASN A CB  1 
ATOM   1282 C  CG  . ASN A 1 164 ? 15.680  21.225  -2.895  1.00 27.72  ? 164  ASN A CG  1 
ATOM   1283 O  OD1 . ASN A 1 164 ? 15.447  22.164  -3.657  1.00 29.00  ? 164  ASN A OD1 1 
ATOM   1284 N  ND2 . ASN A 1 164 ? 16.264  21.388  -1.715  1.00 27.43  ? 164  ASN A ND2 1 
ATOM   1285 N  N   . LEU A 1 165 ? 13.339  18.473  -0.435  1.00 28.79  ? 165  LEU A N   1 
ATOM   1286 C  CA  . LEU A 1 165 ? 12.018  18.592  0.184   1.00 28.85  ? 165  LEU A CA  1 
ATOM   1287 C  C   . LEU A 1 165 ? 11.783  19.957  0.839   1.00 29.90  ? 165  LEU A C   1 
ATOM   1288 O  O   . LEU A 1 165 ? 10.646  20.353  1.100   1.00 30.32  ? 165  LEU A O   1 
ATOM   1289 C  CB  . LEU A 1 165 ? 11.822  17.462  1.205   1.00 26.77  ? 165  LEU A CB  1 
ATOM   1290 C  CG  . LEU A 1 165 ? 11.637  16.006  0.727   1.00 24.75  ? 165  LEU A CG  1 
ATOM   1291 C  CD1 . LEU A 1 165 ? 10.313  15.897  0.015   1.00 22.14  ? 165  LEU A CD1 1 
ATOM   1292 C  CD2 . LEU A 1 165 ? 12.778  15.556  -0.172  1.00 20.87  ? 165  LEU A CD2 1 
ATOM   1293 N  N   . GLY A 1 166 ? 12.856  20.686  1.094   1.00 30.86  ? 166  GLY A N   1 
ATOM   1294 C  CA  . GLY A 1 166 ? 12.686  21.980  1.706   1.00 31.63  ? 166  GLY A CA  1 
ATOM   1295 C  C   . GLY A 1 166 ? 13.115  21.984  3.149   1.00 32.73  ? 166  GLY A C   1 
ATOM   1296 O  O   . GLY A 1 166 ? 13.848  21.112  3.598   1.00 34.07  ? 166  GLY A O   1 
ATOM   1297 N  N   . THR A 1 167 ? 12.609  22.948  3.897   1.00 34.38  ? 167  THR A N   1 
ATOM   1298 C  CA  . THR A 1 167 ? 13.007  23.078  5.276   1.00 34.31  ? 167  THR A CA  1 
ATOM   1299 C  C   . THR A 1 167 ? 11.807  23.246  6.214   1.00 32.45  ? 167  THR A C   1 
ATOM   1300 O  O   . THR A 1 167 ? 10.705  23.589  5.779   1.00 33.11  ? 167  THR A O   1 
ATOM   1301 C  CB  . THR A 1 167 ? 13.953  24.271  5.373   1.00 36.39  ? 167  THR A CB  1 
ATOM   1302 O  OG1 . THR A 1 167 ? 14.591  24.274  6.647   1.00 41.27  ? 167  THR A OG1 1 
ATOM   1303 C  CG2 . THR A 1 167 ? 13.175  25.563  5.167   1.00 36.05  ? 167  THR A CG2 1 
ATOM   1304 N  N   . GLY A 1 168 ? 12.035  23.002  7.498   1.00 30.60  ? 168  GLY A N   1 
ATOM   1305 C  CA  . GLY A 1 168 ? 10.973  23.126  8.470   1.00 29.07  ? 168  GLY A CA  1 
ATOM   1306 C  C   . GLY A 1 168 ? 10.078  21.913  8.387   1.00 29.37  ? 168  GLY A C   1 
ATOM   1307 O  O   . GLY A 1 168 ? 10.420  20.948  7.705   1.00 29.82  ? 168  GLY A O   1 
ATOM   1308 N  N   . SER A 1 169 ? 8.938   21.944  9.070   1.00 28.86  ? 169  SER A N   1 
ATOM   1309 C  CA  . SER A 1 169 ? 8.035   20.811  9.029   1.00 30.61  ? 169  SER A CA  1 
ATOM   1310 C  C   . SER A 1 169 ? 7.437   20.707  7.632   1.00 31.48  ? 169  SER A C   1 
ATOM   1311 O  O   . SER A 1 169 ? 7.252   21.715  6.955   1.00 32.19  ? 169  SER A O   1 
ATOM   1312 C  CB  . SER A 1 169 ? 6.936   20.970  10.073  1.00 32.45  ? 169  SER A CB  1 
ATOM   1313 O  OG  . SER A 1 169 ? 6.186   22.139  9.823   1.00 36.96  ? 169  SER A OG  1 
ATOM   1314 N  N   . LEU A 1 170 ? 7.151   19.480  7.198   1.00 32.51  ? 170  LEU A N   1 
ATOM   1315 C  CA  . LEU A 1 170 ? 6.592   19.235  5.873   1.00 32.42  ? 170  LEU A CA  1 
ATOM   1316 C  C   . LEU A 1 170 ? 5.072   19.221  5.805   1.00 33.11  ? 170  LEU A C   1 
ATOM   1317 O  O   . LEU A 1 170 ? 4.397   18.564  6.597   1.00 33.77  ? 170  LEU A O   1 
ATOM   1318 C  CB  . LEU A 1 170 ? 7.103   17.908  5.306   1.00 32.17  ? 170  LEU A CB  1 
ATOM   1319 C  CG  . LEU A 1 170 ? 8.115   17.859  4.154   1.00 33.42  ? 170  LEU A CG  1 
ATOM   1320 C  CD1 . LEU A 1 170 ? 7.870   16.551  3.396   1.00 32.09  ? 170  LEU A CD1 1 
ATOM   1321 C  CD2 . LEU A 1 170 ? 7.956   19.036  3.204   1.00 32.09  ? 170  LEU A CD2 1 
ATOM   1322 N  N   . LYS A 1 171 ? 4.553   19.958  4.834   1.00 33.52  ? 171  LYS A N   1 
ATOM   1323 C  CA  . LYS A 1 171 ? 3.129   20.049  4.590   1.00 33.31  ? 171  LYS A CA  1 
ATOM   1324 C  C   . LYS A 1 171 ? 2.881   19.112  3.403   1.00 32.26  ? 171  LYS A C   1 
ATOM   1325 O  O   . LYS A 1 171 ? 3.431   19.312  2.315   1.00 31.10  ? 171  LYS A O   1 
ATOM   1326 C  CB  . LYS A 1 171 ? 2.771   21.487  4.235   1.00 35.69  ? 171  LYS A CB  1 
ATOM   1327 C  CG  . LYS A 1 171 ? 1.320   21.711  3.879   1.00 39.64  ? 171  LYS A CG  1 
ATOM   1328 C  CD  . LYS A 1 171 ? 0.522   22.151  5.091   1.00 45.16  ? 171  LYS A CD  1 
ATOM   1329 C  CE  . LYS A 1 171 ? 0.814   23.610  5.446   1.00 47.76  ? 171  LYS A CE  1 
ATOM   1330 N  NZ  . LYS A 1 171 ? 0.309   24.553  4.397   1.00 48.12  ? 171  LYS A NZ  1 
ATOM   1331 N  N   . VAL A 1 172 ? 2.082   18.074  3.633   1.00 30.64  ? 172  VAL A N   1 
ATOM   1332 C  CA  . VAL A 1 172 ? 1.774   17.095  2.598   1.00 28.27  ? 172  VAL A CA  1 
ATOM   1333 C  C   . VAL A 1 172 ? 0.283   16.979  2.323   1.00 28.05  ? 172  VAL A C   1 
ATOM   1334 O  O   . VAL A 1 172 ? -0.560  17.280  3.171   1.00 28.21  ? 172  VAL A O   1 
ATOM   1335 C  CB  . VAL A 1 172 ? 2.303   15.679  2.963   1.00 27.88  ? 172  VAL A CB  1 
ATOM   1336 C  CG1 . VAL A 1 172 ? 3.826   15.639  2.878   1.00 24.19  ? 172  VAL A CG1 1 
ATOM   1337 C  CG2 . VAL A 1 172 ? 1.819   15.285  4.351   1.00 24.83  ? 172  VAL A CG2 1 
ATOM   1338 N  N   . ARG A 1 173 ? -0.022  16.507  1.122   1.00 27.90  ? 173  ARG A N   1 
ATOM   1339 C  CA  . ARG A 1 173 ? -1.386  16.342  0.658   1.00 28.75  ? 173  ARG A CA  1 
ATOM   1340 C  C   . ARG A 1 173 ? -1.469  15.034  -0.138  1.00 28.38  ? 173  ARG A C   1 
ATOM   1341 O  O   . ARG A 1 173 ? -0.723  14.850  -1.102  1.00 26.57  ? 173  ARG A O   1 
ATOM   1342 C  CB  . ARG A 1 173 ? -1.729  17.545  -0.231  1.00 30.42  ? 173  ARG A CB  1 
ATOM   1343 C  CG  . ARG A 1 173 ? -2.964  17.398  -1.060  1.00 33.94  ? 173  ARG A CG  1 
ATOM   1344 C  CD  . ARG A 1 173 ? -2.714  17.971  -2.437  1.00 37.65  ? 173  ARG A CD  1 
ATOM   1345 N  NE  . ARG A 1 173 ? -2.803  19.420  -2.427  1.00 40.28  ? 173  ARG A NE  1 
ATOM   1346 C  CZ  . ARG A 1 173 ? -2.489  20.202  -3.455  1.00 41.74  ? 173  ARG A CZ  1 
ATOM   1347 N  NH1 . ARG A 1 173 ? -2.050  19.681  -4.594  1.00 40.40  ? 173  ARG A NH1 1 
ATOM   1348 N  NH2 . ARG A 1 173 ? -2.638  21.516  -3.345  1.00 43.06  ? 173  ARG A NH2 1 
HETATM 1349 N  N   . MSE A 1 174 ? -2.345  14.115  0.272   1.00 29.82  ? 174  MSE A N   1 
HETATM 1350 C  CA  . MSE A 1 174 ? -2.487  12.852  -0.454  1.00 32.54  ? 174  MSE A CA  1 
HETATM 1351 C  C   . MSE A 1 174 ? -3.875  12.621  -1.044  1.00 32.09  ? 174  MSE A C   1 
HETATM 1352 O  O   . MSE A 1 174 ? -4.895  12.960  -0.443  1.00 31.90  ? 174  MSE A O   1 
HETATM 1353 C  CB  . MSE A 1 174 ? -2.083  11.631  0.403   1.00 35.20  ? 174  MSE A CB  1 
HETATM 1354 C  CG  . MSE A 1 174 ? -2.065  11.812  1.906   1.00 39.57  ? 174  MSE A CG  1 
HETATM 1355 SE SE  . MSE A 1 174 ? -0.409  12.643  2.556   1.00 46.03  ? 174  MSE A SE  1 
HETATM 1356 C  CE  . MSE A 1 174 ? -1.170  13.620  4.041   1.00 39.84  ? 174  MSE A CE  1 
ATOM   1357 N  N   . THR A 1 175 ? -3.885  12.025  -2.232  1.00 30.57  ? 175  THR A N   1 
ATOM   1358 C  CA  . THR A 1 175 ? -5.108  11.743  -2.968  1.00 30.20  ? 175  THR A CA  1 
ATOM   1359 C  C   . THR A 1 175 ? -5.313  10.232  -3.076  1.00 30.76  ? 175  THR A C   1 
ATOM   1360 O  O   . THR A 1 175 ? -4.369  9.501   -3.355  1.00 31.09  ? 175  THR A O   1 
ATOM   1361 C  CB  . THR A 1 175 ? -5.013  12.350  -4.391  1.00 30.40  ? 175  THR A CB  1 
ATOM   1362 O  OG1 . THR A 1 175 ? -4.744  13.755  -4.291  1.00 30.26  ? 175  THR A OG1 1 
ATOM   1363 C  CG2 . THR A 1 175 ? -6.301  12.129  -5.165  1.00 29.68  ? 175  THR A CG2 1 
ATOM   1364 N  N   . ASP A 1 176 ? -6.530  9.747   -2.849  1.00 30.95  ? 176  ASP A N   1 
ATOM   1365 C  CA  . ASP A 1 176 ? -6.753  8.315   -2.955  1.00 31.41  ? 176  ASP A CA  1 
ATOM   1366 C  C   . ASP A 1 176 ? -7.173  7.924   -4.364  1.00 32.01  ? 176  ASP A C   1 
ATOM   1367 O  O   . ASP A 1 176 ? -7.164  8.751   -5.277  1.00 32.13  ? 176  ASP A O   1 
ATOM   1368 C  CB  . ASP A 1 176 ? -7.790  7.833   -1.929  1.00 31.98  ? 176  ASP A CB  1 
ATOM   1369 C  CG  . ASP A 1 176 ? -9.186  8.303   -2.239  1.00 34.23  ? 176  ASP A CG  1 
ATOM   1370 O  OD1 . ASP A 1 176 ? -9.404  8.895   -3.322  1.00 37.23  ? 176  ASP A OD1 1 
ATOM   1371 O  OD2 . ASP A 1 176 ? -10.082 8.069   -1.403  1.00 34.24  ? 176  ASP A OD2 1 
ATOM   1372 N  N   . ILE A 1 177 ? -7.548  6.657   -4.524  1.00 33.28  ? 177  ILE A N   1 
ATOM   1373 C  CA  . ILE A 1 177 ? -7.953  6.101   -5.812  1.00 33.16  ? 177  ILE A CA  1 
ATOM   1374 C  C   . ILE A 1 177 ? -9.275  6.672   -6.337  1.00 33.58  ? 177  ILE A C   1 
ATOM   1375 O  O   . ILE A 1 177 ? -9.577  6.563   -7.526  1.00 32.81  ? 177  ILE A O   1 
ATOM   1376 C  CB  . ILE A 1 177 ? -8.028  4.552   -5.715  1.00 32.41  ? 177  ILE A CB  1 
ATOM   1377 C  CG1 . ILE A 1 177 ? -7.968  3.929   -7.105  1.00 31.25  ? 177  ILE A CG1 1 
ATOM   1378 C  CG2 . ILE A 1 177 ? -9.298  4.135   -4.982  1.00 33.48  ? 177  ILE A CG2 1 
ATOM   1379 C  CD1 . ILE A 1 177 ? -7.475  2.491   -7.091  1.00 30.27  ? 177  ILE A CD1 1 
ATOM   1380 N  N   . ARG A 1 178 ? -10.058 7.287   -5.457  1.00 33.96  ? 178  ARG A N   1 
ATOM   1381 C  CA  . ARG A 1 178 ? -11.324 7.866   -5.879  1.00 34.87  ? 178  ARG A CA  1 
ATOM   1382 C  C   . ARG A 1 178 ? -11.253 9.392   -6.006  1.00 34.77  ? 178  ARG A C   1 
ATOM   1383 O  O   . ARG A 1 178 ? -12.277 10.063  -6.139  1.00 35.81  ? 178  ARG A O   1 
ATOM   1384 C  CB  . ARG A 1 178 ? -12.450 7.453   -4.920  1.00 34.64  ? 178  ARG A CB  1 
ATOM   1385 C  CG  . ARG A 1 178 ? -12.131 7.643   -3.459  1.00 36.52  ? 178  ARG A CG  1 
ATOM   1386 C  CD  . ARG A 1 178 ? -12.516 6.406   -2.699  1.00 35.29  ? 178  ARG A CD  1 
ATOM   1387 N  NE  . ARG A 1 178 ? -13.553 6.644   -1.705  1.00 35.23  ? 178  ARG A NE  1 
ATOM   1388 C  CZ  . ARG A 1 178 ? -13.385 7.335   -0.580  1.00 36.02  ? 178  ARG A CZ  1 
ATOM   1389 N  NH1 . ARG A 1 178 ? -12.212 7.879   -0.289  1.00 35.84  ? 178  ARG A NH1 1 
ATOM   1390 N  NH2 . ARG A 1 178 ? -14.392 7.455   0.278   1.00 37.47  ? 178  ARG A NH2 1 
ATOM   1391 N  N   . GLY A 1 179 ? -10.038 9.932   -5.967  1.00 33.72  ? 179  GLY A N   1 
ATOM   1392 C  CA  . GLY A 1 179 ? -9.851  11.365  -6.106  1.00 32.18  ? 179  GLY A CA  1 
ATOM   1393 C  C   . GLY A 1 179 ? -9.995  12.201  -4.850  1.00 32.46  ? 179  GLY A C   1 
ATOM   1394 O  O   . GLY A 1 179 ? -9.889  13.427  -4.905  1.00 31.53  ? 179  GLY A O   1 
ATOM   1395 N  N   . LYS A 1 180 ? -10.240 11.548  -3.720  1.00 32.74  ? 180  LYS A N   1 
ATOM   1396 C  CA  . LYS A 1 180 ? -10.395 12.248  -2.452  1.00 33.63  ? 180  LYS A CA  1 
ATOM   1397 C  C   . LYS A 1 180 ? -9.034  12.746  -1.972  1.00 33.78  ? 180  LYS A C   1 
ATOM   1398 O  O   . LYS A 1 180 ? -8.070  11.986  -1.927  1.00 34.64  ? 180  LYS A O   1 
ATOM   1399 C  CB  . LYS A 1 180 ? -11.018 11.306  -1.418  1.00 34.71  ? 180  LYS A CB  1 
ATOM   1400 C  CG  . LYS A 1 180 ? -12.444 10.890  -1.768  1.00 37.48  ? 180  LYS A CG  1 
ATOM   1401 C  CD  . LYS A 1 180 ? -13.365 12.096  -1.711  1.00 38.99  ? 180  LYS A CD  1 
ATOM   1402 C  CE  . LYS A 1 180 ? -14.668 11.882  -2.458  1.00 40.58  ? 180  LYS A CE  1 
ATOM   1403 N  NZ  . LYS A 1 180 ? -15.403 10.708  -1.946  1.00 41.82  ? 180  LYS A NZ  1 
ATOM   1404 N  N   . VAL A 1 181 ? -8.959  14.026  -1.620  1.00 33.18  ? 181  VAL A N   1 
ATOM   1405 C  CA  . VAL A 1 181 ? -7.709  14.618  -1.160  1.00 32.41  ? 181  VAL A CA  1 
ATOM   1406 C  C   . VAL A 1 181 ? -7.751  14.919  0.331   1.00 33.34  ? 181  VAL A C   1 
ATOM   1407 O  O   . VAL A 1 181 ? -8.810  15.210  0.882   1.00 34.80  ? 181  VAL A O   1 
ATOM   1408 C  CB  . VAL A 1 181 ? -7.400  15.923  -1.938  1.00 31.40  ? 181  VAL A CB  1 
ATOM   1409 C  CG1 . VAL A 1 181 ? -6.140  16.579  -1.399  1.00 29.43  ? 181  VAL A CG1 1 
ATOM   1410 C  CG2 . VAL A 1 181 ? -7.239  15.613  -3.425  1.00 29.66  ? 181  VAL A CG2 1 
ATOM   1411 N  N   . VAL A 1 182 ? -6.597  14.837  0.987   1.00 34.05  ? 182  VAL A N   1 
ATOM   1412 C  CA  . VAL A 1 182 ? -6.505  15.108  2.419   1.00 34.51  ? 182  VAL A CA  1 
ATOM   1413 C  C   . VAL A 1 182 ? -5.154  15.756  2.710   1.00 34.45  ? 182  VAL A C   1 
ATOM   1414 O  O   . VAL A 1 182 ? -4.149  15.382  2.111   1.00 35.80  ? 182  VAL A O   1 
ATOM   1415 C  CB  . VAL A 1 182 ? -6.640  13.799  3.226   1.00 34.60  ? 182  VAL A CB  1 
ATOM   1416 C  CG1 . VAL A 1 182 ? -6.428  14.069  4.691   1.00 36.09  ? 182  VAL A CG1 1 
ATOM   1417 C  CG2 . VAL A 1 182 ? -8.014  13.209  3.012   1.00 35.55  ? 182  VAL A CG2 1 
ATOM   1418 N  N   . LYS A 1 183 ? -5.123  16.730  3.613   1.00 34.39  ? 183  LYS A N   1 
ATOM   1419 C  CA  . LYS A 1 183 ? -3.866  17.402  3.933   1.00 35.03  ? 183  LYS A CA  1 
ATOM   1420 C  C   . LYS A 1 183 ? -3.404  17.086  5.343   1.00 34.51  ? 183  LYS A C   1 
ATOM   1421 O  O   . LYS A 1 183 ? -4.209  16.766  6.215   1.00 35.91  ? 183  LYS A O   1 
ATOM   1422 C  CB  . LYS A 1 183 ? -4.001  18.924  3.789   1.00 36.72  ? 183  LYS A CB  1 
ATOM   1423 C  CG  . LYS A 1 183 ? -4.195  19.426  2.373   1.00 40.18  ? 183  LYS A CG  1 
ATOM   1424 C  CD  . LYS A 1 183 ? -4.217  20.959  2.311   1.00 42.39  ? 183  LYS A CD  1 
ATOM   1425 C  CE  . LYS A 1 183 ? -4.459  21.428  0.869   1.00 46.35  ? 183  LYS A CE  1 
ATOM   1426 N  NZ  . LYS A 1 183 ? -4.343  22.901  0.667   1.00 46.95  ? 183  LYS A NZ  1 
ATOM   1427 N  N   . ASP A 1 184 ? -2.102  17.174  5.570   1.00 32.99  ? 184  ASP A N   1 
ATOM   1428 C  CA  . ASP A 1 184 ? -1.555  16.903  6.888   1.00 33.09  ? 184  ASP A CA  1 
ATOM   1429 C  C   . ASP A 1 184 ? -0.190  17.579  6.985   1.00 33.79  ? 184  ASP A C   1 
ATOM   1430 O  O   . ASP A 1 184 ? 0.279   18.201  6.027   1.00 32.66  ? 184  ASP A O   1 
ATOM   1431 C  CB  . ASP A 1 184 ? -1.427  15.386  7.107   1.00 32.19  ? 184  ASP A CB  1 
ATOM   1432 C  CG  . ASP A 1 184 ? -1.294  15.005  8.579   1.00 32.72  ? 184  ASP A CG  1 
ATOM   1433 O  OD1 . ASP A 1 184 ? -1.361  15.894  9.452   1.00 34.05  ? 184  ASP A OD1 1 
ATOM   1434 O  OD2 . ASP A 1 184 ? -1.130  13.802  8.868   1.00 31.65  ? 184  ASP A OD2 1 
ATOM   1435 N  N   . THR A 1 185 ? 0.438   17.465  8.150   1.00 34.42  ? 185  THR A N   1 
ATOM   1436 C  CA  . THR A 1 185 ? 1.750   18.063  8.376   1.00 35.48  ? 185  THR A CA  1 
ATOM   1437 C  C   . THR A 1 185 ? 2.589   17.160  9.264   1.00 35.42  ? 185  THR A C   1 
ATOM   1438 O  O   . THR A 1 185 ? 2.178   16.797  10.374  1.00 36.72  ? 185  THR A O   1 
ATOM   1439 C  CB  . THR A 1 185 ? 1.644   19.435  9.072   1.00 36.03  ? 185  THR A CB  1 
ATOM   1440 O  OG1 . THR A 1 185 ? 0.720   20.276  8.362   1.00 37.71  ? 185  THR A OG1 1 
ATOM   1441 C  CG2 . THR A 1 185 ? 3.009   20.102  9.106   1.00 34.24  ? 185  THR A CG2 1 
ATOM   1442 N  N   . ILE A 1 186 ? 3.770   16.801  8.773   1.00 33.74  ? 186  ILE A N   1 
ATOM   1443 C  CA  . ILE A 1 186 ? 4.669   15.938  9.525   1.00 32.40  ? 186  ILE A CA  1 
ATOM   1444 C  C   . ILE A 1 186 ? 5.932   16.717  9.935   1.00 30.77  ? 186  ILE A C   1 
ATOM   1445 O  O   . ILE A 1 186 ? 6.313   17.681  9.267   1.00 30.04  ? 186  ILE A O   1 
ATOM   1446 C  CB  . ILE A 1 186 ? 5.016   14.680  8.691   1.00 31.69  ? 186  ILE A CB  1 
ATOM   1447 C  CG1 . ILE A 1 186 ? 5.752   15.056  7.425   1.00 32.46  ? 186  ILE A CG1 1 
ATOM   1448 C  CG2 . ILE A 1 186 ? 3.739   13.986  8.243   1.00 30.99  ? 186  ILE A CG2 1 
ATOM   1449 C  CD1 . ILE A 1 186 ? 6.078   13.853  6.573   1.00 34.11  ? 186  ILE A CD1 1 
ATOM   1450 N  N   . PRO A 1 187 ? 6.584   16.328  11.050  1.00 28.83  ? 187  PRO A N   1 
ATOM   1451 C  CA  . PRO A 1 187 ? 7.790   17.040  11.495  1.00 29.04  ? 187  PRO A CA  1 
ATOM   1452 C  C   . PRO A 1 187 ? 8.872   17.148  10.425  1.00 29.86  ? 187  PRO A C   1 
ATOM   1453 O  O   . PRO A 1 187 ? 8.871   16.400  9.451   1.00 30.13  ? 187  PRO A O   1 
ATOM   1454 C  CB  . PRO A 1 187 ? 8.232   16.246  12.729  1.00 27.75  ? 187  PRO A CB  1 
ATOM   1455 C  CG  . PRO A 1 187 ? 7.698   14.877  12.472  1.00 26.78  ? 187  PRO A CG  1 
ATOM   1456 C  CD  . PRO A 1 187 ? 6.338   15.141  11.887  1.00 27.30  ? 187  PRO A CD  1 
ATOM   1457 N  N   . LYS A 1 188 ? 9.797   18.083  10.611  1.00 29.55  ? 188  LYS A N   1 
ATOM   1458 C  CA  . LYS A 1 188 ? 10.855  18.280  9.640   1.00 29.39  ? 188  LYS A CA  1 
ATOM   1459 C  C   . LYS A 1 188 ? 11.715  17.048  9.436   1.00 29.07  ? 188  LYS A C   1 
ATOM   1460 O  O   . LYS A 1 188 ? 11.830  16.198  10.320  1.00 30.94  ? 188  LYS A O   1 
ATOM   1461 C  CB  . LYS A 1 188 ? 11.750  19.439  10.053  1.00 30.87  ? 188  LYS A CB  1 
ATOM   1462 C  CG  . LYS A 1 188 ? 12.754  19.118  11.126  1.00 32.59  ? 188  LYS A CG  1 
ATOM   1463 C  CD  . LYS A 1 188 ? 13.696  20.297  11.254  1.00 35.62  ? 188  LYS A CD  1 
ATOM   1464 C  CE  . LYS A 1 188 ? 14.773  19.997  12.246  1.00 35.20  ? 188  LYS A CE  1 
ATOM   1465 N  NZ  . LYS A 1 188 ? 15.373  18.713  11.862  1.00 35.46  ? 188  LYS A NZ  1 
ATOM   1466 N  N   . LEU A 1 189 ? 12.316  16.966  8.253   1.00 27.67  ? 189  LEU A N   1 
ATOM   1467 C  CA  . LEU A 1 189 ? 13.195  15.865  7.887   1.00 26.30  ? 189  LEU A CA  1 
ATOM   1468 C  C   . LEU A 1 189 ? 14.608  16.213  8.342   1.00 26.98  ? 189  LEU A C   1 
ATOM   1469 O  O   . LEU A 1 189 ? 14.995  17.382  8.353   1.00 28.13  ? 189  LEU A O   1 
ATOM   1470 C  CB  . LEU A 1 189 ? 13.172  15.664  6.374   1.00 23.58  ? 189  LEU A CB  1 
ATOM   1471 C  CG  . LEU A 1 189 ? 11.873  15.144  5.761   1.00 24.48  ? 189  LEU A CG  1 
ATOM   1472 C  CD1 . LEU A 1 189 ? 11.880  15.426  4.271   1.00 24.00  ? 189  LEU A CD1 1 
ATOM   1473 C  CD2 . LEU A 1 189 ? 11.720  13.650  6.029   1.00 22.39  ? 189  LEU A CD2 1 
ATOM   1474 N  N   . PRO A 1 190 ? 15.407  15.204  8.723   1.00 27.11  ? 190  PRO A N   1 
ATOM   1475 C  CA  . PRO A 1 190 ? 16.770  15.510  9.168   1.00 25.77  ? 190  PRO A CA  1 
ATOM   1476 C  C   . PRO A 1 190 ? 17.658  16.178  8.117   1.00 25.50  ? 190  PRO A C   1 
ATOM   1477 O  O   . PRO A 1 190 ? 17.346  16.193  6.923   1.00 24.81  ? 190  PRO A O   1 
ATOM   1478 C  CB  . PRO A 1 190 ? 17.294  14.153  9.631   1.00 24.92  ? 190  PRO A CB  1 
ATOM   1479 C  CG  . PRO A 1 190 ? 16.489  13.177  8.833   1.00 26.07  ? 190  PRO A CG  1 
ATOM   1480 C  CD  . PRO A 1 190 ? 15.118  13.765  8.845   1.00 25.59  ? 190  PRO A CD  1 
ATOM   1481 N  N   . GLU A 1 191 ? 18.766  16.745  8.580   1.00 26.33  ? 191  GLU A N   1 
ATOM   1482 C  CA  . GLU A 1 191 ? 19.699  17.440  7.703   1.00 27.95  ? 191  GLU A CA  1 
ATOM   1483 C  C   . GLU A 1 191 ? 20.716  16.524  7.058   1.00 29.40  ? 191  GLU A C   1 
ATOM   1484 O  O   . GLU A 1 191 ? 21.658  16.981  6.393   1.00 31.68  ? 191  GLU A O   1 
ATOM   1485 C  CB  . GLU A 1 191 ? 20.448  18.516  8.468   1.00 28.90  ? 191  GLU A CB  1 
ATOM   1486 C  CG  . GLU A 1 191 ? 20.376  19.861  7.800   1.00 34.11  ? 191  GLU A CG  1 
ATOM   1487 C  CD  . GLU A 1 191 ? 19.076  20.549  8.099   1.00 33.87  ? 191  GLU A CD  1 
ATOM   1488 O  OE1 . GLU A 1 191 ? 18.588  20.396  9.233   1.00 36.38  ? 191  GLU A OE1 1 
ATOM   1489 O  OE2 . GLU A 1 191 ? 18.554  21.249  7.222   1.00 37.27  ? 191  GLU A OE2 1 
ATOM   1490 N  N   . SER A 1 192 ? 20.523  15.229  7.265   1.00 29.07  ? 192  SER A N   1 
ATOM   1491 C  CA  . SER A 1 192 ? 21.413  14.215  6.723   1.00 28.44  ? 192  SER A CA  1 
ATOM   1492 C  C   . SER A 1 192 ? 20.650  12.895  6.758   1.00 28.57  ? 192  SER A C   1 
ATOM   1493 O  O   . SER A 1 192 ? 19.916  12.633  7.709   1.00 28.05  ? 192  SER A O   1 
ATOM   1494 C  CB  . SER A 1 192 ? 22.678  14.131  7.580   1.00 27.17  ? 192  SER A CB  1 
ATOM   1495 O  OG  . SER A 1 192 ? 23.749  13.530  6.867   1.00 29.87  ? 192  SER A OG  1 
ATOM   1496 N  N   . GLY A 1 193 ? 20.813  12.082  5.715   1.00 28.34  ? 193  GLY A N   1 
ATOM   1497 C  CA  . GLY A 1 193 ? 20.121  10.807  5.652   1.00 29.10  ? 193  GLY A CA  1 
ATOM   1498 C  C   . GLY A 1 193 ? 20.195  10.030  6.955   1.00 29.83  ? 193  GLY A C   1 
ATOM   1499 O  O   . GLY A 1 193 ? 21.284  9.839   7.502   1.00 29.11  ? 193  GLY A O   1 
ATOM   1500 N  N   . THR A 1 194 ? 19.042  9.586   7.454   1.00 30.83  ? 194  THR A N   1 
ATOM   1501 C  CA  . THR A 1 194 ? 18.988  8.824   8.699   1.00 33.87  ? 194  THR A CA  1 
ATOM   1502 C  C   . THR A 1 194 ? 19.546  7.416   8.531   1.00 35.39  ? 194  THR A C   1 
ATOM   1503 O  O   . THR A 1 194 ? 19.539  6.857   7.433   1.00 35.89  ? 194  THR A O   1 
ATOM   1504 C  CB  . THR A 1 194 ? 17.554  8.693   9.228   1.00 33.75  ? 194  THR A CB  1 
ATOM   1505 O  OG1 . THR A 1 194 ? 16.679  8.366   8.142   1.00 36.42  ? 194  THR A OG1 1 
ATOM   1506 C  CG2 . THR A 1 194 ? 17.106  9.974   9.880   1.00 34.81  ? 194  THR A CG2 1 
ATOM   1507 N  N   . SER A 1 195 ? 20.026  6.848   9.634   1.00 36.83  ? 195  SER A N   1 
ATOM   1508 C  CA  . SER A 1 195 ? 20.595  5.502   9.645   1.00 37.12  ? 195  SER A CA  1 
ATOM   1509 C  C   . SER A 1 195 ? 19.499  4.447   9.614   1.00 36.83  ? 195  SER A C   1 
ATOM   1510 O  O   . SER A 1 195 ? 19.635  3.411   8.963   1.00 35.96  ? 195  SER A O   1 
ATOM   1511 C  CB  . SER A 1 195 ? 21.427  5.302   10.913  1.00 37.90  ? 195  SER A CB  1 
ATOM   1512 O  OG  . SER A 1 195 ? 22.102  6.493   11.267  1.00 40.91  ? 195  SER A OG  1 
ATOM   1513 N  N   . LYS A 1 196 ? 18.413  4.721   10.330  1.00 37.93  ? 196  LYS A N   1 
ATOM   1514 C  CA  . LYS A 1 196 ? 17.291  3.794   10.424  1.00 39.03  ? 196  LYS A CA  1 
ATOM   1515 C  C   . LYS A 1 196 ? 15.972  4.496   10.106  1.00 36.58  ? 196  LYS A C   1 
ATOM   1516 O  O   . LYS A 1 196 ? 15.810  5.689   10.367  1.00 37.01  ? 196  LYS A O   1 
ATOM   1517 C  CB  . LYS A 1 196 ? 17.238  3.186   11.841  1.00 41.98  ? 196  LYS A CB  1 
ATOM   1518 C  CG  . LYS A 1 196 ? 18.574  2.586   12.312  1.00 48.04  ? 196  LYS A CG  1 
ATOM   1519 C  CD  . LYS A 1 196 ? 18.554  2.092   13.764  1.00 53.54  ? 196  LYS A CD  1 
ATOM   1520 C  CE  . LYS A 1 196 ? 17.737  0.800   13.962  1.00 57.32  ? 196  LYS A CE  1 
ATOM   1521 N  NZ  . LYS A 1 196 ? 16.251  0.964   13.830  1.00 59.64  ? 196  LYS A NZ  1 
ATOM   1522 N  N   . ALA A 1 197 ? 15.046  3.745   9.520   1.00 34.12  ? 197  ALA A N   1 
ATOM   1523 C  CA  . ALA A 1 197 ? 13.729  4.260   9.177   1.00 32.19  ? 197  ALA A CA  1 
ATOM   1524 C  C   . ALA A 1 197 ? 12.966  4.460   10.476  1.00 31.72  ? 197  ALA A C   1 
ATOM   1525 O  O   . ALA A 1 197 ? 13.301  3.853   11.491  1.00 32.11  ? 197  ALA A O   1 
ATOM   1526 C  CB  . ALA A 1 197 ? 12.992  3.261   8.290   1.00 30.04  ? 197  ALA A CB  1 
ATOM   1527 N  N   . TYR A 1 198 ? 11.944  5.310   10.446  1.00 31.72  ? 198  TYR A N   1 
ATOM   1528 C  CA  . TYR A 1 198 ? 11.130  5.575   11.629  1.00 30.01  ? 198  TYR A CA  1 
ATOM   1529 C  C   . TYR A 1 198 ? 9.716   5.936   11.231  1.00 29.18  ? 198  TYR A C   1 
ATOM   1530 O  O   . TYR A 1 198 ? 9.446   6.271   10.079  1.00 28.18  ? 198  TYR A O   1 
ATOM   1531 C  CB  . TYR A 1 198 ? 11.741  6.709   12.471  1.00 30.71  ? 198  TYR A CB  1 
ATOM   1532 C  CG  . TYR A 1 198 ? 11.878  8.050   11.773  1.00 30.60  ? 198  TYR A CG  1 
ATOM   1533 C  CD1 . TYR A 1 198 ? 10.907  9.042   11.919  1.00 31.71  ? 198  TYR A CD1 1 
ATOM   1534 C  CD2 . TYR A 1 198 ? 12.986  8.327   10.974  1.00 31.02  ? 198  TYR A CD2 1 
ATOM   1535 C  CE1 . TYR A 1 198 ? 11.035  10.279  11.286  1.00 31.40  ? 198  TYR A CE1 1 
ATOM   1536 C  CE2 . TYR A 1 198 ? 13.129  9.560   10.333  1.00 31.87  ? 198  TYR A CE2 1 
ATOM   1537 C  CZ  . TYR A 1 198 ? 12.147  10.533  10.494  1.00 32.79  ? 198  TYR A CZ  1 
ATOM   1538 O  OH  . TYR A 1 198 ? 12.272  11.753  9.856   1.00 30.38  ? 198  TYR A OH  1 
ATOM   1539 N  N   . THR A 1 199 ? 8.807   5.857   12.191  1.00 29.52  ? 199  THR A N   1 
ATOM   1540 C  CA  . THR A 1 199 ? 7.427   6.184   11.915  1.00 31.57  ? 199  THR A CA  1 
ATOM   1541 C  C   . THR A 1 199 ? 7.040   7.472   12.607  1.00 32.66  ? 199  THR A C   1 
ATOM   1542 O  O   . THR A 1 199 ? 7.628   7.862   13.618  1.00 32.70  ? 199  THR A O   1 
ATOM   1543 C  CB  . THR A 1 199 ? 6.462   5.076   12.367  1.00 32.58  ? 199  THR A CB  1 
ATOM   1544 O  OG1 . THR A 1 199 ? 6.549   4.905   13.790  1.00 34.49  ? 199  THR A OG1 1 
ATOM   1545 C  CG2 . THR A 1 199 ? 6.796   3.774   11.664  1.00 32.49  ? 199  THR A CG2 1 
ATOM   1546 N  N   . VAL A 1 200 ? 6.031   8.119   12.043  1.00 33.89  ? 200  VAL A N   1 
ATOM   1547 C  CA  . VAL A 1 200 ? 5.514   9.376   12.544  1.00 34.30  ? 200  VAL A CA  1 
ATOM   1548 C  C   . VAL A 1 200 ? 3.999   9.285   12.463  1.00 35.21  ? 200  VAL A C   1 
ATOM   1549 O  O   . VAL A 1 200 ? 3.450   8.874   11.443  1.00 34.64  ? 200  VAL A O   1 
ATOM   1550 C  CB  . VAL A 1 200 ? 6.004   10.549  11.657  1.00 33.87  ? 200  VAL A CB  1 
ATOM   1551 C  CG1 . VAL A 1 200 ? 5.199   11.793  11.946  1.00 35.73  ? 200  VAL A CG1 1 
ATOM   1552 C  CG2 . VAL A 1 200 ? 7.479   10.808  11.900  1.00 32.76  ? 200  VAL A CG2 1 
ATOM   1553 N  N   . PRO A 1 201 ? 3.304   9.646   13.548  1.00 37.20  ? 201  PRO A N   1 
ATOM   1554 C  CA  . PRO A 1 201 ? 1.837   9.604   13.582  1.00 37.58  ? 201  PRO A CA  1 
ATOM   1555 C  C   . PRO A 1 201 ? 1.162   10.533  12.570  1.00 37.24  ? 201  PRO A C   1 
ATOM   1556 O  O   . PRO A 1 201 ? 1.663   11.614  12.263  1.00 37.80  ? 201  PRO A O   1 
ATOM   1557 C  CB  . PRO A 1 201 ? 1.516   10.001  15.026  1.00 37.51  ? 201  PRO A CB  1 
ATOM   1558 C  CG  . PRO A 1 201 ? 2.683   10.867  15.409  1.00 37.28  ? 201  PRO A CG  1 
ATOM   1559 C  CD  . PRO A 1 201 ? 3.837   10.072  14.854  1.00 37.72  ? 201  PRO A CD  1 
ATOM   1560 N  N   . GLY A 1 202 ? 0.021   10.091  12.057  1.00 37.34  ? 202  GLY A N   1 
ATOM   1561 C  CA  . GLY A 1 202 ? -0.728  10.885  11.106  1.00 37.29  ? 202  GLY A CA  1 
ATOM   1562 C  C   . GLY A 1 202 ? -1.943  11.472  11.803  1.00 36.38  ? 202  GLY A C   1 
ATOM   1563 O  O   . GLY A 1 202 ? -2.414  10.930  12.806  1.00 36.00  ? 202  GLY A O   1 
ATOM   1564 N  N   . HIS A 1 203 ? -2.463  12.569  11.272  1.00 36.47  ? 203  HIS A N   1 
ATOM   1565 C  CA  . HIS A 1 203 ? -3.608  13.223  11.888  1.00 37.96  ? 203  HIS A CA  1 
ATOM   1566 C  C   . HIS A 1 203 ? -4.827  13.281  10.980  1.00 36.33  ? 203  HIS A C   1 
ATOM   1567 O  O   . HIS A 1 203 ? -5.826  13.913  11.312  1.00 36.33  ? 203  HIS A O   1 
ATOM   1568 C  CB  . HIS A 1 203 ? -3.208  14.636  12.322  1.00 39.79  ? 203  HIS A CB  1 
ATOM   1569 C  CG  . HIS A 1 203 ? -1.938  14.681  13.114  1.00 43.12  ? 203  HIS A CG  1 
ATOM   1570 N  ND1 . HIS A 1 203 ? -1.816  14.095  14.359  1.00 42.76  ? 203  HIS A ND1 1 
ATOM   1571 C  CD2 . HIS A 1 203 ? -0.727  15.218  12.831  1.00 45.10  ? 203  HIS A CD2 1 
ATOM   1572 C  CE1 . HIS A 1 203 ? -0.585  14.271  14.807  1.00 44.62  ? 203  HIS A CE1 1 
ATOM   1573 N  NE2 . HIS A 1 203 ? 0.096   14.951  13.898  1.00 47.71  ? 203  HIS A NE2 1 
ATOM   1574 N  N   . VAL A 1 204 ? -4.752  12.617  9.835   1.00 34.89  ? 204  VAL A N   1 
ATOM   1575 C  CA  . VAL A 1 204 ? -5.877  12.623  8.917   1.00 34.41  ? 204  VAL A CA  1 
ATOM   1576 C  C   . VAL A 1 204 ? -6.181  11.239  8.371   1.00 34.23  ? 204  VAL A C   1 
ATOM   1577 O  O   . VAL A 1 204 ? -5.472  10.274  8.645   1.00 33.75  ? 204  VAL A O   1 
ATOM   1578 C  CB  . VAL A 1 204 ? -5.625  13.579  7.739   1.00 34.11  ? 204  VAL A CB  1 
ATOM   1579 C  CG1 . VAL A 1 204 ? -5.525  14.995  8.250   1.00 34.37  ? 204  VAL A CG1 1 
ATOM   1580 C  CG2 . VAL A 1 204 ? -4.349  13.189  7.009   1.00 32.84  ? 204  VAL A CG2 1 
ATOM   1581 N  N   . GLN A 1 205 ? -7.248  11.147  7.594   1.00 33.95  ? 205  GLN A N   1 
ATOM   1582 C  CA  . GLN A 1 205 ? -7.639  9.879   7.008   1.00 34.03  ? 205  GLN A CA  1 
ATOM   1583 C  C   . GLN A 1 205 ? -8.571  10.157  5.842   1.00 34.55  ? 205  GLN A C   1 
ATOM   1584 O  O   . GLN A 1 205 ? -9.241  11.185  5.814   1.00 35.88  ? 205  GLN A O   1 
ATOM   1585 C  CB  . GLN A 1 205 ? -8.353  9.022   8.049   1.00 32.05  ? 205  GLN A CB  1 
ATOM   1586 C  CG  . GLN A 1 205 ? -8.915  7.743   7.482   1.00 29.83  ? 205  GLN A CG  1 
ATOM   1587 C  CD  . GLN A 1 205 ? -7.827  6.772   7.067   1.00 29.80  ? 205  GLN A CD  1 
ATOM   1588 O  OE1 . GLN A 1 205 ? -7.160  6.173   7.917   1.00 27.85  ? 205  GLN A OE1 1 
ATOM   1589 N  NE2 . GLN A 1 205 ? -7.635  6.614   5.760   1.00 27.84  ? 205  GLN A NE2 1 
ATOM   1590 N  N   . PHE A 1 206 ? -8.611  9.251   4.874   1.00 35.79  ? 206  PHE A N   1 
ATOM   1591 C  CA  . PHE A 1 206 ? -9.498  9.430   3.735   1.00 36.95  ? 206  PHE A CA  1 
ATOM   1592 C  C   . PHE A 1 206 ? -10.946 9.246   4.192   1.00 39.58  ? 206  PHE A C   1 
ATOM   1593 O  O   . PHE A 1 206 ? -11.226 8.446   5.088   1.00 40.24  ? 206  PHE A O   1 
ATOM   1594 C  CB  . PHE A 1 206 ? -9.168  8.412   2.643   1.00 33.83  ? 206  PHE A CB  1 
ATOM   1595 C  CG  . PHE A 1 206 ? -7.867  8.668   1.942   1.00 32.84  ? 206  PHE A CG  1 
ATOM   1596 C  CD1 . PHE A 1 206 ? -6.951  7.639   1.757   1.00 31.12  ? 206  PHE A CD1 1 
ATOM   1597 C  CD2 . PHE A 1 206 ? -7.567  9.927   1.433   1.00 33.36  ? 206  PHE A CD2 1 
ATOM   1598 C  CE1 . PHE A 1 206 ? -5.758  7.856   1.078   1.00 30.25  ? 206  PHE A CE1 1 
ATOM   1599 C  CE2 . PHE A 1 206 ? -6.374  10.156  0.750   1.00 33.74  ? 206  PHE A CE2 1 
ATOM   1600 C  CZ  . PHE A 1 206 ? -5.468  9.115   0.571   1.00 32.16  ? 206  PHE A CZ  1 
ATOM   1601 N  N   . PRO A 1 207 ? -11.885 9.993   3.589   1.00 42.42  ? 207  PRO A N   1 
ATOM   1602 C  CA  . PRO A 1 207 ? -13.296 9.872   3.970   1.00 44.38  ? 207  PRO A CA  1 
ATOM   1603 C  C   . PRO A 1 207 ? -13.852 8.468   3.767   1.00 46.44  ? 207  PRO A C   1 
ATOM   1604 O  O   . PRO A 1 207 ? -13.453 7.758   2.843   1.00 46.44  ? 207  PRO A O   1 
ATOM   1605 C  CB  . PRO A 1 207 ? -13.985 10.902  3.077   1.00 43.96  ? 207  PRO A CB  1 
ATOM   1606 C  CG  . PRO A 1 207 ? -13.087 10.964  1.873   1.00 43.79  ? 207  PRO A CG  1 
ATOM   1607 C  CD  . PRO A 1 207 ? -11.722 10.978  2.506   1.00 43.00  ? 207  PRO A CD  1 
ATOM   1608 N  N   . GLU A 1 208 ? -14.780 8.075   4.635   1.00 48.82  ? 208  GLU A N   1 
ATOM   1609 C  CA  . GLU A 1 208 ? -15.390 6.755   4.553   1.00 51.26  ? 208  GLU A CA  1 
ATOM   1610 C  C   . GLU A 1 208 ? -15.873 6.466   3.141   1.00 50.97  ? 208  GLU A C   1 
ATOM   1611 O  O   . GLU A 1 208 ? -16.081 7.431   2.377   1.00 50.96  ? 208  GLU A O   1 
ATOM   1612 C  CB  . GLU A 1 208 ? -16.555 6.656   5.537   1.00 54.76  ? 208  GLU A CB  1 
ATOM   1613 C  CG  . GLU A 1 208 ? -16.168 6.107   6.900   1.00 60.62  ? 208  GLU A CG  1 
ATOM   1614 C  CD  . GLU A 1 208 ? -15.693 4.663   6.818   1.00 64.15  ? 208  GLU A CD  1 
ATOM   1615 O  OE1 . GLU A 1 208 ? -16.451 3.813   6.297   1.00 66.29  ? 208  GLU A OE1 1 
ATOM   1616 O  OE2 . GLU A 1 208 ? -14.565 4.378   7.276   1.00 66.30  ? 208  GLU A OE2 1 
ATOM   1617 O  OXT . GLU A 1 208 ? -16.036 5.275   2.814   1.00 51.10  ? 208  GLU A OXT 1 
HETATM 1618 O  O   . HOH B 2 .   ? -11.274 -3.754  -7.961  1.00 38.06  ? 2001 HOH A O   1 
HETATM 1619 O  O   . HOH B 2 .   ? -19.452 1.837   -6.556  1.00 45.68  ? 2002 HOH A O   1 
HETATM 1620 O  O   . HOH B 2 .   ? -17.482 -1.166  -10.574 1.00 44.88  ? 2003 HOH A O   1 
HETATM 1621 O  O   . HOH B 2 .   ? -10.333 -9.191  -14.984 1.00 58.73  ? 2004 HOH A O   1 
HETATM 1622 O  O   . HOH B 2 .   ? 1.911   -14.844 2.640   1.00 29.63  ? 2005 HOH A O   1 
HETATM 1623 O  O   . HOH B 2 .   ? 2.296   -16.214 -0.799  1.00 25.00  ? 2006 HOH A O   1 
HETATM 1624 O  O   . HOH B 2 .   ? 7.683   -17.846 4.603   1.00 29.99  ? 2007 HOH A O   1 
HETATM 1625 O  O   . HOH B 2 .   ? 6.814   -14.307 5.945   1.00 31.22  ? 2008 HOH A O   1 
HETATM 1626 O  O   . HOH B 2 .   ? 6.312   -17.238 -2.857  1.00 44.65  ? 2009 HOH A O   1 
HETATM 1627 O  O   . HOH B 2 .   ? 8.628   -11.618 0.594   1.00 26.25  ? 2010 HOH A O   1 
HETATM 1628 O  O   . HOH B 2 .   ? 6.531   -8.764  9.995   1.00 29.38  ? 2011 HOH A O   1 
HETATM 1629 O  O   . HOH B 2 .   ? 11.832  -12.175 5.389   1.00 51.27  ? 2012 HOH A O   1 
HETATM 1630 O  O   . HOH B 2 .   ? 10.153  -9.967  -1.104  1.00 39.33  ? 2013 HOH A O   1 
HETATM 1631 O  O   . HOH B 2 .   ? 9.319   -5.497  4.366   1.00 39.88  ? 2014 HOH A O   1 
HETATM 1632 O  O   . HOH B 2 .   ? 1.321   -2.527  8.096   1.00 30.33  ? 2015 HOH A O   1 
HETATM 1633 O  O   . HOH B 2 .   ? 5.912   -7.878  4.485   1.00 16.52  ? 2016 HOH A O   1 
HETATM 1634 O  O   . HOH B 2 .   ? -0.219  -17.427 12.432  1.00 43.12  ? 2017 HOH A O   1 
HETATM 1635 O  O   . HOH B 2 .   ? -7.334  -13.600 11.051  1.00 39.08  ? 2018 HOH A O   1 
HETATM 1636 O  O   . HOH B 2 .   ? -1.098  -11.246 16.267  1.00 41.72  ? 2019 HOH A O   1 
HETATM 1637 O  O   . HOH B 2 .   ? -8.331  -28.675 7.754   1.00 30.71  ? 2020 HOH A O   1 
HETATM 1638 O  O   . HOH B 2 .   ? 2.166   -11.686 0.215   1.00 43.15  ? 2021 HOH A O   1 
HETATM 1639 O  O   . HOH B 2 .   ? 0.257   -8.789  -13.639 1.00 35.30  ? 2022 HOH A O   1 
HETATM 1640 O  O   . HOH B 2 .   ? -6.994  -7.523  -13.770 1.00 39.09  ? 2023 HOH A O   1 
HETATM 1641 O  O   . HOH B 2 .   ? -2.030  2.313   -2.079  1.00 23.96  ? 2024 HOH A O   1 
HETATM 1642 O  O   . HOH B 2 .   ? -3.196  0.731   4.532   1.00 18.59  ? 2025 HOH A O   1 
HETATM 1643 O  O   . HOH B 2 .   ? -7.578  -1.539  6.844   1.00 96.92  ? 2026 HOH A O   1 
HETATM 1644 O  O   . HOH B 2 .   ? -21.393 -15.227 -7.521  1.00 56.32  ? 2027 HOH A O   1 
HETATM 1645 O  O   . HOH B 2 .   ? -17.713 -25.480 -2.439  1.00 53.08  ? 2028 HOH A O   1 
HETATM 1646 O  O   . HOH B 2 .   ? -11.797 -23.993 5.824   1.00 45.15  ? 2029 HOH A O   1 
HETATM 1647 O  O   . HOH B 2 .   ? -19.310 -20.943 3.337   1.00 70.26  ? 2030 HOH A O   1 
HETATM 1648 O  O   . HOH B 2 .   ? -14.413 -5.122  3.224   1.00 47.71  ? 2031 HOH A O   1 
HETATM 1649 O  O   . HOH B 2 .   ? 5.534   -5.763  3.065   1.00 18.30  ? 2032 HOH A O   1 
HETATM 1650 O  O   . HOH B 2 .   ? 4.386   -12.804 -0.705  1.00 24.10  ? 2033 HOH A O   1 
HETATM 1651 O  O   . HOH B 2 .   ? 8.802   -10.071 -3.421  1.00 38.52  ? 2034 HOH A O   1 
HETATM 1652 O  O   . HOH B 2 .   ? 6.157   -16.183 -8.659  1.00 20.50  ? 2035 HOH A O   1 
HETATM 1653 O  O   . HOH B 2 .   ? 11.756  -10.194 -15.059 1.00 57.75  ? 2036 HOH A O   1 
HETATM 1654 O  O   . HOH B 2 .   ? 7.410   -9.174  -11.562 1.00 35.26  ? 2037 HOH A O   1 
HETATM 1655 O  O   . HOH B 2 .   ? 0.851   -13.724 0.607   1.00 30.61  ? 2038 HOH A O   1 
HETATM 1656 O  O   . HOH B 2 .   ? -7.130  -26.623 6.483   1.00 30.39  ? 2039 HOH A O   1 
HETATM 1657 O  O   . HOH B 2 .   ? -11.243 -24.977 -3.874  1.00 37.22  ? 2040 HOH A O   1 
HETATM 1658 O  O   . HOH B 2 .   ? -8.479  -29.841 1.991   1.00 46.98  ? 2041 HOH A O   1 
HETATM 1659 O  O   . HOH B 2 .   ? -11.649 -33.092 -6.042  1.00 56.66  ? 2042 HOH A O   1 
HETATM 1660 O  O   . HOH B 2 .   ? -5.867  -23.912 -13.332 1.00 36.62  ? 2043 HOH A O   1 
HETATM 1661 O  O   . HOH B 2 .   ? -4.669  -19.218 -15.046 1.00 36.12  ? 2044 HOH A O   1 
HETATM 1662 O  O   . HOH B 2 .   ? -14.725 -21.261 -11.203 1.00 52.92  ? 2045 HOH A O   1 
HETATM 1663 O  O   . HOH B 2 .   ? -18.487 -14.060 -14.572 1.00 61.20  ? 2046 HOH A O   1 
HETATM 1664 O  O   . HOH B 2 .   ? -19.630 -16.774 -11.265 1.00 68.82  ? 2047 HOH A O   1 
HETATM 1665 O  O   . HOH B 2 .   ? -19.385 -12.686 -9.265  1.00 60.52  ? 2048 HOH A O   1 
HETATM 1666 O  O   . HOH B 2 .   ? -15.610 -0.864  -0.307  1.00 33.57  ? 2049 HOH A O   1 
HETATM 1667 O  O   . HOH B 2 .   ? -2.771  4.815   12.868  1.00 54.41  ? 2050 HOH A O   1 
HETATM 1668 O  O   . HOH B 2 .   ? 9.698   1.447   10.823  1.00 24.95  ? 2051 HOH A O   1 
HETATM 1669 O  O   . HOH B 2 .   ? 16.145  3.160   -1.479  1.00 21.16  ? 2052 HOH A O   1 
HETATM 1670 O  O   . HOH B 2 .   ? 12.946  0.113   4.345   1.00 21.61  ? 2053 HOH A O   1 
HETATM 1671 O  O   . HOH B 2 .   ? 19.587  12.233  2.372   1.00 26.76  ? 2054 HOH A O   1 
HETATM 1672 O  O   . HOH B 2 .   ? 15.127  7.888   -6.109  1.00 36.96  ? 2055 HOH A O   1 
HETATM 1673 O  O   . HOH B 2 .   ? 2.994   4.703   0.799   1.00 24.36  ? 2056 HOH A O   1 
HETATM 1674 O  O   . HOH B 2 .   ? -6.299  0.393   1.510   1.00 23.00  ? 2057 HOH A O   1 
HETATM 1675 O  O   . HOH B 2 .   ? 1.778   18.875  -8.124  1.00 43.05  ? 2058 HOH A O   1 
HETATM 1676 O  O   . HOH B 2 .   ? 1.057   24.164  -6.872  1.00 38.22  ? 2059 HOH A O   1 
HETATM 1677 O  O   . HOH B 2 .   ? 5.293   18.686  -9.157  1.00 28.37  ? 2060 HOH A O   1 
HETATM 1678 O  O   . HOH B 2 .   ? 3.519   8.333   -8.627  1.00 30.97  ? 2061 HOH A O   1 
HETATM 1679 O  O   . HOH B 2 .   ? 4.738   6.117   -9.691  1.00 29.02  ? 2062 HOH A O   1 
HETATM 1680 O  O   . HOH B 2 .   ? 7.100   -0.981  -11.774 1.00 34.86  ? 2063 HOH A O   1 
HETATM 1681 O  O   . HOH B 2 .   ? 10.337  2.170   -8.524  1.00 29.24  ? 2064 HOH A O   1 
HETATM 1682 O  O   . HOH B 2 .   ? 7.262   -4.002  -6.001  1.00 32.03  ? 2065 HOH A O   1 
HETATM 1683 O  O   . HOH B 2 .   ? 13.944  5.267   -5.330  1.00 29.93  ? 2066 HOH A O   1 
HETATM 1684 O  O   . HOH B 2 .   ? 9.590   15.325  -7.110  1.00 44.76  ? 2067 HOH A O   1 
HETATM 1685 O  O   . HOH B 2 .   ? 13.049  15.354  -7.657  1.00 22.09  ? 2068 HOH A O   1 
HETATM 1686 O  O   . HOH B 2 .   ? 12.492  20.441  -5.206  1.00 39.60  ? 2069 HOH A O   1 
HETATM 1687 O  O   . HOH B 2 .   ? 16.026  20.861  1.026   1.00 31.05  ? 2070 HOH A O   1 
HETATM 1688 O  O   . HOH B 2 .   ? 9.277   22.489  2.060   1.00 33.91  ? 2071 HOH A O   1 
HETATM 1689 O  O   . HOH B 2 .   ? 8.595   24.397  11.030  1.00 34.44  ? 2072 HOH A O   1 
HETATM 1690 O  O   . HOH B 2 .   ? 5.395   24.013  6.475   1.00 55.82  ? 2073 HOH A O   1 
HETATM 1691 O  O   . HOH B 2 .   ? 10.639  22.374  12.156  1.00 34.91  ? 2074 HOH A O   1 
HETATM 1692 O  O   . HOH B 2 .   ? 4.112   16.554  5.574   1.00 114.38 ? 2075 HOH A O   1 
HETATM 1693 O  O   . HOH B 2 .   ? 5.877   21.970  3.689   1.00 30.91  ? 2076 HOH A O   1 
HETATM 1694 O  O   . HOH B 2 .   ? 1.771   27.741  7.859   1.00 56.49  ? 2077 HOH A O   1 
HETATM 1695 O  O   . HOH B 2 .   ? -1.766  14.478  -3.623  1.00 26.32  ? 2078 HOH A O   1 
HETATM 1696 O  O   . HOH B 2 .   ? -4.963  15.383  -6.360  1.00 38.42  ? 2079 HOH A O   1 
HETATM 1697 O  O   . HOH B 2 .   ? -17.101 9.446   -4.144  1.00 59.46  ? 2080 HOH A O   1 
HETATM 1698 O  O   . HOH B 2 .   ? -11.563 14.742  3.535   1.00 54.46  ? 2081 HOH A O   1 
HETATM 1699 O  O   . HOH B 2 .   ? -2.222  20.357  7.689   1.00 31.77  ? 2082 HOH A O   1 
HETATM 1700 O  O   . HOH B 2 .   ? 22.651  13.578  3.353   1.00 15.03  ? 2083 HOH A O   1 
HETATM 1701 O  O   . HOH B 2 .   ? 21.870  4.119   13.574  1.00 65.11  ? 2084 HOH A O   1 
HETATM 1702 O  O   . HOH B 2 .   ? 16.188  3.224   15.833  1.00 47.32  ? 2085 HOH A O   1 
HETATM 1703 O  O   . HOH B 2 .   ? 15.643  0.750   8.602   1.00 25.55  ? 2086 HOH A O   1 
HETATM 1704 O  O   . HOH B 2 .   ? 10.326  13.495  9.961   1.00 34.13  ? 2087 HOH A O   1 
HETATM 1705 O  O   . HOH B 2 .   ? 4.193   6.275   15.005  1.00 32.76  ? 2088 HOH A O   1 
HETATM 1706 O  O   . HOH B 2 .   ? 2.866   14.641  12.814  1.00 45.43  ? 2089 HOH A O   1 
HETATM 1707 O  O   . HOH B 2 .   ? -9.552  13.332  8.408   1.00 31.96  ? 2090 HOH A O   1 
HETATM 1708 O  O   . HOH B 2 .   ? -14.092 3.337   9.710   1.00 72.21  ? 2091 HOH A O   1 
HETATM 1709 O  O   . HOH B 2 .   ? -16.190 10.419  6.134   1.00 44.61  ? 2092 HOH A O   1 
# 
